data_8FOK
#
_entry.id   8FOK
#
loop_
_entity.id
_entity.type
_entity.pdbx_description
1 polymer 'DNA polymerase'
2 polymer 'DNA primase'
3 polymer 'DNA primase large subunit'
4 polymer 'DNA polymerase alpha subunit B'
5 polymer 'template DNA'
6 polymer 'RNA-DNA chimeric primer'
7 non-polymer 'IRON/SULFUR CLUSTER'
#
loop_
_entity_poly.entity_id
_entity_poly.type
_entity_poly.pdbx_seq_one_letter_code
_entity_poly.pdbx_strand_id
1 'polypeptide(L)'
;MSSKSEKLEKLRKLQAARNGTSIDDYEGDESDGDRIYDEIDEKEYRARKRQELLHDDFVVDDDGVGYVDRGVEEDWREVD
NSSSDEDTGNLASKDSKRKKNIKREKDHQITDMLRTQHSKSTLLAHAKKSQKKSIPIDNFDDILGEFESGEVEKPNILLP
SKLRENLNSSPTSEFKSSIKRVNGNDESSHDAGISKKVKIDPDSSTDKYLEIESSPLKLQSRKLRYANDVQDLLDDVENS
PVVATKRQNVLQDTLLANPPSAQSLADEEDDEDSDEDIILKRRTMRSVTTTRRVNIDSRSNPSTSPFVTAPGTPIGIKGL
TPSKSLQSNTDVATLAVNVKKEDVVDPETDTFQMFWLDYCEVNNTLILFGKVKLKDDNCVSAMVQINGLCRELFFLPREG
KTPTDIHEEIIPLLMDKYGLDNIRAKPQKMKYSFELPDIPSESDYLKVLLPYQTPKSSRDTIPSDLSSDTFYHVFGGNSN
IFESFVIQNRIMGPCWLDIKGADFNSIRNASHCAVEVSVDKPQNITPTTTKTMPNLRCLSLSIQTLMNPKENKQEIVSIT
LSAYRNISLDSPIPENIKPDDLCTLVRPPQSTSFPLGLAALAKQKLPGRVRLFNNEKAMLSCFCAMLKVEDPDVIIGHRL
QNVYLDVLAHRMHDLNIPTFSSIGRRLRRTWPEKFGRGNSNMNHFFISDICSGRLICDIANEMGQSLTPKCQSWDLSEMY
QVTCEKEHKPLDIDYQNPQYQNDVNSMTMALQENITNCMISAEVSYRIQLLTLTKQLTNLAGNAWAQTLGGTRAGRNEYI
LLHEFSRNGFIVPDKEGNRSRAQKQRQNEENADAPVNSKKAKYQGGLVFEPEKGLHKNYVLVMDFNSLYPSIIQEFNICF
TTVDRNKEDIDELPSVPPSEVDQGVLPRLLANLVDRRREVKKVMKTETDPHKRVQCDIRQQALKLTANSMYGCLGYVNSR
FYAKPLAMLVTNKGREILMNTRQLAESMNLLVVYGDTDSVMIDTGCDNYADAIKIGLGFKRLVNERYRLLEIDIDNVFKK
LLLHAKKKYAALTVNLDKNGNGTTVLEVKGLDMKRREFCPLSRDVSIHVLNTILSDKDPEEALQEVYDYLEDIRIKVETN
NIRIDKYKINMKLSKDPKAYPGGKNMPAVQVALRMRKAGRVVKAGSVITFVITKQDEIDNAADTPALSVAERAHALNEVM
IKSNNLIPDPQYYLEKQIFAPVERLLERIDSFNVVRLSEALGLDSKKYFRREGGNNNGEDINNLQPLETTITDVERFKDT
VTLELSCPSCDKRFPFGGIVSSNYYRVSYNGLQCKHCEQLFTPLQLTSQIEHSIRAHISLYYAGWLQCDDSTCGIVTRQV
SVFGKRCLNDGCTGVMRYKYSDKQLYNQLLYFDSLFDCEKNKKQELKPIYLPDDLDYPKEQLTESSIKALTEQNRELMET
GRSVVQKYLNDCGRRYVDMTSIFDFMLN
;
1
2 'polypeptide(L)'
;MTNSVKTNGPSSSDMEYYYKSLYPFKHIFNWLNHSPKPSRDMINREFAMAFRSGAYKRYNSFNSVQDFKAQIEKANPDRF
EIGAIYNKPPRERDTLLKSELKALEKELVFDIDMDDYDAFRTCCSGAQVCSKCWKFISLAMKITNTALREDFGYKDFIWV
FSGRRGAHCWVSDKRARALTDVQRRNVLDYVNVIRDRNTDKRLALKRPYHPHLARSLEQLKPFFVSIMLEEQNPWEDDQH
AIQTLLPALYDKQLIDSLKKYWLDNPRRSSKEKWNDIDQIATSLFKGPKQDSHIIKLRECKEDLVLMTLYPKLDVEVTKQ
TIHLLKAPFCIHPATGNVCVPIDESFAPEKAPKLIDLQTEMEKNNDVSLTALQPFINQFQAYVSSLLKNELGSVKRERED
DDEPASLDF
;
A
3 'polypeptide(L)'
;MFRQSKRRIASRKNFSSYDDIVKSELDVGNTNAANQIILSSSSSEEEKKLYARLYESKLSFYDLPPQGEITLEQFEIWAI
DRLKILLEIESCLSRNKSIKEIETIIKPQFQKLLPFNTESLEDRKKDYYSHFILRLCFCRSKELREKFVRAETFLFKIRF
NMLTSTDQTKFVQSLDLPLLQFISNEEKAELSHQLYQTVSASLQFQLNLNEEHQRKQYFQQEKFIKLPFENVIELVGNRL
VFLKDGYAYLPQFQQLNLLSNEFASKLNQELIKTYQYLPRLNEDDRLLPILNHLSSGYTIADFNQQKANQFSENVDDEIN
AQSVWSEEISSNYPLCIKNLMEGLKKNHHLRYYGRQQLSLFLKGIGLSADEALKFWSEAFTRNGNMTMEKFNKEYRYSFR
HNYGLEGNRINYKPWDCHTILSKPRPGRGDYHGCPFRDWSHERLSAELRSMKLTQAQIISVLDSCQKGEYTIACTKVFEM
THNSASADLEIGEQTHIAHPNLYFERSRQLQKKQQKLEKEKLFNNGNH
;
B
4 'polypeptide(L)'
;MSGSIDVITHFGPDADKPEIITALENLTKLHALSVEDLYIKWEQFSNQRRQTHTDLTSKNIDEFKQFLQLQMEKRANQIS
SSSKVNTSTKKPVIKKSLNSSPLFGLSIPKTPTLKKRKLHGPFSLSDSKQTYNVGSEAETNEKGNSSLKLEFTPGMAEDA
VGDSAPLSHAKSSDAKTPGSSTFQTPTTNTPTTSRQNVPAGEILDSLNPENIEISSGNPNVGLLSTEEPSYNQVKVEPFY
DAKKYKFRTMRQNLQEASDVLDDQIESFTKIIQNHYKLSPNDFADPTIQSQSEIYAVGRIVPDSPTYDKFLNPESLSLET
SRMGGVGRRVRLDLSQVNELSFFLGQIVAFKGKNANGDYFTVNSILPLPYPNSPVSTSQELQEFQANLEGSSLKVIVTCG
PYFANDNFSLELLQEFIDSINNEVKPHVLIMFGPFIDITHPLIASGKLPNFPQFKTQPKTLDELFLKLFTPILKTISPHI
QTVLIPSTKDAISNHAAYPQASLIRKALQLPKRNFKCMANPSSFQINEIYFGCSNVDTFKDLKEVIKGGTTSSRYRLDRV
SEHILQQRRYYPIFPGSIRTRIKPKDVSTKKETNDMESKEEKVYEHISGADLDVSYLGLTEFVGGFSPDIMIIPSELQHF
ARVVQNVVVINPGRFIRATGNRGSYAQITVQCPDLEDGKLTLVEGEEPVYLHNVWKRARVDLIAS
;
C
5 'polydeoxyribonucleotide'
;(DT)(DG)(DT)(DC)(DC)(DC)(DC)(DT)(DC)(DG)(DC)(DT)(DG)(DC)(DC)(DG)(DC)(DC)(DG)(DC)
(DC)
;
T
6 'polyribonucleotide' AGGCGGGCAGCGAA P
#
loop_
_chem_comp.id
_chem_comp.type
_chem_comp.name
_chem_comp.formula
A RNA linking ADENOSINE-5'-MONOPHOSPHATE 'C10 H14 N5 O7 P'
C RNA linking CYTIDINE-5'-MONOPHOSPHATE 'C9 H14 N3 O8 P'
DC DNA linking 2'-DEOXYCYTIDINE-5'-MONOPHOSPHATE 'C9 H14 N3 O7 P'
DG DNA linking 2'-DEOXYGUANOSINE-5'-MONOPHOSPHATE 'C10 H14 N5 O7 P'
DT DNA linking THYMIDINE-5'-MONOPHOSPHATE 'C10 H15 N2 O8 P'
G RNA linking GUANOSINE-5'-MONOPHOSPHATE 'C10 H14 N5 O8 P'
SF4 non-polymer 'IRON/SULFUR CLUSTER' 'Fe4 S4'
#
# COMPACT_ATOMS: atom_id res chain seq x y z
N PHE A 352 -24.93 74.84 1.63
CA PHE A 352 -25.92 73.91 1.10
C PHE A 352 -25.78 72.58 1.83
N GLN A 353 -26.80 72.23 2.61
CA GLN A 353 -26.77 71.04 3.46
C GLN A 353 -27.59 69.94 2.83
N MET A 354 -26.98 68.77 2.65
CA MET A 354 -27.61 67.62 2.01
C MET A 354 -27.29 66.35 2.80
N PHE A 355 -28.28 65.48 2.92
CA PHE A 355 -28.09 64.17 3.58
C PHE A 355 -28.04 63.11 2.47
N TRP A 356 -26.83 62.74 2.09
CA TRP A 356 -26.62 61.83 0.97
C TRP A 356 -27.07 60.41 1.29
N LEU A 357 -27.57 59.71 0.27
CA LEU A 357 -28.02 58.33 0.40
C LEU A 357 -27.25 57.36 -0.48
N ASP A 358 -27.11 57.64 -1.78
CA ASP A 358 -26.46 56.72 -2.70
C ASP A 358 -25.65 57.50 -3.72
N TYR A 359 -24.92 56.77 -4.57
CA TYR A 359 -23.96 57.36 -5.48
C TYR A 359 -24.02 56.66 -6.83
N CYS A 360 -23.40 57.29 -7.83
CA CYS A 360 -23.22 56.69 -9.15
C CYS A 360 -22.05 57.36 -9.83
N GLU A 361 -21.45 56.65 -10.79
CA GLU A 361 -20.29 57.14 -11.52
C GLU A 361 -20.61 57.19 -13.01
N VAL A 362 -20.24 58.30 -13.65
CA VAL A 362 -20.45 58.46 -15.09
C VAL A 362 -19.57 59.60 -15.56
N ASN A 363 -18.94 59.42 -16.73
CA ASN A 363 -18.12 60.44 -17.38
C ASN A 363 -17.02 60.97 -16.46
N ASN A 364 -16.44 60.08 -15.66
CA ASN A 364 -15.39 60.42 -14.70
C ASN A 364 -15.85 61.42 -13.66
N THR A 365 -17.16 61.49 -13.40
CA THR A 365 -17.72 62.33 -12.35
C THR A 365 -18.48 61.47 -11.36
N LEU A 366 -18.57 61.96 -10.13
CA LEU A 366 -19.31 61.29 -9.08
C LEU A 366 -20.52 62.11 -8.70
N ILE A 367 -21.67 61.44 -8.60
CA ILE A 367 -22.95 62.08 -8.31
C ILE A 367 -23.52 61.47 -7.05
N LEU A 368 -23.98 62.32 -6.13
CA LEU A 368 -24.51 61.89 -4.84
C LEU A 368 -25.98 62.22 -4.78
N PHE A 369 -26.78 61.24 -4.37
CA PHE A 369 -28.23 61.41 -4.21
C PHE A 369 -28.59 61.55 -2.75
N GLY A 370 -29.38 62.56 -2.44
CA GLY A 370 -29.74 62.80 -1.05
C GLY A 370 -30.94 63.71 -0.94
N LYS A 371 -31.21 64.11 0.31
CA LYS A 371 -32.35 64.97 0.64
C LYS A 371 -31.85 66.27 1.26
N VAL A 372 -32.55 67.36 0.92
CA VAL A 372 -32.18 68.70 1.35
C VAL A 372 -33.40 69.40 1.93
N LYS A 373 -33.22 70.05 3.08
CA LYS A 373 -34.27 70.89 3.63
C LYS A 373 -34.36 72.18 2.80
N LEU A 374 -35.58 72.56 2.44
CA LEU A 374 -35.80 73.81 1.73
C LEU A 374 -35.80 74.96 2.74
N LYS A 375 -36.21 76.15 2.30
CA LYS A 375 -36.30 77.27 3.23
C LYS A 375 -37.31 76.99 4.34
N ASP A 376 -38.43 76.38 3.99
CA ASP A 376 -39.44 75.90 4.94
C ASP A 376 -39.10 74.53 5.50
N ASP A 377 -37.80 74.18 5.56
CA ASP A 377 -37.15 72.94 6.00
C ASP A 377 -37.80 71.70 5.42
N ASN A 378 -38.58 71.84 4.36
CA ASN A 378 -39.18 70.69 3.70
C ASN A 378 -38.08 69.89 3.01
N CYS A 379 -38.14 68.57 3.18
CA CYS A 379 -37.14 67.67 2.65
C CYS A 379 -37.58 67.21 1.27
N VAL A 380 -36.73 67.46 0.26
CA VAL A 380 -36.98 67.02 -1.09
C VAL A 380 -35.71 66.35 -1.61
N SER A 381 -35.88 65.56 -2.66
CA SER A 381 -34.75 64.84 -3.25
C SER A 381 -33.78 65.82 -3.92
N ALA A 382 -32.52 65.43 -3.99
CA ALA A 382 -31.50 66.29 -4.56
C ALA A 382 -30.46 65.44 -5.28
N MET A 383 -29.77 66.08 -6.22
CA MET A 383 -28.69 65.47 -6.98
C MET A 383 -27.53 66.46 -7.03
N VAL A 384 -26.34 65.99 -6.67
CA VAL A 384 -25.14 66.83 -6.68
C VAL A 384 -24.10 66.16 -7.58
N GLN A 385 -23.74 66.81 -8.67
CA GLN A 385 -22.74 66.33 -9.62
C GLN A 385 -21.41 67.02 -9.30
N ILE A 386 -20.42 66.24 -8.91
CA ILE A 386 -19.20 66.81 -8.37
C ILE A 386 -18.05 66.59 -9.34
N ASN A 387 -17.40 67.69 -9.73
CA ASN A 387 -16.34 67.67 -10.71
C ASN A 387 -15.01 67.93 -10.03
N GLY A 388 -13.92 67.62 -10.73
CA GLY A 388 -12.59 67.90 -10.24
C GLY A 388 -12.06 66.89 -9.24
N LEU A 389 -12.79 65.80 -9.01
CA LEU A 389 -12.26 64.72 -8.20
C LEU A 389 -11.02 64.15 -8.85
N CYS A 390 -10.02 63.83 -8.03
CA CYS A 390 -8.69 63.53 -8.51
C CYS A 390 -8.09 62.37 -7.74
N ARG A 391 -7.20 61.65 -8.42
CA ARG A 391 -6.59 60.44 -7.88
C ARG A 391 -5.41 60.77 -6.99
N GLU A 392 -5.21 59.96 -5.96
CA GLU A 392 -4.15 60.15 -4.97
C GLU A 392 -3.00 59.20 -5.33
N LEU A 393 -2.02 59.72 -6.06
CA LEU A 393 -0.91 58.90 -6.54
C LEU A 393 0.26 58.94 -5.57
N PHE A 394 1.02 57.85 -5.54
CA PHE A 394 2.24 57.76 -4.74
C PHE A 394 3.31 57.08 -5.60
N PHE A 395 4.38 57.80 -5.89
CA PHE A 395 5.52 57.22 -6.61
C PHE A 395 6.59 56.82 -5.60
N LEU A 396 6.95 55.53 -5.61
CA LEU A 396 7.93 55.01 -4.68
C LEU A 396 9.31 55.08 -5.30
N PRO A 397 10.21 55.92 -4.80
CA PRO A 397 11.52 56.06 -5.43
C PRO A 397 12.40 54.83 -5.24
N ARG A 398 13.29 54.62 -6.20
CA ARG A 398 14.33 53.62 -6.04
C ARG A 398 15.33 54.08 -4.98
N GLU A 399 16.13 53.13 -4.50
CA GLU A 399 17.14 53.45 -3.51
C GLU A 399 18.13 54.46 -4.08
N GLY A 400 18.32 55.57 -3.37
CA GLY A 400 19.23 56.61 -3.78
C GLY A 400 18.59 57.80 -4.48
N LYS A 401 17.28 57.75 -4.73
CA LYS A 401 16.60 58.83 -5.41
C LYS A 401 15.53 59.43 -4.51
N THR A 402 15.17 60.68 -4.81
CA THR A 402 14.30 61.51 -3.99
C THR A 402 13.06 61.92 -4.77
N PRO A 403 11.99 62.34 -4.08
CA PRO A 403 10.77 62.75 -4.79
C PRO A 403 10.99 63.92 -5.74
N THR A 404 12.01 64.75 -5.50
CA THR A 404 12.31 65.81 -6.44
C THR A 404 12.74 65.26 -7.79
N ASP A 405 13.52 64.17 -7.79
CA ASP A 405 13.91 63.55 -9.05
C ASP A 405 12.70 62.97 -9.78
N ILE A 406 11.81 62.31 -9.05
CA ILE A 406 10.58 61.78 -9.65
C ILE A 406 9.76 62.93 -10.23
N HIS A 407 9.69 64.05 -9.51
CA HIS A 407 9.03 65.24 -10.01
C HIS A 407 9.62 65.66 -11.35
N GLU A 408 10.90 66.03 -11.34
CA GLU A 408 11.58 66.56 -12.52
C GLU A 408 11.52 65.58 -13.70
N GLU A 409 11.39 64.29 -13.42
CA GLU A 409 11.35 63.31 -14.49
C GLU A 409 9.93 63.12 -15.03
N ILE A 410 8.95 62.94 -14.13
CA ILE A 410 7.64 62.45 -14.54
C ILE A 410 6.61 63.54 -14.79
N ILE A 411 6.57 64.60 -13.98
CA ILE A 411 5.50 65.60 -14.13
C ILE A 411 5.48 66.24 -15.52
N PRO A 412 6.61 66.55 -16.16
CA PRO A 412 6.52 66.97 -17.57
C PRO A 412 5.88 65.90 -18.45
N LEU A 413 6.22 64.63 -18.25
CA LEU A 413 5.58 63.56 -19.02
C LEU A 413 4.09 63.49 -18.74
N LEU A 414 3.70 63.62 -17.46
CA LEU A 414 2.28 63.53 -17.12
C LEU A 414 1.50 64.70 -17.69
N MET A 415 2.06 65.91 -17.65
CA MET A 415 1.36 67.06 -18.20
C MET A 415 1.22 66.94 -19.71
N ASP A 416 2.28 66.47 -20.39
CA ASP A 416 2.16 66.23 -21.83
C ASP A 416 1.14 65.13 -22.12
N LYS A 417 1.09 64.11 -21.25
CA LYS A 417 0.30 62.92 -21.53
C LYS A 417 -1.20 63.17 -21.30
N TYR A 418 -1.55 63.88 -20.23
CA TYR A 418 -2.95 64.17 -19.91
C TYR A 418 -3.41 65.53 -20.36
N GLY A 419 -2.55 66.31 -21.02
CA GLY A 419 -2.93 67.62 -21.51
C GLY A 419 -3.37 68.57 -20.40
N LEU A 420 -2.63 68.57 -19.30
CA LEU A 420 -2.95 69.40 -18.14
C LEU A 420 -2.01 70.59 -18.06
N ASP A 421 -2.58 71.75 -17.72
CA ASP A 421 -1.76 72.94 -17.52
C ASP A 421 -0.79 72.75 -16.36
N ASN A 422 -1.30 72.32 -15.21
CA ASN A 422 -0.47 72.10 -14.04
C ASN A 422 -0.98 70.90 -13.26
N ILE A 423 -0.10 70.29 -12.49
CA ILE A 423 -0.43 69.13 -11.66
C ILE A 423 0.07 69.40 -10.25
N ARG A 424 -0.80 69.22 -9.26
CA ARG A 424 -0.42 69.39 -7.87
C ARG A 424 0.31 68.14 -7.39
N ALA A 425 1.51 68.34 -6.83
CA ALA A 425 2.32 67.22 -6.36
C ALA A 425 3.24 67.72 -5.26
N LYS A 426 3.54 66.84 -4.29
CA LYS A 426 4.41 67.18 -3.18
C LYS A 426 5.00 65.91 -2.61
N PRO A 427 6.28 65.95 -2.22
CA PRO A 427 6.85 64.83 -1.46
C PRO A 427 6.04 64.58 -0.20
N GLN A 428 5.91 63.31 0.16
CA GLN A 428 5.12 62.94 1.33
C GLN A 428 5.65 61.64 1.91
N LYS A 429 5.94 61.64 3.21
CA LYS A 429 6.33 60.43 3.90
C LYS A 429 5.11 59.56 4.15
N MET A 430 5.20 58.28 3.77
CA MET A 430 4.06 57.38 3.84
C MET A 430 4.56 56.01 4.26
N LYS A 431 3.68 55.25 4.92
CA LYS A 431 4.04 53.96 5.49
C LYS A 431 3.30 52.83 4.80
N TYR A 432 4.03 51.79 4.41
CA TYR A 432 3.46 50.61 3.79
C TYR A 432 3.73 49.40 4.67
N SER A 433 2.68 48.65 4.99
CA SER A 433 2.80 47.49 5.86
C SER A 433 1.93 46.35 5.35
N PHE A 434 2.02 46.06 4.05
CA PHE A 434 1.11 45.12 3.41
C PHE A 434 1.91 44.09 2.61
N GLU A 435 1.18 43.29 1.82
CA GLU A 435 1.70 42.04 1.29
C GLU A 435 2.72 42.21 0.16
N LEU A 436 2.86 43.40 -0.39
CA LEU A 436 3.81 43.58 -1.49
C LEU A 436 5.24 43.51 -0.95
N PRO A 437 6.12 42.75 -1.58
CA PRO A 437 7.54 42.77 -1.22
C PRO A 437 8.27 43.88 -1.97
N ASP A 438 9.53 44.08 -1.57
CA ASP A 438 10.41 45.11 -2.13
C ASP A 438 9.89 46.52 -1.89
N ILE A 439 8.90 46.66 -1.02
CA ILE A 439 8.35 47.96 -0.63
C ILE A 439 8.86 48.26 0.78
N PRO A 440 9.66 49.33 0.96
CA PRO A 440 10.20 49.61 2.29
C PRO A 440 9.13 49.96 3.29
N SER A 441 9.42 49.68 4.56
CA SER A 441 8.44 49.91 5.63
C SER A 441 8.02 51.37 5.71
N GLU A 442 8.97 52.29 5.54
CA GLU A 442 8.63 53.71 5.47
C GLU A 442 9.57 54.38 4.48
N SER A 443 8.99 55.08 3.52
CA SER A 443 9.76 55.84 2.55
C SER A 443 9.02 57.14 2.26
N ASP A 444 9.75 58.09 1.68
CA ASP A 444 9.17 59.34 1.22
C ASP A 444 8.72 59.19 -0.22
N TYR A 445 7.43 59.41 -0.45
CA TYR A 445 6.80 59.26 -1.76
C TYR A 445 6.57 60.62 -2.40
N LEU A 446 6.41 60.61 -3.72
CA LEU A 446 6.00 61.79 -4.47
C LEU A 446 4.47 61.72 -4.62
N LYS A 447 3.77 62.50 -3.81
CA LYS A 447 2.32 62.45 -3.72
C LYS A 447 1.72 63.33 -4.82
N VAL A 448 1.38 62.71 -5.95
CA VAL A 448 0.96 63.41 -7.16
C VAL A 448 -0.56 63.31 -7.26
N LEU A 449 -1.20 64.35 -7.82
CA LEU A 449 -2.65 64.50 -7.79
C LEU A 449 -3.15 64.51 -9.23
N LEU A 450 -3.82 63.44 -9.66
CA LEU A 450 -4.27 63.33 -11.04
C LEU A 450 -5.80 63.38 -11.10
N PRO A 451 -6.38 64.35 -11.80
CA PRO A 451 -7.85 64.44 -11.87
C PRO A 451 -8.45 63.26 -12.63
N TYR A 452 -9.65 62.86 -12.20
CA TYR A 452 -10.37 61.80 -12.89
C TYR A 452 -10.73 62.21 -14.31
N GLN A 453 -11.17 63.45 -14.49
CA GLN A 453 -11.48 63.99 -15.81
C GLN A 453 -10.30 64.83 -16.28
N THR A 454 -9.61 64.35 -17.31
CA THR A 454 -8.52 65.08 -17.92
C THR A 454 -8.89 65.44 -19.36
N PRO A 455 -8.32 66.52 -19.91
CA PRO A 455 -8.70 66.92 -21.28
C PRO A 455 -8.51 65.83 -22.32
N LYS A 456 -7.46 65.03 -22.21
CA LYS A 456 -7.21 63.96 -23.16
C LYS A 456 -6.76 62.71 -22.43
N SER A 457 -7.20 61.55 -22.96
CA SER A 457 -6.90 60.24 -22.39
C SER A 457 -7.26 60.18 -20.90
N SER A 458 -8.55 60.32 -20.62
CA SER A 458 -9.00 60.43 -19.23
C SER A 458 -9.12 59.08 -18.54
N ARG A 459 -9.26 58.00 -19.29
CA ARG A 459 -9.57 56.69 -18.73
C ARG A 459 -8.45 55.68 -19.04
N ASP A 460 -7.21 56.09 -18.77
CA ASP A 460 -6.08 55.16 -18.74
C ASP A 460 -5.43 55.30 -17.36
N THR A 461 -5.25 54.16 -16.68
CA THR A 461 -4.69 54.19 -15.30
C THR A 461 -3.18 53.96 -15.34
N ILE A 462 -2.42 54.72 -14.54
CA ILE A 462 -0.94 54.54 -14.49
C ILE A 462 -0.65 53.18 -13.85
N PRO A 463 0.12 52.28 -14.51
CA PRO A 463 0.37 50.95 -13.97
C PRO A 463 1.17 51.01 -12.67
N SER A 464 0.81 50.16 -11.69
CA SER A 464 1.56 50.13 -10.40
C SER A 464 2.98 49.61 -10.65
N ASP A 465 3.13 48.63 -11.54
CA ASP A 465 4.44 48.06 -11.83
C ASP A 465 5.31 48.95 -12.72
N LEU A 466 4.88 50.19 -12.97
CA LEU A 466 5.61 51.07 -13.86
C LEU A 466 6.97 51.41 -13.27
N SER A 467 8.02 51.10 -14.03
CA SER A 467 9.38 51.33 -13.60
C SER A 467 9.98 52.54 -14.31
N SER A 468 11.05 53.07 -13.73
CA SER A 468 11.77 54.19 -14.31
C SER A 468 13.12 54.32 -13.61
N ASP A 469 13.88 55.35 -13.99
CA ASP A 469 15.19 55.56 -13.39
C ASP A 469 15.06 56.14 -11.98
N THR A 470 13.96 56.82 -11.68
CA THR A 470 13.76 57.43 -10.37
C THR A 470 12.87 56.59 -9.45
N PHE A 471 11.78 56.05 -9.97
CA PHE A 471 10.85 55.27 -9.18
C PHE A 471 10.67 53.88 -9.81
N TYR A 472 10.08 52.98 -9.02
CA TYR A 472 9.79 51.64 -9.50
C TYR A 472 8.41 51.14 -9.12
N HIS A 473 7.55 51.97 -8.54
CA HIS A 473 6.20 51.57 -8.19
C HIS A 473 5.32 52.80 -8.10
N VAL A 474 4.03 52.61 -8.36
CA VAL A 474 3.03 53.67 -8.25
C VAL A 474 1.84 53.11 -7.47
N PHE A 475 1.36 53.88 -6.50
CA PHE A 475 0.21 53.48 -5.69
C PHE A 475 -0.97 54.41 -5.94
N GLY A 476 -2.17 53.87 -5.75
CA GLY A 476 -3.39 54.66 -5.89
C GLY A 476 -3.68 55.14 -7.30
N GLY A 477 -3.41 54.30 -8.30
CA GLY A 477 -3.67 54.69 -9.68
C GLY A 477 -4.95 54.19 -10.27
N ASN A 478 -5.56 53.16 -9.68
CA ASN A 478 -6.81 52.60 -10.18
C ASN A 478 -7.95 52.74 -9.17
N SER A 479 -7.80 53.62 -8.20
CA SER A 479 -8.86 53.83 -7.20
C SER A 479 -10.10 54.39 -7.88
N ASN A 480 -11.27 53.96 -7.41
CA ASN A 480 -12.52 54.42 -7.97
C ASN A 480 -12.89 55.79 -7.40
N ILE A 481 -13.78 56.48 -8.12
CA ILE A 481 -14.14 57.85 -7.76
C ILE A 481 -14.79 57.90 -6.38
N PHE A 482 -15.73 56.98 -6.14
CA PHE A 482 -16.44 56.97 -4.85
C PHE A 482 -15.46 56.71 -3.71
N GLU A 483 -14.53 55.77 -3.91
CA GLU A 483 -13.51 55.52 -2.89
C GLU A 483 -12.69 56.77 -2.62
N SER A 484 -12.24 57.44 -3.68
CA SER A 484 -11.40 58.61 -3.51
C SER A 484 -12.13 59.70 -2.73
N PHE A 485 -13.38 59.97 -3.10
CA PHE A 485 -14.12 61.02 -2.41
C PHE A 485 -14.39 60.61 -0.96
N VAL A 486 -14.84 59.37 -0.74
CA VAL A 486 -15.22 58.98 0.61
C VAL A 486 -14.01 58.91 1.53
N ILE A 487 -12.81 58.76 0.98
CA ILE A 487 -11.61 58.71 1.80
C ILE A 487 -11.01 60.09 2.02
N GLN A 488 -10.75 60.84 0.94
CA GLN A 488 -10.07 62.13 1.09
C GLN A 488 -10.91 63.12 1.91
N ASN A 489 -12.21 63.17 1.67
CA ASN A 489 -13.08 64.08 2.41
C ASN A 489 -13.57 63.47 3.72
N ARG A 490 -13.13 62.27 4.05
CA ARG A 490 -13.39 61.64 5.36
C ARG A 490 -14.90 61.44 5.59
N ILE A 491 -15.58 60.98 4.55
CA ILE A 491 -16.99 60.64 4.66
C ILE A 491 -17.13 59.26 5.30
N MET A 492 -18.02 59.15 6.28
CA MET A 492 -18.25 57.92 7.03
C MET A 492 -19.73 57.59 6.98
N GLY A 493 -20.14 56.89 5.92
CA GLY A 493 -21.53 56.49 5.77
C GLY A 493 -22.44 57.67 5.48
N PRO A 494 -23.75 57.42 5.40
CA PRO A 494 -24.69 58.50 5.14
C PRO A 494 -24.74 59.48 6.30
N CYS A 495 -24.42 60.74 6.01
CA CYS A 495 -24.42 61.79 7.04
C CYS A 495 -24.63 63.13 6.35
N TRP A 496 -24.92 64.14 7.16
CA TRP A 496 -25.16 65.47 6.61
C TRP A 496 -23.90 66.02 5.99
N LEU A 497 -24.07 66.87 4.98
CA LEU A 497 -22.99 67.27 4.09
C LEU A 497 -23.11 68.75 3.80
N ASP A 498 -22.06 69.51 4.09
CA ASP A 498 -22.04 70.95 3.84
C ASP A 498 -21.40 71.22 2.49
N ILE A 499 -22.12 71.92 1.62
CA ILE A 499 -21.66 72.22 0.27
C ILE A 499 -21.67 73.73 0.09
N LYS A 500 -20.53 74.28 -0.35
CA LYS A 500 -20.38 75.71 -0.60
C LYS A 500 -20.10 75.96 -2.08
N GLY A 501 -20.54 77.12 -2.56
CA GLY A 501 -20.40 77.44 -3.96
C GLY A 501 -21.18 76.52 -4.87
N ALA A 502 -22.38 76.12 -4.46
CA ALA A 502 -23.20 75.21 -5.26
C ALA A 502 -23.70 75.92 -6.51
N ASP A 503 -23.62 75.24 -7.64
CA ASP A 503 -24.07 75.76 -8.92
C ASP A 503 -25.41 75.12 -9.26
N PHE A 504 -26.42 75.96 -9.52
CA PHE A 504 -27.76 75.46 -9.80
C PHE A 504 -28.03 75.28 -11.29
N SER A 511 -31.99 64.03 -14.29
CA SER A 511 -32.21 63.28 -13.06
C SER A 511 -33.67 63.36 -12.63
N HIS A 512 -34.07 62.47 -11.71
CA HIS A 512 -35.40 62.48 -11.14
C HIS A 512 -35.43 63.08 -9.74
N CYS A 513 -34.50 63.99 -9.45
CA CYS A 513 -34.44 64.65 -8.15
C CYS A 513 -34.91 66.09 -8.28
N ALA A 514 -35.50 66.59 -7.19
CA ALA A 514 -36.05 67.94 -7.20
C ALA A 514 -34.96 68.99 -7.40
N VAL A 515 -33.81 68.82 -6.77
CA VAL A 515 -32.72 69.77 -6.83
C VAL A 515 -31.54 69.14 -7.54
N GLU A 516 -30.96 69.88 -8.49
CA GLU A 516 -29.79 69.43 -9.24
C GLU A 516 -28.68 70.45 -9.00
N VAL A 517 -27.55 69.96 -8.47
CA VAL A 517 -26.46 70.81 -8.01
C VAL A 517 -25.16 70.31 -8.63
N SER A 518 -24.28 71.24 -9.00
CA SER A 518 -22.95 70.92 -9.50
C SER A 518 -21.90 71.71 -8.74
N VAL A 519 -20.81 71.04 -8.38
CA VAL A 519 -19.67 71.67 -7.74
C VAL A 519 -18.40 71.13 -8.38
N ASP A 520 -17.46 72.04 -8.66
CA ASP A 520 -16.25 71.71 -9.41
C ASP A 520 -15.05 71.43 -8.51
N LYS A 521 -15.25 71.52 -7.19
CA LYS A 521 -14.15 71.20 -6.24
C LYS A 521 -14.71 70.27 -5.15
N PRO A 522 -14.18 69.05 -4.99
CA PRO A 522 -14.64 68.12 -3.95
C PRO A 522 -14.40 68.65 -2.53
N GLN A 523 -13.55 69.66 -2.38
CA GLN A 523 -13.21 70.20 -1.05
C GLN A 523 -14.45 70.84 -0.39
N ASN A 524 -15.08 71.81 -1.05
CA ASN A 524 -16.22 72.51 -0.46
C ASN A 524 -17.20 71.56 0.19
N ILE A 525 -17.24 70.31 -0.26
CA ILE A 525 -18.15 69.31 0.27
C ILE A 525 -17.50 68.67 1.49
N THR A 526 -17.99 69.02 2.67
CA THR A 526 -17.44 68.53 3.93
C THR A 526 -18.55 68.00 4.81
N PRO A 527 -18.28 66.95 5.59
CA PRO A 527 -19.33 66.38 6.44
C PRO A 527 -19.57 67.22 7.68
N THR A 528 -20.78 67.14 8.21
CA THR A 528 -21.15 67.88 9.40
C THR A 528 -21.12 66.96 10.62
N THR A 529 -21.42 67.53 11.78
CA THR A 529 -21.53 66.78 13.02
C THR A 529 -22.97 66.41 13.38
N THR A 530 -23.92 66.72 12.51
CA THR A 530 -25.33 66.49 12.83
C THR A 530 -25.65 65.00 12.74
N LYS A 531 -26.10 64.43 13.86
CA LYS A 531 -26.53 63.03 13.90
C LYS A 531 -28.01 62.85 13.61
N THR A 532 -28.77 63.93 13.51
CA THR A 532 -30.18 63.84 13.17
C THR A 532 -30.33 63.73 11.65
N MET A 533 -31.23 62.87 11.20
CA MET A 533 -31.32 62.50 9.80
C MET A 533 -32.77 62.47 9.33
N PRO A 534 -33.01 62.82 8.06
CA PRO A 534 -34.38 63.15 7.62
C PRO A 534 -35.33 61.97 7.65
N ASN A 535 -36.59 62.27 7.33
CA ASN A 535 -37.61 61.25 7.20
C ASN A 535 -37.59 60.66 5.79
N LEU A 536 -37.85 59.37 5.68
CA LEU A 536 -37.64 58.63 4.44
C LEU A 536 -38.96 58.34 3.75
N ARG A 537 -38.94 58.44 2.41
CA ARG A 537 -40.09 58.10 1.57
C ARG A 537 -39.97 56.63 1.18
N CYS A 538 -40.70 55.77 1.86
CA CYS A 538 -40.62 54.32 1.66
C CYS A 538 -41.82 53.84 0.86
N LEU A 539 -41.55 53.02 -0.16
CA LEU A 539 -42.59 52.47 -1.03
C LEU A 539 -42.37 50.97 -1.14
N SER A 540 -43.20 50.19 -0.44
CA SER A 540 -43.11 48.74 -0.48
C SER A 540 -43.66 48.21 -1.80
N LEU A 541 -43.10 47.08 -2.25
CA LEU A 541 -43.44 46.50 -3.53
C LEU A 541 -43.87 45.05 -3.37
N SER A 542 -44.90 44.67 -4.12
CA SER A 542 -45.33 43.28 -4.21
C SER A 542 -45.65 42.98 -5.66
N ILE A 543 -45.19 41.83 -6.15
CA ILE A 543 -45.17 41.52 -7.57
C ILE A 543 -45.72 40.12 -7.78
N GLN A 544 -46.60 39.97 -8.78
CA GLN A 544 -47.16 38.68 -9.17
C GLN A 544 -46.84 38.44 -10.63
N THR A 545 -46.29 37.26 -10.94
CA THR A 545 -45.75 36.98 -12.26
C THR A 545 -46.32 35.69 -12.83
N LEU A 546 -46.29 35.61 -14.16
CA LEU A 546 -46.64 34.40 -14.89
C LEU A 546 -45.64 34.17 -16.01
N MET A 547 -45.33 32.91 -16.24
CA MET A 547 -44.56 32.49 -17.40
C MET A 547 -45.50 32.26 -18.57
N ASN A 548 -45.16 32.85 -19.72
CA ASN A 548 -45.92 32.57 -20.93
C ASN A 548 -45.26 31.42 -21.66
N PRO A 549 -46.00 30.35 -22.00
CA PRO A 549 -45.37 29.21 -22.68
C PRO A 549 -44.78 29.56 -24.05
N LYS A 550 -45.30 30.57 -24.72
CA LYS A 550 -44.84 30.89 -26.07
C LYS A 550 -43.38 31.33 -26.07
N GLU A 551 -43.03 32.29 -25.23
CA GLU A 551 -41.67 32.82 -25.16
C GLU A 551 -40.90 32.32 -23.95
N ASN A 552 -41.55 31.60 -23.04
CA ASN A 552 -40.92 31.06 -21.83
C ASN A 552 -40.25 32.17 -21.01
N LYS A 553 -40.95 33.29 -20.85
CA LYS A 553 -40.50 34.38 -19.99
C LYS A 553 -41.61 34.71 -19.00
N GLN A 554 -41.22 35.28 -17.88
CA GLN A 554 -42.17 35.64 -16.82
C GLN A 554 -42.66 37.06 -17.03
N GLU A 555 -43.96 37.25 -16.90
CA GLU A 555 -44.61 38.52 -17.19
C GLU A 555 -45.33 39.03 -15.95
N ILE A 556 -45.24 40.35 -15.74
CA ILE A 556 -45.85 41.00 -14.60
C ILE A 556 -47.36 41.00 -14.76
N VAL A 557 -48.08 40.70 -13.70
CA VAL A 557 -49.55 40.73 -13.72
C VAL A 557 -50.05 41.90 -12.90
N SER A 558 -49.69 41.94 -11.63
CA SER A 558 -50.16 42.95 -10.71
C SER A 558 -49.00 43.51 -9.90
N ILE A 559 -49.02 44.83 -9.67
CA ILE A 559 -48.02 45.52 -8.89
C ILE A 559 -48.72 46.28 -7.78
N THR A 560 -48.22 46.15 -6.55
CA THR A 560 -48.76 46.85 -5.40
C THR A 560 -47.78 47.91 -4.94
N LEU A 561 -48.29 49.11 -4.70
CA LEU A 561 -47.48 50.25 -4.25
C LEU A 561 -48.01 50.71 -2.91
N SER A 562 -47.29 50.38 -1.83
CA SER A 562 -47.63 50.82 -0.49
C SER A 562 -46.62 51.87 -0.07
N ALA A 563 -47.06 53.12 0.01
CA ALA A 563 -46.18 54.25 0.29
C ALA A 563 -46.21 54.59 1.77
N TYR A 564 -45.02 54.82 2.33
CA TYR A 564 -44.84 55.19 3.73
C TYR A 564 -43.94 56.43 3.72
N ARG A 565 -44.57 57.61 3.60
CA ARG A 565 -43.84 58.83 3.28
C ARG A 565 -42.98 59.36 4.43
N ASN A 566 -43.36 59.14 5.69
CA ASN A 566 -42.63 59.69 6.83
C ASN A 566 -42.16 58.54 7.73
N ILE A 567 -40.91 58.13 7.54
CA ILE A 567 -40.25 57.13 8.37
C ILE A 567 -38.96 57.74 8.89
N SER A 568 -38.86 57.89 10.21
CA SER A 568 -37.69 58.47 10.85
C SER A 568 -36.95 57.40 11.63
N LEU A 569 -35.68 57.18 11.27
CA LEU A 569 -34.88 56.15 11.92
C LEU A 569 -34.25 56.61 13.22
N ASP A 570 -34.43 57.88 13.59
CA ASP A 570 -33.96 58.35 14.89
C ASP A 570 -34.85 57.81 16.00
N SER A 571 -36.13 58.12 15.96
CA SER A 571 -37.10 57.56 16.87
C SER A 571 -37.57 56.18 16.39
N PRO A 572 -38.01 55.32 17.29
CA PRO A 572 -38.43 53.97 16.87
C PRO A 572 -39.66 54.03 15.98
N ILE A 573 -39.72 53.08 15.05
CA ILE A 573 -40.86 52.94 14.14
C ILE A 573 -42.01 52.27 14.88
N PRO A 574 -43.21 52.85 14.86
CA PRO A 574 -44.35 52.20 15.51
C PRO A 574 -44.73 50.90 14.80
N GLU A 575 -45.41 50.04 15.53
CA GLU A 575 -45.81 48.74 14.98
C GLU A 575 -47.06 48.90 14.11
N ASN A 576 -47.08 48.19 12.99
CA ASN A 576 -48.25 48.09 12.11
C ASN A 576 -48.72 49.45 11.62
N ILE A 577 -47.79 50.33 11.25
CA ILE A 577 -48.18 51.66 10.75
C ILE A 577 -48.92 51.51 9.43
N LYS A 578 -49.97 52.31 9.26
CA LYS A 578 -50.75 52.29 8.04
C LYS A 578 -50.06 53.11 6.95
N PRO A 579 -49.98 52.58 5.73
CA PRO A 579 -49.34 53.35 4.65
C PRO A 579 -50.10 54.64 4.36
N ASP A 580 -49.35 55.68 4.00
CA ASP A 580 -49.95 56.95 3.65
C ASP A 580 -50.72 56.89 2.34
N ASP A 581 -50.47 55.88 1.51
CA ASP A 581 -51.16 55.69 0.24
C ASP A 581 -51.03 54.24 -0.18
N LEU A 582 -52.09 53.70 -0.76
CA LEU A 582 -52.11 52.34 -1.27
C LEU A 582 -52.74 52.35 -2.66
N CYS A 583 -51.99 51.88 -3.65
CA CYS A 583 -52.48 51.79 -5.02
C CYS A 583 -52.05 50.46 -5.62
N THR A 584 -52.82 49.98 -6.60
CA THR A 584 -52.56 48.70 -7.24
C THR A 584 -52.71 48.84 -8.74
N LEU A 585 -51.87 48.11 -9.48
CA LEU A 585 -51.89 48.11 -10.94
C LEU A 585 -52.15 46.69 -11.41
N VAL A 586 -53.19 46.52 -12.23
CA VAL A 586 -53.70 45.19 -12.58
C VAL A 586 -53.68 45.04 -14.10
N ARG A 587 -53.30 43.85 -14.57
CA ARG A 587 -53.23 43.54 -15.98
C ARG A 587 -54.10 42.32 -16.29
N PRO A 588 -54.75 42.28 -17.46
CA PRO A 588 -55.46 41.08 -17.86
C PRO A 588 -54.51 39.91 -18.02
N PRO A 589 -54.69 38.84 -17.24
CA PRO A 589 -53.71 37.76 -17.22
C PRO A 589 -53.73 36.89 -18.47
N GLN A 590 -54.93 36.49 -18.91
CA GLN A 590 -55.07 35.59 -20.05
C GLN A 590 -55.75 36.26 -21.23
N SER A 591 -56.95 36.82 -21.02
CA SER A 591 -57.66 37.51 -22.09
C SER A 591 -57.21 38.97 -22.13
N THR A 592 -57.91 39.78 -22.92
CA THR A 592 -57.71 41.22 -22.91
C THR A 592 -58.81 41.97 -22.16
N SER A 593 -59.91 41.30 -21.83
CA SER A 593 -61.04 41.90 -21.15
C SER A 593 -61.23 41.25 -19.78
N PHE A 594 -61.34 42.08 -18.76
CA PHE A 594 -61.58 41.58 -17.41
C PHE A 594 -63.03 41.11 -17.26
N PRO A 595 -63.28 40.20 -16.31
CA PRO A 595 -64.66 39.83 -16.03
C PRO A 595 -65.46 41.02 -15.53
N LEU A 596 -66.72 41.10 -15.96
CA LEU A 596 -67.56 42.24 -15.62
C LEU A 596 -67.80 42.30 -14.12
N GLY A 597 -67.77 43.52 -13.59
CA GLY A 597 -67.94 43.73 -12.17
C GLY A 597 -66.66 43.74 -11.35
N LEU A 598 -65.49 43.76 -12.00
CA LEU A 598 -64.24 43.77 -11.26
C LEU A 598 -64.02 45.09 -10.56
N ALA A 599 -64.33 46.21 -11.22
CA ALA A 599 -64.06 47.52 -10.64
C ALA A 599 -64.93 47.77 -9.42
N ALA A 600 -66.23 47.49 -9.52
CA ALA A 600 -67.13 47.74 -8.40
C ALA A 600 -66.78 46.86 -7.22
N LEU A 601 -66.50 45.58 -7.47
CA LEU A 601 -66.11 44.67 -6.39
C LEU A 601 -64.78 45.10 -5.77
N ALA A 602 -63.86 45.59 -6.59
CA ALA A 602 -62.58 46.07 -6.07
C ALA A 602 -62.77 47.28 -5.17
N LYS A 603 -63.63 48.21 -5.57
CA LYS A 603 -63.89 49.37 -4.72
C LYS A 603 -64.66 48.98 -3.46
N GLN A 604 -65.50 47.94 -3.53
CA GLN A 604 -66.28 47.56 -2.36
C GLN A 604 -65.46 46.74 -1.37
N LYS A 605 -64.48 45.97 -1.84
CA LYS A 605 -63.74 45.04 -0.99
C LYS A 605 -62.25 45.36 -0.88
N LEU A 606 -61.56 45.58 -1.99
CA LEU A 606 -60.11 45.71 -1.97
C LEU A 606 -59.70 47.03 -1.31
N PRO A 607 -58.77 47.00 -0.37
CA PRO A 607 -58.35 48.25 0.29
C PRO A 607 -57.56 49.15 -0.64
N GLY A 608 -57.66 50.45 -0.40
CA GLY A 608 -56.93 51.43 -1.19
C GLY A 608 -57.51 51.58 -2.59
N ARG A 609 -56.76 52.32 -3.41
CA ARG A 609 -57.16 52.52 -4.79
C ARG A 609 -56.77 51.32 -5.64
N VAL A 610 -57.65 50.96 -6.58
CA VAL A 610 -57.37 49.93 -7.57
C VAL A 610 -57.60 50.54 -8.94
N ARG A 611 -56.55 50.65 -9.74
CA ARG A 611 -56.62 51.22 -11.08
C ARG A 611 -56.34 50.13 -12.09
N LEU A 612 -57.17 50.06 -13.12
CA LEU A 612 -57.26 48.90 -14.00
C LEU A 612 -56.81 49.27 -15.41
N PHE A 613 -56.26 48.27 -16.12
CA PHE A 613 -55.59 48.50 -17.39
C PHE A 613 -56.07 47.55 -18.47
N ASN A 614 -55.43 47.65 -19.63
CA ASN A 614 -55.70 46.79 -20.78
C ASN A 614 -54.54 45.85 -21.09
N ASN A 615 -53.30 46.31 -20.91
CA ASN A 615 -52.14 45.55 -21.35
C ASN A 615 -50.96 45.86 -20.42
N GLU A 616 -49.82 45.25 -20.73
CA GLU A 616 -48.63 45.38 -19.90
C GLU A 616 -47.92 46.71 -20.11
N LYS A 617 -47.90 47.21 -21.35
CA LYS A 617 -47.17 48.43 -21.65
C LYS A 617 -47.75 49.63 -20.90
N ALA A 618 -49.07 49.78 -20.94
CA ALA A 618 -49.70 50.88 -20.22
C ALA A 618 -49.51 50.74 -18.72
N MET A 619 -49.58 49.51 -18.21
CA MET A 619 -49.37 49.27 -16.79
C MET A 619 -47.98 49.69 -16.36
N LEU A 620 -46.96 49.31 -17.13
CA LEU A 620 -45.59 49.71 -16.80
C LEU A 620 -45.39 51.20 -16.94
N SER A 621 -46.02 51.83 -17.95
CA SER A 621 -45.90 53.28 -18.09
C SER A 621 -46.52 54.00 -16.88
N CYS A 622 -47.68 53.53 -16.43
CA CYS A 622 -48.31 54.14 -15.26
C CYS A 622 -47.49 53.89 -13.99
N PHE A 623 -46.88 52.70 -13.89
CA PHE A 623 -45.98 52.42 -12.78
C PHE A 623 -44.80 53.39 -12.78
N CYS A 624 -44.22 53.63 -13.95
CA CYS A 624 -43.11 54.58 -14.05
C CYS A 624 -43.56 55.99 -13.68
N ALA A 625 -44.76 56.38 -14.11
CA ALA A 625 -45.27 57.71 -13.77
C ALA A 625 -45.45 57.85 -12.26
N MET A 626 -46.04 56.85 -11.61
CA MET A 626 -46.21 56.90 -10.16
C MET A 626 -44.86 56.91 -9.45
N LEU A 627 -43.90 56.13 -9.93
CA LEU A 627 -42.59 56.09 -9.29
C LEU A 627 -41.89 57.44 -9.42
N LYS A 628 -42.00 58.07 -10.60
CA LYS A 628 -41.38 59.38 -10.79
C LYS A 628 -42.04 60.45 -9.93
N VAL A 629 -43.37 60.44 -9.87
CA VAL A 629 -44.09 61.47 -9.11
C VAL A 629 -43.83 61.30 -7.62
N GLU A 630 -43.95 60.07 -7.12
CA GLU A 630 -43.84 59.83 -5.69
C GLU A 630 -42.42 60.07 -5.19
N ASP A 631 -41.42 59.59 -5.95
CA ASP A 631 -39.98 59.60 -5.64
C ASP A 631 -39.78 58.98 -4.26
N PRO A 632 -39.87 57.66 -4.11
CA PRO A 632 -39.37 57.03 -2.89
C PRO A 632 -37.91 57.33 -2.63
N ASP A 633 -37.55 57.28 -1.34
CA ASP A 633 -36.14 57.21 -0.96
C ASP A 633 -35.70 55.77 -0.77
N VAL A 634 -36.58 54.91 -0.26
CA VAL A 634 -36.27 53.52 0.02
C VAL A 634 -37.32 52.63 -0.65
N ILE A 635 -36.88 51.57 -1.29
CA ILE A 635 -37.76 50.61 -1.95
C ILE A 635 -37.72 49.31 -1.16
N ILE A 636 -38.81 49.01 -0.47
CA ILE A 636 -38.96 47.76 0.25
C ILE A 636 -39.34 46.67 -0.73
N GLY A 637 -39.19 45.42 -0.31
CA GLY A 637 -39.60 44.30 -1.12
C GLY A 637 -39.10 42.99 -0.54
N HIS A 638 -39.62 41.90 -1.11
CA HIS A 638 -39.31 40.55 -0.66
C HIS A 638 -38.85 39.75 -1.87
N ARG A 639 -37.59 39.31 -1.85
CA ARG A 639 -36.92 38.77 -3.04
C ARG A 639 -37.05 39.72 -4.23
N LEU A 640 -36.79 41.01 -3.98
CA LEU A 640 -36.87 41.99 -5.06
C LEU A 640 -35.65 41.91 -5.96
N GLN A 641 -34.45 42.09 -5.38
CA GLN A 641 -33.23 42.20 -6.18
C GLN A 641 -32.96 40.92 -6.97
N ASN A 642 -33.18 39.76 -6.37
CA ASN A 642 -32.86 38.50 -7.03
C ASN A 642 -33.88 38.09 -8.08
N VAL A 643 -35.16 38.42 -7.89
CA VAL A 643 -36.20 37.92 -8.79
C VAL A 643 -37.02 39.07 -9.37
N TYR A 644 -37.63 39.87 -8.49
CA TYR A 644 -38.69 40.77 -8.91
C TYR A 644 -38.13 41.96 -9.68
N LEU A 645 -37.04 42.56 -9.21
CA LEU A 645 -36.42 43.63 -9.98
C LEU A 645 -35.91 43.12 -11.32
N ASP A 646 -35.41 41.89 -11.35
CA ASP A 646 -34.94 41.30 -12.60
C ASP A 646 -36.08 41.20 -13.61
N VAL A 647 -37.20 40.60 -13.21
CA VAL A 647 -38.32 40.44 -14.14
C VAL A 647 -38.91 41.80 -14.50
N LEU A 648 -38.91 42.74 -13.55
CA LEU A 648 -39.43 44.07 -13.83
C LEU A 648 -38.59 44.77 -14.89
N ALA A 649 -37.27 44.73 -14.74
CA ALA A 649 -36.38 45.36 -15.72
C ALA A 649 -36.47 44.66 -17.08
N HIS A 650 -36.57 43.34 -17.08
CA HIS A 650 -36.67 42.63 -18.36
C HIS A 650 -37.97 42.95 -19.08
N ARG A 651 -39.09 42.99 -18.36
CA ARG A 651 -40.35 43.38 -18.97
C ARG A 651 -40.29 44.83 -19.45
N MET A 652 -39.63 45.70 -18.68
CA MET A 652 -39.48 47.08 -19.07
C MET A 652 -38.71 47.20 -20.39
N HIS A 653 -37.61 46.45 -20.51
CA HIS A 653 -36.80 46.51 -21.73
C HIS A 653 -37.53 45.91 -22.92
N ASP A 654 -38.21 44.78 -22.73
CA ASP A 654 -38.88 44.12 -23.84
C ASP A 654 -40.03 44.98 -24.39
N LEU A 655 -40.77 45.63 -23.51
CA LEU A 655 -41.90 46.45 -23.93
C LEU A 655 -41.50 47.87 -24.32
N ASN A 656 -40.21 48.21 -24.20
CA ASN A 656 -39.68 49.49 -24.67
C ASN A 656 -40.38 50.69 -24.03
N ILE A 657 -40.33 50.75 -22.71
CA ILE A 657 -40.85 51.91 -21.98
C ILE A 657 -39.77 52.99 -21.94
N PRO A 658 -40.04 54.21 -22.43
CA PRO A 658 -39.01 55.25 -22.42
C PRO A 658 -38.63 55.75 -21.03
N THR A 659 -39.44 55.49 -20.00
CA THR A 659 -39.18 55.98 -18.66
C THR A 659 -38.80 54.87 -17.69
N PHE A 660 -37.99 53.90 -18.14
CA PHE A 660 -37.52 52.85 -17.25
C PHE A 660 -36.63 53.39 -16.15
N SER A 661 -36.02 54.57 -16.36
CA SER A 661 -35.09 55.14 -15.41
C SER A 661 -35.76 55.63 -14.14
N SER A 662 -37.09 55.66 -14.09
CA SER A 662 -37.79 56.09 -12.88
C SER A 662 -37.51 55.18 -11.69
N ILE A 663 -37.09 53.93 -11.94
CA ILE A 663 -36.81 53.02 -10.82
C ILE A 663 -35.66 53.54 -9.97
N GLY A 664 -34.75 54.32 -10.58
CA GLY A 664 -33.72 55.00 -9.85
C GLY A 664 -34.00 56.48 -9.71
N ARG A 665 -32.93 57.25 -9.49
CA ARG A 665 -33.03 58.70 -9.43
C ARG A 665 -32.26 59.40 -10.55
N ARG A 666 -31.53 58.64 -11.36
CA ARG A 666 -30.83 59.19 -12.51
C ARG A 666 -31.69 59.04 -13.75
N LEU A 667 -31.66 60.04 -14.62
CA LEU A 667 -32.49 60.05 -15.82
C LEU A 667 -31.70 59.47 -16.98
N ARG A 668 -32.11 58.27 -17.43
CA ARG A 668 -31.47 57.59 -18.55
C ARG A 668 -32.44 57.56 -19.73
N ARG A 669 -31.97 58.02 -20.88
CA ARG A 669 -32.72 57.87 -22.12
C ARG A 669 -32.47 56.53 -22.80
N THR A 670 -31.34 55.88 -22.51
CA THR A 670 -30.96 54.65 -23.17
C THR A 670 -30.63 53.58 -22.14
N TRP A 671 -31.04 52.35 -22.44
CA TRP A 671 -30.68 51.15 -21.70
C TRP A 671 -29.22 50.79 -22.05
N PRO A 672 -28.41 50.44 -21.06
CA PRO A 672 -27.06 49.94 -21.37
C PRO A 672 -27.11 48.77 -22.34
N GLU A 673 -26.21 48.81 -23.34
CA GLU A 673 -26.29 47.91 -24.47
C GLU A 673 -25.93 46.47 -24.11
N LYS A 674 -25.19 46.24 -23.03
CA LYS A 674 -24.83 44.88 -22.64
C LYS A 674 -25.96 44.14 -21.95
N PHE A 675 -27.05 44.83 -21.59
CA PHE A 675 -28.20 44.19 -20.99
C PHE A 675 -28.91 43.34 -22.03
N GLY A 676 -29.25 42.10 -21.66
CA GLY A 676 -29.93 41.19 -22.56
C GLY A 676 -29.53 39.74 -22.35
N ASN A 681 -25.04 36.80 -16.77
CA ASN A 681 -25.33 37.01 -15.35
C ASN A 681 -24.84 38.39 -14.89
N MET A 682 -24.68 39.28 -15.86
CA MET A 682 -24.25 40.65 -15.58
C MET A 682 -25.42 41.58 -15.28
N ASN A 683 -26.65 41.07 -15.28
CA ASN A 683 -27.81 41.91 -15.06
C ASN A 683 -27.89 42.44 -13.64
N HIS A 684 -27.19 41.82 -12.69
CA HIS A 684 -27.20 42.30 -11.31
C HIS A 684 -26.65 43.72 -11.23
N PHE A 685 -25.46 43.94 -11.78
CA PHE A 685 -24.86 45.26 -11.78
C PHE A 685 -25.69 46.25 -12.58
N PHE A 686 -26.26 45.80 -13.70
CA PHE A 686 -27.08 46.69 -14.50
C PHE A 686 -28.29 47.18 -13.73
N ILE A 687 -28.97 46.27 -13.02
CA ILE A 687 -30.08 46.67 -12.18
C ILE A 687 -29.62 47.61 -11.08
N SER A 688 -28.50 47.30 -10.43
CA SER A 688 -28.01 48.15 -9.36
C SER A 688 -27.69 49.55 -9.86
N ASP A 689 -27.21 49.66 -11.09
CA ASP A 689 -26.89 50.97 -11.66
C ASP A 689 -28.14 51.74 -12.08
N ILE A 690 -29.12 51.05 -12.68
CA ILE A 690 -30.35 51.74 -13.08
C ILE A 690 -31.10 52.26 -11.85
N CYS A 691 -31.22 51.44 -10.81
CA CYS A 691 -31.92 51.83 -9.60
C CYS A 691 -31.07 52.71 -8.67
N SER A 692 -29.97 53.27 -9.17
CA SER A 692 -29.19 54.20 -8.37
C SER A 692 -30.03 55.39 -7.96
N GLY A 693 -30.03 55.70 -6.66
CA GLY A 693 -30.82 56.77 -6.09
C GLY A 693 -31.83 56.29 -5.07
N ARG A 694 -32.43 55.12 -5.30
CA ARG A 694 -33.42 54.55 -4.41
C ARG A 694 -32.85 53.27 -3.80
N LEU A 695 -32.89 53.18 -2.48
CA LEU A 695 -32.32 52.04 -1.78
C LEU A 695 -33.25 50.84 -1.90
N ILE A 696 -32.66 49.67 -2.19
CA ILE A 696 -33.42 48.43 -2.30
C ILE A 696 -33.33 47.72 -0.95
N CYS A 697 -34.42 47.79 -0.19
CA CYS A 697 -34.48 47.16 1.13
C CYS A 697 -35.09 45.76 1.00
N ASP A 698 -34.33 44.89 0.35
CA ASP A 698 -34.79 43.52 0.09
C ASP A 698 -34.76 42.77 1.41
N ILE A 699 -35.94 42.41 1.92
CA ILE A 699 -36.07 41.70 3.18
C ILE A 699 -35.67 40.23 3.09
N ALA A 700 -35.42 39.71 1.90
CA ALA A 700 -35.03 38.31 1.73
C ALA A 700 -33.61 38.15 1.23
N ASN A 701 -32.84 39.22 1.13
CA ASN A 701 -31.48 39.16 0.62
C ASN A 701 -30.53 38.68 1.72
N GLU A 702 -29.22 38.75 1.45
CA GLU A 702 -28.24 38.22 2.38
C GLU A 702 -28.30 38.94 3.73
N MET A 703 -28.44 40.26 3.71
CA MET A 703 -28.60 41.01 4.96
C MET A 703 -29.89 40.62 5.66
N GLY A 704 -31.00 40.61 4.93
CA GLY A 704 -32.26 40.24 5.53
C GLY A 704 -32.25 38.85 6.12
N GLN A 705 -31.68 37.88 5.39
CA GLN A 705 -31.53 36.54 5.95
C GLN A 705 -30.59 36.55 7.15
N SER A 706 -29.59 37.43 7.15
CA SER A 706 -28.66 37.49 8.27
C SER A 706 -29.33 38.01 9.54
N LEU A 707 -30.34 38.86 9.41
CA LEU A 707 -31.04 39.36 10.58
C LEU A 707 -32.16 38.44 11.06
N THR A 708 -32.51 37.40 10.30
CA THR A 708 -33.50 36.41 10.71
C THR A 708 -32.97 35.00 10.46
N PRO A 709 -32.03 34.54 11.30
CA PRO A 709 -31.49 33.19 11.12
C PRO A 709 -32.45 32.09 11.55
N LYS A 710 -33.58 32.44 12.16
CA LYS A 710 -34.55 31.43 12.61
C LYS A 710 -35.40 30.88 11.48
N CYS A 711 -35.43 31.54 10.33
CA CYS A 711 -36.23 31.07 9.21
C CYS A 711 -35.50 29.98 8.43
N GLN A 712 -36.27 29.07 7.86
CA GLN A 712 -35.73 27.93 7.12
C GLN A 712 -35.76 28.13 5.61
N SER A 713 -36.83 28.75 5.09
CA SER A 713 -36.95 29.01 3.67
C SER A 713 -37.01 30.50 3.34
N TRP A 714 -37.22 31.36 4.34
CA TRP A 714 -37.31 32.81 4.15
C TRP A 714 -38.43 33.20 3.20
N ASP A 715 -39.50 32.40 3.18
CA ASP A 715 -40.71 32.81 2.48
C ASP A 715 -41.43 33.91 3.25
N LEU A 716 -42.30 34.62 2.55
CA LEU A 716 -42.97 35.77 3.16
C LEU A 716 -43.81 35.35 4.36
N SER A 717 -44.58 34.26 4.22
CA SER A 717 -45.43 33.81 5.33
C SER A 717 -44.58 33.33 6.51
N GLU A 718 -43.55 32.55 6.23
CA GLU A 718 -42.70 32.03 7.31
C GLU A 718 -41.99 33.17 8.03
N MET A 719 -41.45 34.13 7.28
CA MET A 719 -40.76 35.25 7.93
C MET A 719 -41.73 36.13 8.69
N TYR A 720 -42.96 36.29 8.18
CA TYR A 720 -43.98 37.00 8.95
C TYR A 720 -44.23 36.31 10.28
N GLN A 721 -44.43 34.99 10.23
CA GLN A 721 -44.66 34.22 11.45
C GLN A 721 -43.49 34.33 12.43
N VAL A 722 -42.27 34.40 11.90
CA VAL A 722 -41.10 34.43 12.77
C VAL A 722 -40.91 35.81 13.37
N THR A 723 -40.76 36.83 12.53
CA THR A 723 -40.44 38.17 13.02
C THR A 723 -41.60 38.83 13.75
N CYS A 724 -42.81 38.78 13.18
CA CYS A 724 -43.94 39.48 13.76
C CYS A 724 -44.89 38.59 14.54
N GLU A 725 -44.63 37.29 14.60
CA GLU A 725 -45.44 36.32 15.36
C GLU A 725 -46.91 36.30 14.92
N LYS A 726 -47.20 36.83 13.73
CA LYS A 726 -48.54 36.85 13.18
C LYS A 726 -48.63 35.84 12.03
N GLU A 727 -49.68 35.03 12.04
CA GLU A 727 -49.84 33.93 11.11
C GLU A 727 -50.65 34.38 9.90
N HIS A 728 -50.11 34.17 8.71
CA HIS A 728 -50.83 34.38 7.46
C HIS A 728 -50.77 33.11 6.64
N LYS A 729 -51.89 32.75 6.02
CA LYS A 729 -51.95 31.55 5.20
C LYS A 729 -51.73 31.92 3.75
N PRO A 730 -50.63 31.50 3.13
CA PRO A 730 -50.37 31.90 1.75
C PRO A 730 -51.36 31.27 0.77
N LEU A 731 -51.62 31.98 -0.31
CA LEU A 731 -52.51 31.53 -1.36
C LEU A 731 -51.74 31.41 -2.67
N ASP A 732 -51.85 30.26 -3.32
CA ASP A 732 -51.16 30.02 -4.57
C ASP A 732 -51.96 30.61 -5.72
N ILE A 733 -51.41 31.65 -6.35
CA ILE A 733 -52.07 32.34 -7.45
C ILE A 733 -51.40 31.91 -8.73
N ASP A 734 -52.14 31.19 -9.57
CA ASP A 734 -51.69 30.73 -10.88
C ASP A 734 -52.69 31.27 -11.89
N TYR A 735 -52.42 32.48 -12.40
CA TYR A 735 -53.37 33.14 -13.29
C TYR A 735 -53.53 32.39 -14.61
N GLN A 736 -52.63 31.44 -14.91
CA GLN A 736 -52.81 30.57 -16.06
C GLN A 736 -54.13 29.83 -15.99
N ASN A 737 -54.59 29.52 -14.79
CA ASN A 737 -55.92 28.95 -14.59
C ASN A 737 -56.97 29.95 -15.09
N PRO A 738 -57.89 29.54 -15.95
CA PRO A 738 -58.95 30.46 -16.38
C PRO A 738 -59.89 30.90 -15.26
N GLN A 739 -59.67 30.42 -14.03
CA GLN A 739 -60.47 30.90 -12.91
C GLN A 739 -60.34 32.39 -12.72
N TYR A 740 -59.22 32.97 -13.13
CA TYR A 740 -58.99 34.41 -13.02
C TYR A 740 -59.33 35.18 -14.29
N GLN A 741 -59.73 34.51 -15.36
CA GLN A 741 -60.23 35.20 -16.54
C GLN A 741 -61.75 35.12 -16.67
N ASN A 742 -62.39 34.10 -16.08
CA ASN A 742 -63.84 34.06 -15.99
C ASN A 742 -64.35 34.65 -14.68
N ASP A 743 -63.92 34.12 -13.55
CA ASP A 743 -64.43 34.57 -12.26
C ASP A 743 -63.85 35.94 -11.89
N VAL A 744 -64.66 36.74 -11.21
CA VAL A 744 -64.20 38.00 -10.66
C VAL A 744 -63.78 37.85 -9.20
N ASN A 745 -64.42 36.94 -8.46
CA ASN A 745 -64.04 36.71 -7.07
C ASN A 745 -62.62 36.19 -6.96
N SER A 746 -62.20 35.33 -7.89
CA SER A 746 -60.82 34.86 -7.89
C SER A 746 -59.84 36.01 -8.12
N MET A 747 -60.16 36.90 -9.05
CA MET A 747 -59.29 38.05 -9.31
C MET A 747 -59.19 38.95 -8.09
N THR A 748 -60.32 39.23 -7.43
CA THR A 748 -60.26 40.12 -6.27
C THR A 748 -59.58 39.44 -5.08
N MET A 749 -59.71 38.11 -4.97
CA MET A 749 -58.99 37.39 -3.92
C MET A 749 -57.49 37.45 -4.15
N ALA A 750 -57.06 37.26 -5.41
CA ALA A 750 -55.65 37.34 -5.72
C ALA A 750 -55.11 38.75 -5.47
N LEU A 751 -55.90 39.77 -5.83
CA LEU A 751 -55.49 41.14 -5.57
C LEU A 751 -55.38 41.42 -4.07
N GLN A 752 -56.33 40.90 -3.30
CA GLN A 752 -56.25 41.01 -1.84
C GLN A 752 -54.99 40.35 -1.31
N GLU A 753 -54.65 39.18 -1.85
CA GLU A 753 -53.42 38.51 -1.42
C GLU A 753 -52.18 39.33 -1.77
N ASN A 754 -52.19 39.99 -2.93
CA ASN A 754 -51.08 40.86 -3.30
C ASN A 754 -50.95 42.03 -2.31
N ILE A 755 -52.07 42.64 -1.96
CA ILE A 755 -52.05 43.73 -0.98
C ILE A 755 -51.49 43.22 0.36
N THR A 756 -51.97 42.05 0.78
CA THR A 756 -51.52 41.48 2.05
C THR A 756 -50.02 41.19 2.02
N ASN A 757 -49.52 40.66 0.90
CA ASN A 757 -48.09 40.39 0.79
C ASN A 757 -47.28 41.67 0.88
N CYS A 758 -47.72 42.73 0.21
CA CYS A 758 -47.00 44.00 0.27
C CYS A 758 -46.97 44.54 1.70
N MET A 759 -48.12 44.52 2.37
CA MET A 759 -48.19 45.01 3.74
C MET A 759 -47.31 44.20 4.67
N ILE A 760 -47.32 42.87 4.50
CA ILE A 760 -46.50 42.00 5.34
C ILE A 760 -45.02 42.28 5.12
N SER A 761 -44.61 42.42 3.87
CA SER A 761 -43.21 42.70 3.57
C SER A 761 -42.77 44.01 4.23
N ALA A 762 -43.58 45.07 4.08
CA ALA A 762 -43.22 46.35 4.67
C ALA A 762 -43.13 46.25 6.19
N GLU A 763 -44.14 45.62 6.81
CA GLU A 763 -44.19 45.57 8.27
C GLU A 763 -43.02 44.77 8.84
N VAL A 764 -42.72 43.61 8.26
CA VAL A 764 -41.58 42.83 8.75
C VAL A 764 -40.27 43.54 8.46
N SER A 765 -40.22 44.34 7.39
CA SER A 765 -39.02 45.14 7.13
C SER A 765 -38.79 46.14 8.25
N TYR A 766 -39.84 46.82 8.69
CA TYR A 766 -39.67 47.72 9.83
C TYR A 766 -39.53 46.97 11.15
N ARG A 767 -39.90 45.70 11.20
CA ARG A 767 -39.85 44.95 12.45
C ARG A 767 -38.41 44.66 12.85
N ILE A 768 -37.55 44.34 11.88
CA ILE A 768 -36.17 43.94 12.14
C ILE A 768 -35.20 45.11 12.05
N GLN A 769 -35.70 46.32 11.79
CA GLN A 769 -34.88 47.51 11.55
C GLN A 769 -33.75 47.22 10.57
N LEU A 770 -34.14 46.67 9.41
CA LEU A 770 -33.16 46.47 8.35
C LEU A 770 -32.49 47.78 7.98
N LEU A 771 -33.29 48.83 7.76
CA LEU A 771 -32.73 50.12 7.38
C LEU A 771 -31.87 50.70 8.50
N THR A 772 -32.35 50.63 9.75
CA THR A 772 -31.61 51.21 10.85
C THR A 772 -30.29 50.49 11.10
N LEU A 773 -30.34 49.15 11.11
CA LEU A 773 -29.11 48.38 11.31
C LEU A 773 -28.12 48.63 10.17
N THR A 774 -28.61 48.66 8.92
CA THR A 774 -27.72 48.91 7.81
C THR A 774 -27.11 50.30 7.88
N LYS A 775 -27.91 51.30 8.27
CA LYS A 775 -27.37 52.66 8.41
C LYS A 775 -26.31 52.73 9.49
N GLN A 776 -26.56 52.09 10.64
CA GLN A 776 -25.58 52.12 11.72
C GLN A 776 -24.29 51.44 11.30
N LEU A 777 -24.39 50.26 10.66
CA LEU A 777 -23.20 49.56 10.22
C LEU A 777 -22.51 50.30 9.08
N THR A 778 -23.26 51.09 8.30
CA THR A 778 -22.65 51.89 7.25
C THR A 778 -21.83 53.03 7.83
N ASN A 779 -22.41 53.76 8.79
CA ASN A 779 -21.65 54.81 9.46
C ASN A 779 -20.47 54.23 10.24
N LEU A 780 -20.59 52.98 10.69
CA LEU A 780 -19.47 52.32 11.34
C LEU A 780 -18.39 51.94 10.34
N ALA A 781 -18.79 51.58 9.13
CA ALA A 781 -17.87 51.07 8.13
C ALA A 781 -17.36 52.13 7.16
N GLY A 782 -18.20 53.09 6.78
CA GLY A 782 -17.80 54.10 5.82
C GLY A 782 -18.06 53.75 4.38
N ASN A 783 -18.77 52.65 4.11
CA ASN A 783 -19.18 52.30 2.76
C ASN A 783 -20.48 53.04 2.42
N ALA A 784 -21.14 52.62 1.36
CA ALA A 784 -22.44 53.17 1.01
C ALA A 784 -23.55 52.33 1.64
N TRP A 785 -24.71 52.97 1.84
CA TRP A 785 -25.83 52.31 2.52
C TRP A 785 -26.35 51.14 1.71
N ALA A 786 -26.50 51.30 0.39
CA ALA A 786 -27.05 50.24 -0.43
C ALA A 786 -26.14 49.02 -0.45
N GLN A 787 -24.83 49.22 -0.49
CA GLN A 787 -23.91 48.10 -0.60
C GLN A 787 -24.01 47.18 0.61
N THR A 788 -24.06 47.75 1.81
CA THR A 788 -24.24 46.91 3.00
C THR A 788 -25.68 46.43 3.14
N LEU A 789 -26.64 47.17 2.59
CA LEU A 789 -28.00 46.66 2.51
C LEU A 789 -28.06 45.38 1.68
N GLY A 790 -27.21 45.27 0.66
CA GLY A 790 -27.20 44.09 -0.19
C GLY A 790 -26.74 42.83 0.52
N GLY A 791 -26.09 42.95 1.66
CA GLY A 791 -25.66 41.82 2.44
C GLY A 791 -24.17 41.51 2.43
N THR A 792 -23.33 42.38 1.86
CA THR A 792 -21.91 42.15 1.84
C THR A 792 -21.33 42.25 3.25
N ARG A 793 -20.19 41.59 3.45
CA ARG A 793 -19.44 41.72 4.69
C ARG A 793 -18.01 42.14 4.41
N ALA A 794 -17.47 41.72 3.25
CA ALA A 794 -16.11 42.10 2.88
C ALA A 794 -16.02 43.57 2.52
N GLY A 795 -17.07 44.15 1.94
CA GLY A 795 -17.03 45.56 1.60
C GLY A 795 -16.94 46.47 2.80
N ARG A 796 -17.74 46.19 3.84
CA ARG A 796 -17.70 47.00 5.04
C ARG A 796 -16.33 46.93 5.72
N ASN A 797 -15.78 45.72 5.84
CA ASN A 797 -14.45 45.57 6.43
C ASN A 797 -13.41 46.27 5.59
N GLU A 798 -13.49 46.12 4.27
CA GLU A 798 -12.55 46.77 3.37
C GLU A 798 -12.57 48.28 3.56
N TYR A 799 -13.77 48.87 3.65
CA TYR A 799 -13.84 50.32 3.74
C TYR A 799 -13.50 50.84 5.13
N ILE A 800 -13.83 50.10 6.20
CA ILE A 800 -13.41 50.56 7.52
C ILE A 800 -11.90 50.52 7.64
N LEU A 801 -11.27 49.46 7.13
CA LEU A 801 -9.81 49.41 7.11
C LEU A 801 -9.24 50.50 6.22
N LEU A 802 -9.90 50.78 5.09
CA LEU A 802 -9.46 51.86 4.20
C LEU A 802 -9.42 53.19 4.93
N HIS A 803 -10.53 53.54 5.60
CA HIS A 803 -10.57 54.80 6.33
C HIS A 803 -9.53 54.84 7.43
N GLU A 804 -9.44 53.77 8.22
CA GLU A 804 -8.54 53.78 9.37
C GLU A 804 -7.08 53.87 8.94
N PHE A 805 -6.70 53.17 7.87
CA PHE A 805 -5.32 53.21 7.43
C PHE A 805 -4.99 54.49 6.70
N SER A 806 -5.94 55.03 5.93
CA SER A 806 -5.70 56.30 5.24
C SER A 806 -5.58 57.46 6.21
N ARG A 807 -6.38 57.45 7.29
CA ARG A 807 -6.31 58.53 8.26
C ARG A 807 -5.02 58.52 9.05
N ASN A 808 -4.25 57.42 9.00
CA ASN A 808 -3.05 57.27 9.80
C ASN A 808 -1.79 57.25 8.95
N GLY A 809 -1.83 57.86 7.77
CA GLY A 809 -0.64 57.94 6.93
C GLY A 809 -0.12 56.61 6.44
N PHE A 810 -1.00 55.75 5.93
CA PHE A 810 -0.62 54.44 5.40
C PHE A 810 -0.95 54.36 3.92
N ILE A 811 -0.13 53.62 3.18
CA ILE A 811 -0.38 53.38 1.76
C ILE A 811 -1.32 52.18 1.64
N VAL A 812 -2.54 52.43 1.19
CA VAL A 812 -3.54 51.37 1.07
C VAL A 812 -3.30 50.59 -0.22
N PRO A 813 -3.41 49.27 -0.19
CA PRO A 813 -3.18 48.49 -1.42
C PRO A 813 -4.26 48.75 -2.45
N ASP A 814 -3.87 48.66 -3.72
CA ASP A 814 -4.82 48.87 -4.79
C ASP A 814 -5.68 47.63 -4.99
N LYS A 815 -6.82 47.83 -5.66
CA LYS A 815 -7.80 46.76 -5.86
C LYS A 815 -7.29 45.75 -6.88
N LYS A 842 -7.51 26.88 2.85
CA LYS A 842 -6.12 27.13 2.52
C LYS A 842 -5.26 27.20 3.77
N TYR A 843 -5.91 27.09 4.93
CA TYR A 843 -5.21 27.05 6.20
C TYR A 843 -6.11 26.38 7.22
N GLN A 844 -5.49 25.83 8.27
CA GLN A 844 -6.26 25.10 9.26
C GLN A 844 -7.04 26.06 10.14
N GLY A 845 -8.23 25.64 10.56
CA GLY A 845 -9.10 26.49 11.35
C GLY A 845 -9.10 26.16 12.82
N GLY A 846 -10.24 26.35 13.49
CA GLY A 846 -10.32 26.11 14.91
C GLY A 846 -10.24 24.64 15.26
N LEU A 847 -9.92 24.38 16.54
CA LEU A 847 -9.73 23.04 17.06
C LEU A 847 -10.99 22.58 17.76
N VAL A 848 -11.51 21.42 17.34
CA VAL A 848 -12.67 20.80 17.95
C VAL A 848 -12.23 19.52 18.63
N PHE A 849 -12.74 19.27 19.82
CA PHE A 849 -12.40 18.08 20.58
C PHE A 849 -13.39 16.95 20.27
N GLU A 850 -12.89 15.73 20.35
CA GLU A 850 -13.77 14.57 20.26
C GLU A 850 -14.64 14.51 21.51
N PRO A 851 -15.97 14.47 21.38
CA PRO A 851 -16.82 14.50 22.56
C PRO A 851 -16.83 13.16 23.29
N GLU A 852 -17.16 13.22 24.58
CA GLU A 852 -17.48 12.03 25.36
C GLU A 852 -18.93 11.66 25.07
N LYS A 853 -19.13 11.06 23.89
CA LYS A 853 -20.47 10.86 23.35
C LYS A 853 -21.30 10.01 24.31
N GLY A 854 -22.48 10.51 24.64
CA GLY A 854 -23.37 9.82 25.54
C GLY A 854 -24.09 10.82 26.43
N LEU A 855 -24.80 10.28 27.42
CA LEU A 855 -25.54 11.08 28.38
C LEU A 855 -24.70 11.33 29.61
N HIS A 856 -24.78 12.55 30.14
CA HIS A 856 -24.06 12.94 31.34
C HIS A 856 -25.09 13.46 32.34
N LYS A 857 -25.41 12.64 33.35
CA LYS A 857 -26.47 12.97 34.29
C LYS A 857 -26.07 14.07 35.27
N ASN A 858 -24.80 14.19 35.59
CA ASN A 858 -24.34 15.19 36.54
C ASN A 858 -24.38 16.58 35.90
N TYR A 859 -24.31 17.60 36.74
CA TYR A 859 -24.33 18.98 36.26
C TYR A 859 -23.04 19.27 35.51
N VAL A 860 -23.17 19.85 34.32
CA VAL A 860 -22.03 20.20 33.49
C VAL A 860 -22.14 21.68 33.13
N LEU A 861 -21.00 22.32 32.97
CA LEU A 861 -20.94 23.76 32.70
C LEU A 861 -20.45 23.99 31.28
N VAL A 862 -20.78 25.16 30.74
CA VAL A 862 -20.28 25.62 29.45
C VAL A 862 -19.36 26.80 29.74
N MET A 863 -18.14 26.75 29.22
CA MET A 863 -17.15 27.76 29.56
C MET A 863 -16.56 28.33 28.28
N ASP A 864 -17.11 29.44 27.80
CA ASP A 864 -16.78 29.95 26.48
C ASP A 864 -15.90 31.19 26.57
N PHE A 865 -15.32 31.58 25.45
CA PHE A 865 -14.53 32.80 25.35
C PHE A 865 -15.37 33.87 24.68
N ASN A 866 -15.49 35.03 25.34
CA ASN A 866 -16.28 36.12 24.76
C ASN A 866 -15.54 36.72 23.57
N SER A 867 -16.00 36.42 22.36
CA SER A 867 -15.41 36.94 21.12
C SER A 867 -13.93 36.59 21.04
N LEU A 868 -13.68 35.28 20.90
CA LEU A 868 -12.33 34.76 20.94
C LEU A 868 -11.41 35.46 19.95
N TYR A 869 -11.81 35.50 18.67
CA TYR A 869 -10.88 36.03 17.66
C TYR A 869 -10.62 37.52 17.81
N PRO A 870 -11.62 38.39 18.00
CA PRO A 870 -11.31 39.81 18.22
C PRO A 870 -10.45 40.05 19.45
N SER A 871 -10.79 39.42 20.57
CA SER A 871 -10.02 39.61 21.78
C SER A 871 -8.63 38.99 21.66
N ILE A 872 -8.47 38.00 20.80
CA ILE A 872 -7.13 37.47 20.49
C ILE A 872 -6.32 38.52 19.77
N ILE A 873 -6.91 39.12 18.72
CA ILE A 873 -6.18 40.11 17.94
C ILE A 873 -5.82 41.31 18.80
N GLN A 874 -6.68 41.71 19.73
CA GLN A 874 -6.32 42.76 20.67
C GLN A 874 -5.27 42.27 21.66
N GLU A 875 -5.34 41.00 22.05
CA GLU A 875 -4.44 40.45 23.06
C GLU A 875 -2.99 40.46 22.57
N PHE A 876 -2.72 39.70 21.51
CA PHE A 876 -1.37 39.55 21.00
C PHE A 876 -0.97 40.64 20.03
N ASN A 877 -1.87 41.59 19.74
CA ASN A 877 -1.59 42.73 18.88
C ASN A 877 -1.21 42.28 17.47
N ILE A 878 -2.06 41.43 16.90
CA ILE A 878 -1.89 40.98 15.52
C ILE A 878 -2.35 42.08 14.59
N CYS A 879 -1.52 42.44 13.63
CA CYS A 879 -1.86 43.51 12.70
C CYS A 879 -1.04 43.36 11.44
N PHE A 880 -1.45 44.09 10.39
CA PHE A 880 -0.64 44.15 9.19
C PHE A 880 0.69 44.87 9.45
N THR A 881 0.73 45.72 10.46
CA THR A 881 1.87 46.59 10.72
C THR A 881 2.82 46.04 11.78
N THR A 882 2.33 45.26 12.73
CA THR A 882 3.12 44.84 13.87
C THR A 882 3.80 43.49 13.68
N VAL A 883 3.19 42.57 12.96
CA VAL A 883 3.72 41.22 12.81
C VAL A 883 4.64 41.19 11.59
N ASP A 884 5.89 40.77 11.80
CA ASP A 884 6.83 40.64 10.70
C ASP A 884 6.62 39.28 10.04
N ARG A 885 6.39 39.29 8.73
CA ARG A 885 5.98 38.11 7.98
C ARG A 885 6.78 38.03 6.68
N ASN A 886 6.93 36.81 6.18
CA ASN A 886 7.63 36.57 4.92
C ASN A 886 6.66 36.76 3.77
N LYS A 887 6.84 37.83 3.01
CA LYS A 887 5.96 38.16 1.90
C LYS A 887 6.27 37.37 0.64
N GLU A 888 7.33 36.56 0.64
CA GLU A 888 7.65 35.69 -0.49
C GLU A 888 6.99 34.31 -0.40
N ASP A 889 6.32 34.01 0.72
CA ASP A 889 5.65 32.72 0.87
C ASP A 889 4.50 32.94 1.86
N ILE A 890 3.28 32.96 1.34
CA ILE A 890 2.11 33.20 2.17
C ILE A 890 1.81 32.06 3.14
N ASP A 891 2.47 30.92 2.99
CA ASP A 891 2.23 29.77 3.85
C ASP A 891 3.16 29.74 5.05
N GLU A 892 4.10 30.68 5.17
CA GLU A 892 4.99 30.73 6.31
C GLU A 892 4.34 31.52 7.44
N LEU A 893 4.41 30.99 8.66
CA LEU A 893 3.66 31.55 9.78
C LEU A 893 4.54 32.48 10.61
N PRO A 894 4.28 33.78 10.65
CA PRO A 894 4.93 34.63 11.58
C PRO A 894 4.75 34.33 13.05
N SER A 895 5.44 35.08 13.90
CA SER A 895 5.30 34.95 15.34
C SER A 895 4.75 36.25 15.89
N VAL A 896 4.15 36.15 17.07
CA VAL A 896 3.50 37.30 17.70
C VAL A 896 4.51 38.42 17.91
N PRO A 897 4.19 39.66 17.52
CA PRO A 897 5.10 40.76 17.83
C PRO A 897 5.21 40.97 19.33
N PRO A 898 6.38 41.36 19.82
CA PRO A 898 6.57 41.45 21.27
C PRO A 898 5.76 42.57 21.89
N SER A 899 5.89 42.71 23.21
CA SER A 899 5.08 43.66 23.96
C SER A 899 5.38 45.11 23.62
N GLU A 900 6.63 45.43 23.28
CA GLU A 900 7.02 46.84 23.16
C GLU A 900 6.41 47.52 21.94
N VAL A 901 6.01 46.75 20.92
CA VAL A 901 5.39 47.37 19.76
C VAL A 901 4.03 47.95 20.16
N ASP A 902 3.74 49.13 19.65
CA ASP A 902 2.51 49.82 20.01
C ASP A 902 1.30 49.13 19.39
N GLN A 903 0.35 49.33 20.39
CA GLN A 903 -0.89 48.77 19.85
C GLN A 903 -1.12 49.29 18.43
N GLY A 904 -1.52 48.38 17.54
CA GLY A 904 -1.65 48.67 16.14
C GLY A 904 -3.04 49.13 15.76
N VAL A 905 -3.20 49.01 14.48
CA VAL A 905 -4.48 49.47 13.95
C VAL A 905 -5.57 48.43 14.20
N LEU A 906 -5.31 47.18 13.83
CA LEU A 906 -6.32 46.13 13.96
C LEU A 906 -6.76 45.93 15.41
N PRO A 907 -5.87 45.79 16.40
CA PRO A 907 -6.35 45.67 17.79
C PRO A 907 -7.14 46.87 18.25
N ARG A 908 -6.77 48.09 17.83
CA ARG A 908 -7.51 49.27 18.25
C ARG A 908 -8.93 49.27 17.70
N LEU A 909 -9.06 49.00 16.39
CA LEU A 909 -10.40 48.95 15.79
C LEU A 909 -11.24 47.84 16.41
N LEU A 910 -10.63 46.68 16.66
CA LEU A 910 -11.38 45.60 17.27
C LEU A 910 -11.79 45.92 18.70
N ALA A 911 -10.93 46.63 19.44
CA ALA A 911 -11.31 47.06 20.79
C ALA A 911 -12.49 48.01 20.74
N ASN A 912 -12.47 48.96 19.81
CA ASN A 912 -13.61 49.88 19.67
C ASN A 912 -14.89 49.12 19.34
N LEU A 913 -14.80 48.14 18.44
CA LEU A 913 -16.00 47.39 18.06
C LEU A 913 -16.52 46.53 19.22
N VAL A 914 -15.59 45.95 20.00
CA VAL A 914 -15.99 45.19 21.18
C VAL A 914 -16.66 46.10 22.19
N ASP A 915 -16.14 47.32 22.35
CA ASP A 915 -16.79 48.29 23.25
C ASP A 915 -18.20 48.62 22.77
N ARG A 916 -18.38 48.80 21.46
CA ARG A 916 -19.72 49.10 20.94
C ARG A 916 -20.68 47.94 21.19
N ARG A 917 -20.22 46.70 20.95
CA ARG A 917 -21.11 45.55 21.17
C ARG A 917 -21.40 45.37 22.66
N ARG A 918 -20.42 45.67 23.52
CA ARG A 918 -20.65 45.61 24.95
C ARG A 918 -21.67 46.64 25.38
N GLU A 919 -21.62 47.84 24.81
CA GLU A 919 -22.62 48.86 25.11
C GLU A 919 -24.01 48.41 24.65
N VAL A 920 -24.08 47.77 23.49
CA VAL A 920 -25.36 47.22 23.03
C VAL A 920 -25.88 46.17 24.02
N LYS A 921 -24.98 45.33 24.52
CA LYS A 921 -25.40 44.32 25.49
C LYS A 921 -25.85 44.94 26.81
N LYS A 922 -25.19 46.01 27.25
CA LYS A 922 -25.66 46.74 28.42
C LYS A 922 -27.03 47.35 28.18
N VAL A 923 -27.31 47.73 26.92
CA VAL A 923 -28.65 48.19 26.57
C VAL A 923 -29.65 47.03 26.68
N MET A 924 -29.25 45.83 26.26
CA MET A 924 -30.11 44.65 26.43
C MET A 924 -30.49 44.47 27.88
N LYS A 925 -29.50 44.50 28.77
CA LYS A 925 -29.71 44.03 30.13
C LYS A 925 -30.76 44.85 30.88
N LYS A 932 -38.19 45.68 21.59
CA LYS A 932 -36.92 46.43 21.67
C LYS A 932 -35.77 45.50 21.98
N ARG A 933 -35.97 44.54 22.89
CA ARG A 933 -34.93 43.59 23.22
C ARG A 933 -34.54 42.74 22.01
N VAL A 934 -35.51 42.27 21.24
CA VAL A 934 -35.20 41.44 20.08
C VAL A 934 -34.51 42.25 19.00
N GLN A 935 -34.96 43.49 18.77
CA GLN A 935 -34.32 44.35 17.79
C GLN A 935 -32.88 44.64 18.18
N CYS A 936 -32.65 44.97 19.46
CA CYS A 936 -31.28 45.16 19.92
C CYS A 936 -30.47 43.88 19.84
N ASP A 937 -31.12 42.72 20.00
CA ASP A 937 -30.41 41.45 19.82
C ASP A 937 -29.94 41.29 18.39
N ILE A 938 -30.78 41.66 17.44
CA ILE A 938 -30.35 41.71 16.05
C ILE A 938 -29.15 42.65 15.91
N ARG A 939 -29.21 43.79 16.59
CA ARG A 939 -28.10 44.75 16.57
C ARG A 939 -26.80 44.12 17.08
N GLN A 940 -26.88 43.43 18.22
CA GLN A 940 -25.66 42.91 18.84
C GLN A 940 -25.11 41.73 18.05
N GLN A 941 -25.99 40.91 17.45
CA GLN A 941 -25.48 39.82 16.63
C GLN A 941 -24.90 40.34 15.33
N ALA A 942 -25.44 41.43 14.79
CA ALA A 942 -24.83 42.07 13.62
C ALA A 942 -23.45 42.63 13.97
N LEU A 943 -23.33 43.24 15.14
CA LEU A 943 -22.02 43.75 15.56
C LEU A 943 -21.02 42.62 15.79
N LYS A 944 -21.49 41.50 16.36
CA LYS A 944 -20.64 40.32 16.49
C LYS A 944 -20.21 39.81 15.12
N LEU A 945 -21.12 39.82 14.16
CA LEU A 945 -20.78 39.38 12.80
C LEU A 945 -19.76 40.31 12.17
N THR A 946 -19.87 41.61 12.44
CA THR A 946 -18.86 42.56 11.95
C THR A 946 -17.50 42.27 12.58
N ALA A 947 -17.47 42.01 13.89
CA ALA A 947 -16.22 41.67 14.55
C ALA A 947 -15.62 40.39 13.99
N ASN A 948 -16.47 39.38 13.75
CA ASN A 948 -15.98 38.13 13.20
C ASN A 948 -15.51 38.29 11.76
N SER A 949 -16.15 39.16 10.99
CA SER A 949 -15.69 39.43 9.63
C SER A 949 -14.35 40.15 9.63
N MET A 950 -14.13 41.01 10.62
CA MET A 950 -12.84 41.68 10.75
C MET A 950 -11.71 40.65 10.81
N TYR A 951 -11.98 39.47 11.36
CA TYR A 951 -11.02 38.38 11.34
C TYR A 951 -11.15 37.56 10.05
N GLY A 952 -12.37 37.37 9.56
CA GLY A 952 -12.58 36.48 8.44
C GLY A 952 -11.90 36.95 7.17
N CYS A 953 -11.99 38.25 6.88
CA CYS A 953 -11.36 38.76 5.67
C CYS A 953 -9.84 38.72 5.72
N LEU A 954 -9.24 38.38 6.86
CA LEU A 954 -7.83 38.02 6.86
C LEU A 954 -7.61 36.72 6.11
N GLY A 955 -8.84 35.92 5.72
CA GLY A 955 -8.77 34.68 4.98
C GLY A 955 -9.57 34.64 3.70
N TYR A 956 -9.98 35.85 3.24
CA TYR A 956 -10.68 35.93 1.97
C TYR A 956 -9.68 36.30 0.88
N VAL A 957 -9.58 35.46 -0.15
CA VAL A 957 -8.55 35.63 -1.16
C VAL A 957 -8.75 36.93 -1.93
N ASN A 958 -9.98 37.23 -2.32
CA ASN A 958 -10.28 38.41 -3.11
C ASN A 958 -10.45 39.66 -2.27
N SER A 959 -10.29 39.55 -0.94
CA SER A 959 -10.33 40.72 -0.08
C SER A 959 -9.14 41.62 -0.36
N ARG A 960 -9.40 42.93 -0.43
CA ARG A 960 -8.33 43.88 -0.69
C ARG A 960 -7.29 43.87 0.43
N PHE A 961 -7.65 43.36 1.60
CA PHE A 961 -6.75 43.23 2.73
C PHE A 961 -6.50 41.76 3.07
N TYR A 962 -6.31 40.94 2.04
CA TYR A 962 -6.01 39.53 2.22
C TYR A 962 -4.66 39.37 2.91
N ALA A 963 -4.65 38.70 4.07
CA ALA A 963 -3.41 38.37 4.78
C ALA A 963 -3.57 36.96 5.33
N LYS A 964 -3.19 35.97 4.54
CA LYS A 964 -3.25 34.58 4.99
C LYS A 964 -2.42 34.33 6.25
N PRO A 965 -1.17 34.81 6.36
CA PRO A 965 -0.43 34.54 7.60
C PRO A 965 -1.12 35.07 8.85
N LEU A 966 -1.81 36.22 8.75
CA LEU A 966 -2.52 36.73 9.91
C LEU A 966 -3.60 35.76 10.38
N ALA A 967 -4.45 35.31 9.44
CA ALA A 967 -5.51 34.37 9.82
C ALA A 967 -4.92 33.08 10.36
N MET A 968 -3.84 32.60 9.73
CA MET A 968 -3.15 31.43 10.24
C MET A 968 -2.74 31.64 11.69
N LEU A 969 -2.21 32.82 12.00
CA LEU A 969 -1.70 33.08 13.34
C LEU A 969 -2.83 33.21 14.36
N VAL A 970 -3.95 33.84 13.97
CA VAL A 970 -5.09 33.93 14.88
C VAL A 970 -5.65 32.55 15.18
N THR A 971 -5.82 31.72 14.15
CA THR A 971 -6.30 30.36 14.40
C THR A 971 -5.30 29.57 15.24
N ASN A 972 -4.01 29.77 14.97
CA ASN A 972 -2.95 29.12 15.75
C ASN A 972 -3.08 29.47 17.22
N LYS A 973 -3.19 30.76 17.53
CA LYS A 973 -3.31 31.20 18.91
C LYS A 973 -4.61 30.69 19.54
N GLY A 974 -5.70 30.68 18.78
CA GLY A 974 -6.95 30.18 19.32
C GLY A 974 -6.85 28.72 19.72
N ARG A 975 -6.29 27.88 18.85
CA ARG A 975 -6.08 26.49 19.20
C ARG A 975 -5.16 26.36 20.40
N GLU A 976 -4.13 27.21 20.48
CA GLU A 976 -3.23 27.17 21.63
C GLU A 976 -3.99 27.46 22.93
N ILE A 977 -4.87 28.45 22.92
CA ILE A 977 -5.60 28.78 24.14
C ILE A 977 -6.58 27.68 24.49
N LEU A 978 -7.22 27.06 23.49
CA LEU A 978 -8.07 25.91 23.81
C LEU A 978 -7.27 24.78 24.45
N MET A 979 -6.08 24.49 23.90
CA MET A 979 -5.25 23.43 24.48
C MET A 979 -4.85 23.76 25.91
N ASN A 980 -4.43 25.01 26.14
CA ASN A 980 -4.03 25.42 27.48
C ASN A 980 -5.19 25.38 28.45
N THR A 981 -6.39 25.78 28.00
CA THR A 981 -7.56 25.74 28.86
C THR A 981 -7.89 24.30 29.25
N ARG A 982 -7.86 23.39 28.28
CA ARG A 982 -8.15 22.00 28.60
C ARG A 982 -7.10 21.44 29.56
N GLN A 983 -5.82 21.74 29.31
CA GLN A 983 -4.76 21.23 30.18
C GLN A 983 -4.89 21.80 31.58
N LEU A 984 -5.27 23.07 31.70
CA LEU A 984 -5.52 23.67 33.01
C LEU A 984 -6.69 22.97 33.69
N ALA A 985 -7.72 22.61 32.92
CA ALA A 985 -8.83 21.85 33.49
C ALA A 985 -8.36 20.52 34.06
N GLU A 986 -7.51 19.81 33.31
CA GLU A 986 -7.00 18.54 33.81
C GLU A 986 -6.11 18.74 35.04
N SER A 987 -5.45 19.90 35.13
CA SER A 987 -4.58 20.16 36.26
C SER A 987 -5.35 20.19 37.58
N MET A 988 -6.61 20.61 37.55
CA MET A 988 -7.45 20.68 38.74
C MET A 988 -8.34 19.45 38.90
N ASN A 989 -8.04 18.37 38.18
CA ASN A 989 -8.84 17.15 38.20
C ASN A 989 -10.29 17.50 37.83
N LEU A 990 -10.47 17.85 36.57
CA LEU A 990 -11.78 18.21 36.03
C LEU A 990 -12.00 17.48 34.71
N LEU A 991 -13.23 17.07 34.46
CA LEU A 991 -13.57 16.25 33.30
C LEU A 991 -14.14 17.14 32.20
N VAL A 992 -13.34 17.43 31.19
CA VAL A 992 -13.80 18.13 30.00
C VAL A 992 -14.43 17.10 29.07
N VAL A 993 -15.71 17.28 28.76
CA VAL A 993 -16.42 16.29 27.96
C VAL A 993 -16.56 16.72 26.50
N TYR A 994 -16.27 17.97 26.17
CA TYR A 994 -16.36 18.45 24.80
C TYR A 994 -15.73 19.84 24.75
N GLY A 995 -15.42 20.28 23.53
CA GLY A 995 -14.90 21.62 23.33
C GLY A 995 -15.00 21.99 21.87
N ASP A 996 -15.33 23.25 21.61
CA ASP A 996 -15.59 23.61 20.21
C ASP A 996 -15.17 25.05 19.96
N THR A 997 -13.89 25.21 19.60
CA THR A 997 -13.32 26.38 18.92
C THR A 997 -13.31 27.64 19.78
N ASP A 998 -14.15 27.70 20.82
CA ASP A 998 -13.99 28.71 21.85
C ASP A 998 -14.47 28.26 23.22
N SER A 999 -14.94 27.03 23.38
CA SER A 999 -15.69 26.63 24.55
C SER A 999 -15.20 25.28 25.05
N VAL A 1000 -15.45 25.02 26.33
CA VAL A 1000 -15.22 23.71 26.93
C VAL A 1000 -16.47 23.34 27.72
N MET A 1001 -16.72 22.05 27.85
CA MET A 1001 -17.81 21.54 28.67
C MET A 1001 -17.22 20.66 29.76
N ILE A 1002 -17.48 21.03 31.01
CA ILE A 1002 -16.87 20.38 32.17
C ILE A 1002 -17.95 19.67 32.96
N ASP A 1003 -17.74 18.38 33.22
CA ASP A 1003 -18.64 17.59 34.06
C ASP A 1003 -18.24 17.86 35.50
N THR A 1004 -19.06 18.65 36.20
CA THR A 1004 -18.74 19.07 37.56
C THR A 1004 -18.98 17.99 38.60
N GLY A 1005 -19.71 16.93 38.26
CA GLY A 1005 -20.01 15.91 39.25
C GLY A 1005 -20.92 16.38 40.36
N CYS A 1006 -21.71 17.43 40.13
CA CYS A 1006 -22.54 18.04 41.16
C CYS A 1006 -24.01 17.76 40.89
N ASP A 1007 -24.78 17.62 41.96
CA ASP A 1007 -26.22 17.42 41.89
C ASP A 1007 -27.00 18.70 42.10
N ASN A 1008 -26.33 19.85 42.15
CA ASN A 1008 -26.99 21.13 42.33
C ASN A 1008 -26.35 22.18 41.44
N TYR A 1009 -27.00 23.34 41.37
CA TYR A 1009 -26.55 24.42 40.49
C TYR A 1009 -25.37 25.18 41.11
N ALA A 1010 -25.51 25.59 42.37
CA ALA A 1010 -24.49 26.41 43.00
C ALA A 1010 -23.19 25.66 43.21
N ASP A 1011 -23.27 24.35 43.47
CA ASP A 1011 -22.05 23.56 43.66
C ASP A 1011 -21.18 23.59 42.41
N ALA A 1012 -21.80 23.50 41.24
CA ALA A 1012 -21.05 23.62 39.99
C ALA A 1012 -20.67 25.06 39.68
N ILE A 1013 -21.51 26.02 40.09
CA ILE A 1013 -21.23 27.42 39.80
C ILE A 1013 -19.99 27.89 40.55
N LYS A 1014 -19.78 27.41 41.77
CA LYS A 1014 -18.56 27.77 42.50
C LYS A 1014 -17.31 27.29 41.77
N ILE A 1015 -17.33 26.04 41.30
CA ILE A 1015 -16.21 25.51 40.54
C ILE A 1015 -16.00 26.30 39.26
N GLY A 1016 -17.10 26.69 38.61
CA GLY A 1016 -16.98 27.45 37.38
C GLY A 1016 -16.37 28.82 37.60
N LEU A 1017 -16.78 29.49 38.68
CA LEU A 1017 -16.20 30.80 38.98
C LEU A 1017 -14.73 30.69 39.37
N GLY A 1018 -14.36 29.64 40.11
CA GLY A 1018 -12.95 29.42 40.40
C GLY A 1018 -12.13 29.16 39.15
N PHE A 1019 -12.67 28.35 38.23
CA PHE A 1019 -12.02 28.11 36.95
C PHE A 1019 -11.85 29.41 36.17
N LYS A 1020 -12.91 30.23 36.14
CA LYS A 1020 -12.86 31.50 35.43
C LYS A 1020 -11.79 32.42 36.01
N ARG A 1021 -11.75 32.52 37.34
CA ARG A 1021 -10.75 33.36 37.99
C ARG A 1021 -9.34 32.85 37.71
N LEU A 1022 -9.15 31.53 37.73
CA LEU A 1022 -7.82 30.98 37.49
C LEU A 1022 -7.36 31.23 36.06
N VAL A 1023 -8.27 31.13 35.09
CA VAL A 1023 -7.87 31.29 33.69
C VAL A 1023 -7.70 32.75 33.29
N ASN A 1024 -8.60 33.64 33.75
CA ASN A 1024 -8.51 35.04 33.37
C ASN A 1024 -7.19 35.68 33.75
N GLU A 1025 -6.53 35.18 34.80
CA GLU A 1025 -5.26 35.75 35.23
C GLU A 1025 -4.16 35.59 34.18
N ARG A 1026 -4.26 34.59 33.31
CA ARG A 1026 -3.21 34.34 32.33
C ARG A 1026 -3.20 35.37 31.20
N TYR A 1027 -4.30 36.10 31.00
CA TYR A 1027 -4.43 36.99 29.86
C TYR A 1027 -4.85 38.38 30.31
N ARG A 1028 -4.29 39.39 29.65
CA ARG A 1028 -4.58 40.78 29.99
C ARG A 1028 -6.00 41.17 29.59
N LEU A 1029 -6.43 40.76 28.40
CA LEU A 1029 -7.69 41.22 27.83
C LEU A 1029 -8.61 40.07 27.43
N LEU A 1030 -8.05 38.93 27.03
CA LEU A 1030 -8.85 37.72 26.91
C LEU A 1030 -9.52 37.41 28.25
N GLU A 1031 -10.82 37.15 28.20
CA GLU A 1031 -11.51 36.76 29.42
C GLU A 1031 -12.52 35.67 29.09
N ILE A 1032 -12.62 34.71 29.99
CA ILE A 1032 -13.53 33.59 29.86
C ILE A 1032 -14.70 33.80 30.82
N ASP A 1033 -15.84 33.20 30.50
CA ASP A 1033 -17.04 33.44 31.28
C ASP A 1033 -18.03 32.31 31.07
N ILE A 1034 -18.89 32.13 32.07
CA ILE A 1034 -19.89 31.07 32.05
C ILE A 1034 -20.96 31.45 31.03
N ASP A 1035 -21.23 30.54 30.09
CA ASP A 1035 -22.26 30.81 29.09
C ASP A 1035 -23.58 30.15 29.47
N ASN A 1036 -23.58 28.84 29.67
CA ASN A 1036 -24.79 28.10 29.98
C ASN A 1036 -24.50 27.04 31.03
N VAL A 1037 -25.55 26.61 31.70
CA VAL A 1037 -25.49 25.54 32.69
C VAL A 1037 -26.42 24.43 32.26
N PHE A 1038 -25.91 23.22 32.15
CA PHE A 1038 -26.68 22.08 31.69
C PHE A 1038 -26.83 21.07 32.81
N LYS A 1039 -28.08 20.82 33.21
CA LYS A 1039 -28.35 19.81 34.24
C LYS A 1039 -28.04 18.41 33.73
N LYS A 1040 -28.36 18.14 32.46
CA LYS A 1040 -28.05 16.87 31.84
C LYS A 1040 -27.58 17.12 30.42
N LEU A 1041 -26.49 16.48 30.03
CA LEU A 1041 -25.87 16.70 28.72
C LEU A 1041 -25.82 15.38 27.97
N LEU A 1042 -26.29 15.39 26.72
CA LEU A 1042 -26.23 14.24 25.82
C LEU A 1042 -25.42 14.65 24.61
N LEU A 1043 -24.21 14.10 24.49
CA LEU A 1043 -23.37 14.33 23.32
C LEU A 1043 -23.63 13.20 22.32
N HIS A 1044 -24.22 13.54 21.18
CA HIS A 1044 -24.44 12.55 20.14
C HIS A 1044 -23.16 12.30 19.36
N ALA A 1045 -22.59 13.34 18.76
CA ALA A 1045 -21.34 13.23 18.02
C ALA A 1045 -20.69 14.60 18.01
N LYS A 1046 -19.65 14.77 17.20
CA LYS A 1046 -19.06 16.08 17.01
C LYS A 1046 -20.09 17.04 16.43
N LYS A 1047 -20.15 18.24 17.01
CA LYS A 1047 -21.02 19.35 16.61
C LYS A 1047 -22.48 19.08 16.91
N LYS A 1048 -22.83 17.90 17.43
CA LYS A 1048 -24.23 17.54 17.68
C LYS A 1048 -24.38 17.11 19.13
N TYR A 1049 -25.24 17.82 19.86
CA TYR A 1049 -25.53 17.50 21.25
C TYR A 1049 -26.81 18.20 21.67
N ALA A 1050 -27.44 17.67 22.71
CA ALA A 1050 -28.64 18.25 23.30
C ALA A 1050 -28.46 18.34 24.80
N ALA A 1051 -29.11 19.32 25.41
CA ALA A 1051 -28.88 19.61 26.83
C ALA A 1051 -30.10 20.29 27.41
N LEU A 1052 -30.17 20.29 28.74
CA LEU A 1052 -31.21 20.98 29.50
C LEU A 1052 -30.57 22.22 30.13
N THR A 1053 -30.84 23.39 29.56
CA THR A 1053 -30.24 24.62 30.05
C THR A 1053 -30.99 25.09 31.30
N VAL A 1054 -30.22 25.48 32.32
CA VAL A 1054 -30.78 26.03 33.55
C VAL A 1054 -30.81 27.54 33.42
N ASN A 1055 -32.02 28.10 33.39
CA ASN A 1055 -32.22 29.54 33.26
C ASN A 1055 -32.79 30.08 34.56
N LEU A 1056 -32.02 30.93 35.24
CA LEU A 1056 -32.50 31.56 36.46
C LEU A 1056 -33.55 32.61 36.15
N ASP A 1057 -34.42 32.86 37.11
CA ASP A 1057 -35.47 33.85 37.00
C ASP A 1057 -35.20 35.01 37.97
N LYS A 1058 -36.14 35.95 38.04
CA LYS A 1058 -35.95 37.14 38.87
C LYS A 1058 -35.83 36.77 40.34
N ASN A 1059 -36.78 36.00 40.86
CA ASN A 1059 -36.78 35.68 42.29
C ASN A 1059 -36.02 34.38 42.57
N GLY A 1060 -34.80 34.28 42.06
CA GLY A 1060 -33.97 33.12 42.33
C GLY A 1060 -34.52 31.81 41.79
N ASN A 1061 -35.57 31.89 40.98
CA ASN A 1061 -36.20 30.69 40.46
C ASN A 1061 -35.41 30.15 39.28
N GLY A 1062 -35.29 28.82 39.23
CA GLY A 1062 -34.57 28.18 38.15
C GLY A 1062 -35.45 27.30 37.28
N THR A 1063 -35.37 27.49 35.96
CA THR A 1063 -36.17 26.74 35.01
C THR A 1063 -35.26 26.03 34.02
N THR A 1064 -35.80 25.01 33.38
CA THR A 1064 -35.07 24.20 32.41
C THR A 1064 -35.63 24.43 31.01
N VAL A 1065 -34.73 24.50 30.03
CA VAL A 1065 -35.11 24.70 28.63
C VAL A 1065 -34.26 23.77 27.77
N LEU A 1066 -34.91 23.11 26.82
CA LEU A 1066 -34.22 22.19 25.92
C LEU A 1066 -33.44 22.96 24.87
N GLU A 1067 -32.13 22.76 24.82
CA GLU A 1067 -31.27 23.41 23.84
C GLU A 1067 -30.59 22.33 23.00
N VAL A 1068 -30.64 22.48 21.68
CA VAL A 1068 -30.07 21.53 20.74
C VAL A 1068 -29.20 22.29 19.76
N LYS A 1069 -28.17 21.62 19.25
CA LYS A 1069 -27.21 22.22 18.32
C LYS A 1069 -26.85 21.20 17.24
N GLY A 1070 -27.31 21.45 16.01
CA GLY A 1070 -26.83 20.72 14.85
C GLY A 1070 -27.44 19.36 14.63
N LEU A 1071 -28.34 18.90 15.50
CA LEU A 1071 -28.94 17.58 15.32
C LEU A 1071 -29.85 17.54 14.11
N ASP A 1072 -30.30 16.32 13.81
CA ASP A 1072 -31.28 16.09 12.76
C ASP A 1072 -32.58 16.84 13.01
N MET A 1073 -32.87 17.16 14.28
CA MET A 1073 -34.02 18.03 14.57
C MET A 1073 -33.88 19.37 13.88
N LYS A 1074 -32.76 20.04 14.11
CA LYS A 1074 -32.57 21.44 13.74
C LYS A 1074 -32.39 21.62 12.24
N ARG A 1075 -32.28 20.53 11.50
CA ARG A 1075 -32.07 20.53 10.07
C ARG A 1075 -33.34 20.98 9.34
N ARG A 1076 -33.18 21.40 8.09
CA ARG A 1076 -34.33 21.71 7.25
C ARG A 1076 -34.71 20.56 6.33
N GLU A 1077 -33.81 19.60 6.14
CA GLU A 1077 -34.11 18.40 5.37
C GLU A 1077 -35.05 17.45 6.08
N PHE A 1078 -35.39 17.72 7.33
CA PHE A 1078 -36.21 16.82 8.13
C PHE A 1078 -37.55 17.47 8.43
N CYS A 1079 -38.60 16.66 8.41
CA CYS A 1079 -39.96 17.18 8.47
C CYS A 1079 -40.26 17.73 9.86
N PRO A 1080 -41.22 18.65 9.95
CA PRO A 1080 -41.66 19.11 11.28
C PRO A 1080 -42.19 17.99 12.15
N LEU A 1081 -42.74 16.93 11.56
CA LEU A 1081 -43.16 15.77 12.34
C LEU A 1081 -41.98 15.15 13.05
N SER A 1082 -40.88 14.96 12.33
CA SER A 1082 -39.66 14.44 12.94
C SER A 1082 -39.18 15.36 14.04
N ARG A 1083 -39.21 16.67 13.79
CA ARG A 1083 -38.80 17.63 14.81
C ARG A 1083 -39.61 17.46 16.10
N ASP A 1084 -40.93 17.39 15.97
CA ASP A 1084 -41.79 17.35 17.16
C ASP A 1084 -41.58 16.04 17.91
N VAL A 1085 -41.53 14.91 17.20
CA VAL A 1085 -41.37 13.64 17.91
C VAL A 1085 -39.97 13.54 18.54
N SER A 1086 -38.93 14.03 17.86
CA SER A 1086 -37.60 14.03 18.47
C SER A 1086 -37.56 14.94 19.69
N ILE A 1087 -38.23 16.09 19.63
CA ILE A 1087 -38.28 16.99 20.78
C ILE A 1087 -38.93 16.28 21.96
N HIS A 1088 -40.01 15.56 21.70
CA HIS A 1088 -40.66 14.82 22.77
C HIS A 1088 -39.74 13.72 23.32
N VAL A 1089 -39.02 13.03 22.44
CA VAL A 1089 -38.11 11.97 22.89
C VAL A 1089 -37.04 12.53 23.80
N LEU A 1090 -36.33 13.58 23.36
CA LEU A 1090 -35.28 14.12 24.22
C LEU A 1090 -35.86 14.68 25.52
N ASN A 1091 -37.01 15.35 25.45
CA ASN A 1091 -37.63 15.82 26.69
C ASN A 1091 -37.88 14.67 27.65
N THR A 1092 -38.25 13.50 27.12
CA THR A 1092 -38.50 12.36 27.99
C THR A 1092 -37.22 11.78 28.56
N ILE A 1093 -36.19 11.57 27.73
CA ILE A 1093 -34.98 10.91 28.22
C ILE A 1093 -34.25 11.79 29.22
N LEU A 1094 -34.03 13.06 28.89
CA LEU A 1094 -33.27 13.92 29.79
C LEU A 1094 -34.05 14.32 31.03
N SER A 1095 -35.35 14.05 31.09
CA SER A 1095 -36.11 14.28 32.30
C SER A 1095 -35.77 13.24 33.36
N ASP A 1096 -35.99 13.60 34.62
CA ASP A 1096 -35.63 12.72 35.74
C ASP A 1096 -36.63 11.59 35.90
N LYS A 1097 -36.50 10.55 35.07
CA LYS A 1097 -37.33 9.36 35.16
C LYS A 1097 -36.47 8.11 35.12
N ASP A 1098 -37.04 7.00 35.55
CA ASP A 1098 -36.35 5.73 35.54
C ASP A 1098 -35.94 5.40 34.10
N PRO A 1099 -34.66 5.10 33.84
CA PRO A 1099 -34.19 4.91 32.46
C PRO A 1099 -35.03 3.94 31.64
N GLU A 1100 -35.25 2.73 32.16
CA GLU A 1100 -36.05 1.75 31.42
C GLU A 1100 -37.49 2.24 31.26
N GLU A 1101 -38.02 2.92 32.28
CA GLU A 1101 -39.35 3.51 32.15
C GLU A 1101 -39.36 4.61 31.09
N ALA A 1102 -38.28 5.38 31.00
CA ALA A 1102 -38.16 6.38 29.94
C ALA A 1102 -38.20 5.73 28.57
N LEU A 1103 -37.45 4.63 28.40
CA LEU A 1103 -37.44 3.95 27.12
C LEU A 1103 -38.81 3.35 26.78
N GLN A 1104 -39.51 2.79 27.79
CA GLN A 1104 -40.84 2.25 27.52
C GLN A 1104 -41.82 3.35 27.12
N GLU A 1105 -41.75 4.50 27.80
CA GLU A 1105 -42.61 5.63 27.42
C GLU A 1105 -42.31 6.09 26.00
N VAL A 1106 -41.02 6.18 25.66
CA VAL A 1106 -40.64 6.59 24.31
C VAL A 1106 -41.15 5.59 23.30
N TYR A 1107 -41.04 4.29 23.60
CA TYR A 1107 -41.54 3.26 22.69
C TYR A 1107 -43.04 3.41 22.47
N ASP A 1108 -43.79 3.62 23.55
CA ASP A 1108 -45.24 3.81 23.43
C ASP A 1108 -45.57 4.98 22.52
N TYR A 1109 -44.91 6.12 22.77
CA TYR A 1109 -45.05 7.28 21.90
C TYR A 1109 -44.76 6.90 20.45
N LEU A 1110 -43.73 6.07 20.25
CA LEU A 1110 -43.29 5.75 18.89
C LEU A 1110 -44.33 4.93 18.14
N GLU A 1111 -44.92 3.89 18.75
CA GLU A 1111 -45.91 3.17 17.96
C GLU A 1111 -47.20 3.98 17.82
N ASP A 1112 -47.47 4.90 18.75
CA ASP A 1112 -48.59 5.81 18.53
C ASP A 1112 -48.37 6.65 17.27
N ILE A 1113 -47.17 7.21 17.12
CA ILE A 1113 -46.85 7.95 15.89
C ILE A 1113 -46.86 7.02 14.68
N ARG A 1114 -46.46 5.76 14.87
CA ARG A 1114 -46.50 4.81 13.76
C ARG A 1114 -47.91 4.64 13.24
N ILE A 1115 -48.86 4.42 14.14
CA ILE A 1115 -50.26 4.27 13.74
C ILE A 1115 -50.76 5.55 13.10
N LYS A 1116 -50.42 6.71 13.68
CA LYS A 1116 -50.89 7.97 13.13
C LYS A 1116 -50.36 8.20 11.71
N VAL A 1117 -49.09 7.87 11.47
CA VAL A 1117 -48.52 8.05 10.14
C VAL A 1117 -49.10 7.05 9.16
N GLU A 1118 -49.23 5.79 9.56
CA GLU A 1118 -49.73 4.75 8.66
C GLU A 1118 -51.17 5.04 8.23
N THR A 1119 -52.02 5.46 9.18
CA THR A 1119 -53.41 5.73 8.86
C THR A 1119 -53.61 7.08 8.18
N ASN A 1120 -52.54 7.88 8.01
CA ASN A 1120 -52.63 9.21 7.41
C ASN A 1120 -53.59 10.10 8.21
N ASN A 1121 -53.51 10.01 9.54
CA ASN A 1121 -54.30 10.81 10.45
C ASN A 1121 -53.56 12.07 10.89
N ILE A 1122 -52.64 12.56 10.07
CA ILE A 1122 -51.81 13.71 10.39
C ILE A 1122 -51.92 14.71 9.27
N ARG A 1123 -52.03 15.99 9.63
CA ARG A 1123 -52.10 17.05 8.63
C ARG A 1123 -50.85 17.05 7.76
N ILE A 1124 -51.05 17.32 6.47
CA ILE A 1124 -49.97 17.19 5.49
C ILE A 1124 -48.84 18.18 5.77
N ASP A 1125 -49.17 19.32 6.38
CA ASP A 1125 -48.18 20.38 6.59
C ASP A 1125 -46.95 19.87 7.35
N LYS A 1126 -47.14 18.91 8.26
CA LYS A 1126 -46.03 18.39 9.05
C LYS A 1126 -45.11 17.46 8.28
N TYR A 1127 -45.37 17.25 6.99
CA TYR A 1127 -44.58 16.33 6.18
C TYR A 1127 -43.55 17.02 5.30
N LYS A 1128 -43.40 18.34 5.41
CA LYS A 1128 -42.60 19.08 4.44
C LYS A 1128 -41.11 18.88 4.66
N ILE A 1129 -40.37 18.79 3.55
CA ILE A 1129 -38.92 18.64 3.54
C ILE A 1129 -38.34 19.83 2.78
N ASN A 1130 -37.39 20.52 3.40
CA ASN A 1130 -36.76 21.69 2.78
C ASN A 1130 -35.32 21.38 2.38
N MET A 1131 -34.98 21.69 1.13
CA MET A 1131 -33.61 21.57 0.66
C MET A 1131 -33.38 22.69 -0.36
N LYS A 1132 -32.34 23.49 -0.11
CA LYS A 1132 -32.02 24.60 -1.00
C LYS A 1132 -30.93 24.19 -1.98
N LEU A 1133 -31.19 24.43 -3.27
CA LEU A 1133 -30.30 24.01 -4.34
C LEU A 1133 -29.30 25.14 -4.63
N SER A 1134 -28.01 24.83 -4.49
CA SER A 1134 -26.99 25.85 -4.75
C SER A 1134 -26.80 26.08 -6.24
N LYS A 1135 -27.02 25.07 -7.06
CA LYS A 1135 -26.84 25.17 -8.50
C LYS A 1135 -28.19 25.09 -9.22
N ASP A 1136 -28.16 25.48 -10.49
CA ASP A 1136 -29.33 25.34 -11.34
C ASP A 1136 -29.70 23.86 -11.46
N PRO A 1137 -31.00 23.52 -11.44
CA PRO A 1137 -31.37 22.10 -11.52
C PRO A 1137 -31.00 21.43 -12.83
N LYS A 1138 -30.50 22.19 -13.81
CA LYS A 1138 -29.97 21.58 -15.02
C LYS A 1138 -28.55 21.05 -14.81
N ALA A 1139 -27.79 21.67 -13.90
CA ALA A 1139 -26.37 21.37 -13.73
C ALA A 1139 -26.11 20.31 -12.66
N TYR A 1140 -27.10 19.49 -12.32
CA TYR A 1140 -26.89 18.39 -11.38
C TYR A 1140 -26.80 17.08 -12.15
N PRO A 1141 -25.65 16.40 -12.16
CA PRO A 1141 -25.54 15.16 -12.95
C PRO A 1141 -26.38 14.02 -12.41
N GLY A 1142 -26.28 13.74 -11.11
CA GLY A 1142 -27.02 12.64 -10.51
C GLY A 1142 -28.33 13.08 -9.88
N GLY A 1143 -28.94 14.13 -10.45
CA GLY A 1143 -30.18 14.65 -9.90
C GLY A 1143 -31.37 13.71 -10.00
N LYS A 1144 -31.25 12.63 -10.77
CA LYS A 1144 -32.35 11.67 -10.88
C LYS A 1144 -32.59 10.95 -9.56
N ASN A 1145 -31.63 11.00 -8.63
CA ASN A 1145 -31.80 10.35 -7.34
C ASN A 1145 -32.27 11.32 -6.26
N MET A 1146 -31.63 12.48 -6.16
CA MET A 1146 -32.06 13.47 -5.19
C MET A 1146 -33.41 14.04 -5.59
N PRO A 1147 -34.39 14.10 -4.68
CA PRO A 1147 -35.76 14.43 -5.10
C PRO A 1147 -36.00 15.91 -5.35
N ALA A 1148 -35.27 16.78 -4.65
CA ALA A 1148 -35.53 18.22 -4.77
C ALA A 1148 -35.28 18.70 -6.20
N VAL A 1149 -34.34 18.07 -6.91
CA VAL A 1149 -34.11 18.45 -8.30
C VAL A 1149 -35.33 18.13 -9.15
N GLN A 1150 -35.93 16.96 -8.96
CA GLN A 1150 -37.14 16.60 -9.69
C GLN A 1150 -38.27 17.56 -9.35
N VAL A 1151 -38.41 17.91 -8.06
CA VAL A 1151 -39.45 18.84 -7.65
C VAL A 1151 -39.24 20.20 -8.31
N ALA A 1152 -37.99 20.67 -8.36
CA ALA A 1152 -37.69 21.95 -8.99
C ALA A 1152 -37.97 21.91 -10.48
N LEU A 1153 -37.66 20.79 -11.14
CA LEU A 1153 -37.97 20.67 -12.56
C LEU A 1153 -39.47 20.71 -12.80
N ARG A 1154 -40.25 20.02 -11.95
CA ARG A 1154 -41.70 20.06 -12.09
C ARG A 1154 -42.23 21.46 -11.86
N MET A 1155 -41.70 22.17 -10.87
CA MET A 1155 -42.11 23.55 -10.63
C MET A 1155 -41.78 24.45 -11.81
N ARG A 1156 -40.59 24.28 -12.38
CA ARG A 1156 -40.19 25.08 -13.54
C ARG A 1156 -41.10 24.83 -14.73
N LYS A 1157 -41.46 23.55 -14.96
CA LYS A 1157 -42.41 23.24 -16.01
C LYS A 1157 -43.78 23.84 -15.73
N ALA A 1158 -44.20 23.82 -14.46
CA ALA A 1158 -45.54 24.30 -14.11
C ALA A 1158 -45.68 25.81 -14.23
N GLY A 1159 -44.58 26.56 -14.14
CA GLY A 1159 -44.66 28.00 -14.27
C GLY A 1159 -44.13 28.75 -13.07
N ARG A 1160 -43.33 28.08 -12.24
CA ARG A 1160 -42.71 28.71 -11.09
C ARG A 1160 -41.25 29.06 -11.40
N VAL A 1161 -40.78 30.15 -10.81
CA VAL A 1161 -39.42 30.60 -11.01
C VAL A 1161 -38.52 29.89 -9.99
N VAL A 1162 -37.62 29.05 -10.49
CA VAL A 1162 -36.64 28.37 -9.65
C VAL A 1162 -35.26 28.60 -10.25
N LYS A 1163 -34.32 29.03 -9.42
CA LYS A 1163 -32.96 29.32 -9.85
C LYS A 1163 -32.00 28.82 -8.78
N ALA A 1164 -30.71 29.10 -8.97
CA ALA A 1164 -29.71 28.72 -7.98
C ALA A 1164 -29.94 29.50 -6.69
N GLY A 1165 -29.82 28.79 -5.56
CA GLY A 1165 -30.08 29.38 -4.27
C GLY A 1165 -31.52 29.29 -3.80
N SER A 1166 -32.43 28.79 -4.63
CA SER A 1166 -33.82 28.67 -4.24
C SER A 1166 -34.01 27.51 -3.27
N VAL A 1167 -34.95 27.66 -2.34
CA VAL A 1167 -35.29 26.63 -1.37
C VAL A 1167 -36.43 25.79 -1.96
N ILE A 1168 -36.21 24.49 -2.06
CA ILE A 1168 -37.20 23.56 -2.58
C ILE A 1168 -37.84 22.83 -1.42
N THR A 1169 -39.15 22.97 -1.29
CA THR A 1169 -39.94 22.25 -0.29
C THR A 1169 -40.81 21.22 -1.00
N PHE A 1170 -40.96 20.05 -0.39
CA PHE A 1170 -41.63 18.94 -1.05
C PHE A 1170 -42.02 17.89 -0.02
N VAL A 1171 -42.79 16.90 -0.49
CA VAL A 1171 -43.28 15.80 0.33
C VAL A 1171 -43.17 14.52 -0.49
N ILE A 1172 -42.66 13.47 0.13
CA ILE A 1172 -42.58 12.16 -0.53
C ILE A 1172 -43.96 11.51 -0.44
N THR A 1173 -44.53 11.17 -1.60
CA THR A 1173 -45.87 10.61 -1.70
C THR A 1173 -45.79 9.12 -2.00
N LYS A 1174 -46.96 8.52 -2.17
CA LYS A 1174 -47.06 7.11 -2.50
C LYS A 1174 -47.86 6.90 -3.78
N SER A 1188 -39.36 5.42 -7.83
CA SER A 1188 -38.26 5.72 -6.91
C SER A 1188 -38.65 6.85 -5.95
N VAL A 1189 -37.73 7.19 -5.05
CA VAL A 1189 -37.99 8.25 -4.09
C VAL A 1189 -38.11 9.59 -4.81
N ALA A 1190 -37.21 9.87 -5.75
CA ALA A 1190 -37.24 11.15 -6.46
C ALA A 1190 -38.46 11.26 -7.35
N GLU A 1191 -38.93 10.15 -7.92
CA GLU A 1191 -40.09 10.20 -8.81
C GLU A 1191 -41.39 10.38 -8.06
N ARG A 1192 -41.41 10.16 -6.75
CA ARG A 1192 -42.61 10.30 -5.93
C ARG A 1192 -42.60 11.55 -5.09
N ALA A 1193 -41.65 12.45 -5.31
CA ALA A 1193 -41.55 13.69 -4.56
C ALA A 1193 -42.26 14.82 -5.31
N HIS A 1194 -43.18 15.49 -4.62
CA HIS A 1194 -43.94 16.58 -5.21
C HIS A 1194 -43.97 17.74 -4.23
N ALA A 1195 -44.15 18.94 -4.78
CA ALA A 1195 -44.17 20.15 -3.96
C ALA A 1195 -45.38 20.16 -3.03
N LEU A 1196 -45.26 20.92 -1.94
CA LEU A 1196 -46.38 21.09 -1.02
C LEU A 1196 -47.59 21.65 -1.73
N ASN A 1197 -47.40 22.75 -2.48
CA ASN A 1197 -48.52 23.43 -3.12
C ASN A 1197 -49.30 22.49 -4.03
N GLU A 1198 -48.60 21.64 -4.77
CA GLU A 1198 -49.27 20.58 -5.53
C GLU A 1198 -49.94 19.58 -4.60
N VAL A 1199 -49.28 19.22 -3.50
CA VAL A 1199 -49.82 18.21 -2.60
C VAL A 1199 -51.02 18.76 -1.83
N MET A 1200 -50.95 20.03 -1.40
CA MET A 1200 -52.09 20.65 -0.71
C MET A 1200 -53.36 20.68 -1.55
N ILE A 1201 -53.27 20.46 -2.86
CA ILE A 1201 -54.44 20.40 -3.72
C ILE A 1201 -55.05 19.01 -3.58
N LYS A 1202 -56.25 18.94 -2.99
CA LYS A 1202 -56.91 17.66 -2.81
C LYS A 1202 -57.34 17.04 -4.13
N SER A 1203 -57.43 17.83 -5.20
CA SER A 1203 -57.80 17.29 -6.50
C SER A 1203 -56.73 16.33 -7.03
N ASN A 1204 -55.49 16.50 -6.59
CA ASN A 1204 -54.42 15.59 -6.99
C ASN A 1204 -54.50 14.24 -6.30
N ASN A 1205 -55.06 14.18 -5.08
CA ASN A 1205 -55.19 12.95 -4.31
C ASN A 1205 -53.82 12.31 -4.08
N LEU A 1206 -52.92 13.08 -3.48
CA LEU A 1206 -51.58 12.62 -3.15
C LEU A 1206 -51.52 12.32 -1.66
N ILE A 1207 -51.12 11.09 -1.32
CA ILE A 1207 -51.00 10.65 0.06
C ILE A 1207 -49.54 10.34 0.33
N PRO A 1208 -48.91 10.99 1.33
CA PRO A 1208 -47.50 10.71 1.61
C PRO A 1208 -47.27 9.25 1.93
N ASP A 1209 -46.09 8.75 1.52
CA ASP A 1209 -45.70 7.37 1.76
C ASP A 1209 -45.31 7.18 3.22
N PRO A 1210 -46.09 6.43 4.00
CA PRO A 1210 -45.71 6.20 5.39
C PRO A 1210 -44.42 5.41 5.54
N GLN A 1211 -44.07 4.59 4.53
CA GLN A 1211 -42.89 3.75 4.64
C GLN A 1211 -41.62 4.60 4.68
N TYR A 1212 -41.46 5.49 3.70
CA TYR A 1212 -40.24 6.28 3.62
C TYR A 1212 -40.08 7.16 4.86
N TYR A 1213 -41.15 7.81 5.28
CA TYR A 1213 -41.06 8.67 6.46
C TYR A 1213 -40.75 7.82 7.69
N LEU A 1214 -41.55 6.79 7.94
CA LEU A 1214 -41.39 5.95 9.11
C LEU A 1214 -40.01 5.33 9.19
N GLU A 1215 -39.35 5.12 8.04
CA GLU A 1215 -37.95 4.69 8.11
C GLU A 1215 -37.02 5.88 8.31
N LYS A 1216 -36.87 6.71 7.29
CA LYS A 1216 -35.77 7.66 7.23
C LYS A 1216 -36.02 8.95 7.99
N GLN A 1217 -37.25 9.46 7.99
CA GLN A 1217 -37.49 10.74 8.65
C GLN A 1217 -37.67 10.57 10.15
N ILE A 1218 -38.00 9.36 10.61
CA ILE A 1218 -38.30 9.11 12.02
C ILE A 1218 -37.32 8.12 12.63
N PHE A 1219 -37.30 6.88 12.12
CA PHE A 1219 -36.56 5.82 12.79
C PHE A 1219 -35.07 6.15 12.90
N ALA A 1220 -34.45 6.49 11.78
CA ALA A 1220 -33.02 6.82 11.80
C ALA A 1220 -32.70 7.99 12.71
N PRO A 1221 -33.44 9.11 12.69
CA PRO A 1221 -33.15 10.17 13.67
C PRO A 1221 -33.23 9.74 15.12
N VAL A 1222 -34.29 9.02 15.51
CA VAL A 1222 -34.39 8.58 16.89
C VAL A 1222 -33.30 7.55 17.22
N GLU A 1223 -32.99 6.66 16.27
CA GLU A 1223 -31.94 5.68 16.50
C GLU A 1223 -30.60 6.38 16.73
N ARG A 1224 -30.31 7.42 15.97
CA ARG A 1224 -29.11 8.22 16.21
C ARG A 1224 -29.18 8.92 17.56
N LEU A 1225 -30.36 9.41 17.93
CA LEU A 1225 -30.51 10.13 19.20
C LEU A 1225 -30.23 9.25 20.41
N LEU A 1226 -30.72 8.00 20.41
CA LEU A 1226 -30.57 7.13 21.56
C LEU A 1226 -29.44 6.11 21.43
N GLU A 1227 -28.48 6.32 20.53
CA GLU A 1227 -27.44 5.33 20.30
C GLU A 1227 -26.66 5.03 21.58
N ARG A 1228 -26.20 6.07 22.26
CA ARG A 1228 -25.35 5.91 23.44
C ARG A 1228 -26.14 5.77 24.74
N ILE A 1229 -27.46 5.72 24.68
CA ILE A 1229 -28.30 5.64 25.86
C ILE A 1229 -28.33 4.19 26.36
N ASP A 1230 -28.24 4.02 27.67
CA ASP A 1230 -28.16 2.69 28.27
C ASP A 1230 -29.35 1.83 27.88
N SER A 1231 -29.08 0.57 27.53
CA SER A 1231 -30.10 -0.41 27.17
C SER A 1231 -31.00 0.11 26.05
N PHE A 1232 -30.36 0.59 24.97
CA PHE A 1232 -31.07 1.06 23.79
C PHE A 1232 -31.26 -0.13 22.85
N ASN A 1233 -32.49 -0.63 22.75
CA ASN A 1233 -32.78 -1.76 21.88
C ASN A 1233 -33.23 -1.22 20.52
N VAL A 1234 -32.28 -1.18 19.58
CA VAL A 1234 -32.60 -0.73 18.23
C VAL A 1234 -33.57 -1.70 17.55
N VAL A 1235 -33.46 -2.99 17.85
CA VAL A 1235 -34.40 -3.96 17.31
C VAL A 1235 -35.81 -3.67 17.79
N ARG A 1236 -35.95 -3.36 19.09
CA ARG A 1236 -37.26 -2.97 19.61
C ARG A 1236 -37.74 -1.67 18.99
N LEU A 1237 -36.83 -0.73 18.71
CA LEU A 1237 -37.21 0.50 18.05
C LEU A 1237 -37.79 0.24 16.66
N SER A 1238 -37.10 -0.63 15.88
CA SER A 1238 -37.61 -0.98 14.56
C SER A 1238 -38.93 -1.72 14.66
N GLU A 1239 -39.07 -2.61 15.65
CA GLU A 1239 -40.33 -3.32 15.85
C GLU A 1239 -41.46 -2.36 16.15
N ALA A 1240 -41.20 -1.34 16.97
CA ALA A 1240 -42.18 -0.29 17.22
C ALA A 1240 -42.48 0.52 15.96
N LEU A 1241 -41.50 0.72 15.09
CA LEU A 1241 -41.73 1.40 13.82
C LEU A 1241 -41.95 0.46 12.66
N GLY A 1242 -41.98 -0.85 12.89
CA GLY A 1242 -42.29 -1.81 11.84
C GLY A 1242 -41.26 -1.94 10.74
N LEU A 1243 -39.97 -1.88 11.08
CA LEU A 1243 -38.92 -2.02 10.09
C LEU A 1243 -38.28 -3.40 10.20
N ASP A 1244 -37.48 -3.74 9.19
CA ASP A 1244 -36.79 -5.03 9.15
C ASP A 1244 -35.69 -5.02 10.19
N SER A 1245 -35.76 -5.95 11.15
CA SER A 1245 -34.81 -5.97 12.26
C SER A 1245 -33.48 -6.59 11.88
N LYS A 1246 -33.41 -7.33 10.77
CA LYS A 1246 -32.13 -7.90 10.36
C LYS A 1246 -31.16 -6.82 9.87
N LYS A 1247 -31.67 -5.72 9.34
CA LYS A 1247 -30.80 -4.63 8.93
C LYS A 1247 -30.13 -3.98 10.13
N TYR A 1248 -30.80 -3.96 11.27
CA TYR A 1248 -30.26 -3.38 12.49
C TYR A 1248 -29.51 -4.39 13.35
N PHE A 1249 -29.73 -5.70 13.12
CA PHE A 1249 -29.07 -6.70 13.94
C PHE A 1249 -27.57 -6.78 13.64
N ARG A 1250 -27.15 -6.39 12.44
CA ARG A 1250 -25.76 -6.45 12.06
C ARG A 1250 -24.95 -5.23 12.50
N ARG A 1251 -25.61 -4.18 13.00
CA ARG A 1251 -24.88 -3.01 13.49
C ARG A 1251 -24.46 -3.16 14.94
N GLU A 1252 -25.22 -3.92 15.73
CA GLU A 1252 -24.88 -4.09 17.14
C GLU A 1252 -23.62 -4.95 17.32
N GLY A 1253 -23.49 -5.99 16.51
CA GLY A 1253 -22.37 -6.90 16.66
C GLY A 1253 -21.40 -6.95 15.49
N GLY A 1254 -21.72 -6.25 14.40
CA GLY A 1254 -20.84 -6.22 13.26
C GLY A 1254 -20.87 -7.48 12.41
N ASN A 1255 -21.89 -8.31 12.56
CA ASN A 1255 -22.11 -9.51 11.74
C ASN A 1255 -21.02 -10.56 11.97
N ASN A 1256 -21.22 -11.75 11.41
CA ASN A 1256 -20.26 -12.84 11.58
C ASN A 1256 -18.98 -12.55 10.81
N ASN A 1257 -17.84 -12.86 11.42
CA ASN A 1257 -16.56 -12.52 10.82
C ASN A 1257 -16.31 -13.26 9.51
N GLY A 1258 -16.11 -14.58 9.59
CA GLY A 1258 -15.96 -15.39 8.40
C GLY A 1258 -14.55 -15.39 7.86
N GLU A 1259 -13.88 -16.55 7.88
CA GLU A 1259 -12.48 -16.66 7.44
C GLU A 1259 -12.08 -18.12 7.35
N ASP A 1260 -11.07 -18.38 6.51
CA ASP A 1260 -10.38 -19.66 6.51
C ASP A 1260 -9.04 -19.50 7.23
N ILE A 1261 -8.18 -20.50 7.11
CA ILE A 1261 -6.82 -20.39 7.64
C ILE A 1261 -6.04 -19.42 6.77
N ASN A 1262 -5.82 -18.22 7.28
CA ASN A 1262 -5.06 -17.18 6.60
C ASN A 1262 -3.62 -17.29 7.06
N ASN A 1263 -2.79 -17.96 6.25
CA ASN A 1263 -1.38 -18.10 6.59
C ASN A 1263 -0.55 -16.91 6.12
N LEU A 1264 -1.17 -15.92 5.48
CA LEU A 1264 -0.47 -14.69 5.14
C LEU A 1264 -0.26 -13.90 6.43
N GLN A 1265 0.63 -14.39 7.28
CA GLN A 1265 0.95 -13.75 8.55
C GLN A 1265 2.33 -14.18 9.03
N PRO A 1266 3.36 -13.42 8.70
CA PRO A 1266 4.74 -13.73 9.21
C PRO A 1266 4.80 -13.69 10.73
N LEU A 1267 5.62 -14.58 11.31
CA LEU A 1267 5.76 -14.57 12.76
C LEU A 1267 6.41 -13.29 13.26
N GLU A 1268 7.01 -12.52 12.36
CA GLU A 1268 7.55 -11.22 12.76
C GLU A 1268 6.44 -10.26 13.17
N THR A 1269 5.34 -10.24 12.41
CA THR A 1269 4.23 -9.34 12.73
C THR A 1269 3.38 -9.87 13.87
N THR A 1270 3.28 -11.19 14.02
CA THR A 1270 2.38 -11.75 15.02
C THR A 1270 2.89 -11.51 16.44
N ILE A 1271 4.18 -11.22 16.59
CA ILE A 1271 4.73 -10.99 17.93
C ILE A 1271 4.20 -9.66 18.46
N THR A 1272 3.65 -9.69 19.67
CA THR A 1272 3.09 -8.49 20.28
C THR A 1272 4.18 -7.47 20.53
N ASP A 1273 3.89 -6.21 20.23
CA ASP A 1273 4.87 -5.15 20.44
C ASP A 1273 5.24 -5.01 21.91
N VAL A 1274 4.33 -5.36 22.82
CA VAL A 1274 4.63 -5.26 24.24
C VAL A 1274 5.76 -6.22 24.60
N GLU A 1275 5.70 -7.46 24.11
CA GLU A 1275 6.77 -8.42 24.38
C GLU A 1275 8.04 -8.04 23.64
N ARG A 1276 7.92 -7.39 22.48
CA ARG A 1276 9.10 -6.94 21.75
C ARG A 1276 9.86 -5.87 22.53
N PHE A 1277 9.13 -4.88 23.05
CA PHE A 1277 9.76 -3.77 23.76
C PHE A 1277 9.87 -4.00 25.26
N LYS A 1278 9.47 -5.17 25.76
CA LYS A 1278 9.66 -5.47 27.17
C LYS A 1278 11.15 -5.43 27.54
N ASP A 1279 12.01 -5.99 26.69
CA ASP A 1279 13.44 -5.98 26.96
C ASP A 1279 14.12 -4.75 26.35
N THR A 1280 13.61 -3.57 26.69
CA THR A 1280 14.18 -2.31 26.23
C THR A 1280 14.26 -1.36 27.42
N VAL A 1281 15.01 -0.28 27.24
CA VAL A 1281 15.16 0.76 28.25
C VAL A 1281 14.58 2.05 27.69
N THR A 1282 14.04 2.87 28.58
CA THR A 1282 13.33 4.07 28.17
C THR A 1282 14.30 5.13 27.62
N LEU A 1283 13.76 5.98 26.76
CA LEU A 1283 14.49 7.14 26.28
C LEU A 1283 14.64 8.14 27.41
N GLU A 1284 15.82 8.74 27.55
CA GLU A 1284 16.08 9.75 28.56
C GLU A 1284 16.33 11.08 27.89
N LEU A 1285 15.72 12.15 28.40
CA LEU A 1285 15.86 13.47 27.84
C LEU A 1285 16.35 14.45 28.89
N SER A 1286 17.11 15.45 28.43
CA SER A 1286 17.56 16.55 29.27
C SER A 1286 16.94 17.84 28.76
N CYS A 1287 16.32 18.60 29.65
CA CYS A 1287 15.76 19.88 29.26
C CYS A 1287 16.88 20.85 28.92
N PRO A 1288 16.83 21.51 27.77
CA PRO A 1288 17.91 22.46 27.42
C PRO A 1288 18.08 23.59 28.40
N SER A 1289 17.02 23.99 29.11
CA SER A 1289 17.08 25.15 29.98
C SER A 1289 17.29 24.77 31.44
N CYS A 1290 16.39 23.97 32.00
CA CYS A 1290 16.45 23.63 33.42
C CYS A 1290 17.25 22.36 33.71
N ASP A 1291 17.79 21.71 32.68
CA ASP A 1291 18.68 20.56 32.80
C ASP A 1291 18.06 19.38 33.55
N LYS A 1292 16.74 19.34 33.67
CA LYS A 1292 16.10 18.20 34.32
C LYS A 1292 16.09 17.00 33.37
N ARG A 1293 16.30 15.81 33.93
CA ARG A 1293 16.33 14.58 33.16
C ARG A 1293 15.05 13.80 33.41
N PHE A 1294 14.33 13.49 32.34
CA PHE A 1294 13.06 12.79 32.45
C PHE A 1294 12.96 11.76 31.35
N PRO A 1295 12.29 10.64 31.59
CA PRO A 1295 12.03 9.68 30.51
C PRO A 1295 10.87 10.11 29.63
N PHE A 1296 11.11 10.16 28.33
CA PHE A 1296 10.10 10.48 27.34
C PHE A 1296 9.32 9.23 26.98
N GLY A 1297 7.99 9.36 26.91
CA GLY A 1297 7.14 8.22 26.63
C GLY A 1297 6.10 8.47 25.56
N GLY A 1298 6.42 9.37 24.63
CA GLY A 1298 5.46 9.74 23.60
C GLY A 1298 4.44 10.74 24.11
N ILE A 1299 3.35 10.86 23.37
CA ILE A 1299 2.27 11.78 23.76
C ILE A 1299 1.43 11.01 24.77
N VAL A 1300 1.81 11.15 26.03
CA VAL A 1300 1.19 10.43 27.13
C VAL A 1300 1.36 11.25 28.41
N SER A 1301 0.67 10.85 29.45
CA SER A 1301 0.72 11.58 30.72
C SER A 1301 2.08 11.43 31.38
N SER A 1302 2.52 12.49 32.06
CA SER A 1302 3.78 12.47 32.78
C SER A 1302 3.84 13.68 33.71
N ASN A 1303 4.73 13.60 34.69
CA ASN A 1303 4.93 14.67 35.65
C ASN A 1303 6.01 15.66 35.23
N TYR A 1304 6.65 15.44 34.09
CA TYR A 1304 7.82 16.20 33.72
C TYR A 1304 7.69 16.97 32.41
N TYR A 1305 7.01 16.41 31.40
CA TYR A 1305 6.86 17.09 30.13
C TYR A 1305 5.39 17.17 29.76
N ARG A 1306 5.05 18.22 29.01
CA ARG A 1306 3.74 18.34 28.40
C ARG A 1306 3.93 18.48 26.90
N VAL A 1307 3.12 17.77 26.13
CA VAL A 1307 3.12 17.92 24.68
C VAL A 1307 2.10 19.03 24.39
N SER A 1308 2.55 20.27 24.51
CA SER A 1308 1.68 21.41 24.26
C SER A 1308 1.35 21.48 22.78
N TYR A 1309 0.44 22.39 22.43
CA TYR A 1309 0.07 22.55 21.03
C TYR A 1309 1.26 23.01 20.20
N ASN A 1310 2.07 23.92 20.72
CA ASN A 1310 3.23 24.39 19.98
C ASN A 1310 4.31 23.31 19.90
N GLY A 1311 4.46 22.51 20.94
CA GLY A 1311 5.46 21.45 20.93
C GLY A 1311 5.69 20.92 22.33
N LEU A 1312 6.74 20.12 22.46
CA LEU A 1312 7.09 19.53 23.75
C LEU A 1312 7.48 20.61 24.74
N GLN A 1313 6.94 20.53 25.95
CA GLN A 1313 7.17 21.52 26.99
C GLN A 1313 7.54 20.82 28.28
N CYS A 1314 8.41 21.47 29.07
CA CYS A 1314 8.82 20.93 30.36
C CYS A 1314 7.91 21.46 31.45
N LYS A 1315 7.52 20.60 32.40
CA LYS A 1315 6.66 21.04 33.47
C LYS A 1315 7.39 21.90 34.50
N HIS A 1316 8.69 21.65 34.70
CA HIS A 1316 9.42 22.35 35.75
C HIS A 1316 9.74 23.79 35.36
N CYS A 1317 10.07 24.03 34.09
CA CYS A 1317 10.51 25.35 33.66
C CYS A 1317 9.68 25.93 32.52
N GLU A 1318 8.72 25.18 31.99
CA GLU A 1318 7.78 25.64 30.97
C GLU A 1318 8.47 26.12 29.69
N GLN A 1319 9.65 25.59 29.37
CA GLN A 1319 10.33 25.95 28.14
C GLN A 1319 9.97 24.98 27.02
N LEU A 1320 10.12 25.44 25.79
CA LEU A 1320 9.71 24.69 24.60
C LEU A 1320 10.92 24.07 23.94
N PHE A 1321 10.87 22.74 23.74
CA PHE A 1321 11.90 22.06 22.98
C PHE A 1321 11.82 22.48 21.51
N THR A 1322 12.91 23.02 21.01
CA THR A 1322 12.96 23.13 19.56
C THR A 1322 13.18 21.76 18.96
N PRO A 1323 12.78 21.55 17.70
CA PRO A 1323 12.94 20.21 17.10
C PRO A 1323 14.36 19.68 17.16
N LEU A 1324 15.36 20.55 16.98
CA LEU A 1324 16.74 20.10 17.05
C LEU A 1324 17.08 19.60 18.46
N GLN A 1325 16.57 20.29 19.49
CA GLN A 1325 16.90 19.93 20.86
C GLN A 1325 16.34 18.57 21.26
N LEU A 1326 15.43 18.01 20.46
CA LEU A 1326 14.90 16.67 20.68
C LEU A 1326 15.52 15.64 19.74
N THR A 1327 15.68 16.00 18.46
CA THR A 1327 16.30 15.07 17.53
C THR A 1327 17.76 14.80 17.88
N SER A 1328 18.49 15.81 18.35
CA SER A 1328 19.88 15.58 18.74
C SER A 1328 19.96 14.60 19.90
N GLN A 1329 19.07 14.73 20.87
CA GLN A 1329 19.09 13.80 22.01
C GLN A 1329 18.68 12.40 21.57
N ILE A 1330 17.71 12.30 20.65
CA ILE A 1330 17.32 10.99 20.12
C ILE A 1330 18.52 10.33 19.45
N GLU A 1331 19.21 11.09 18.60
CA GLU A 1331 20.35 10.55 17.88
C GLU A 1331 21.48 10.19 18.83
N HIS A 1332 21.68 10.98 19.88
CA HIS A 1332 22.70 10.65 20.87
C HIS A 1332 22.39 9.35 21.58
N SER A 1333 21.14 9.15 21.98
CA SER A 1333 20.77 7.89 22.62
C SER A 1333 20.95 6.71 21.66
N ILE A 1334 20.54 6.89 20.41
CA ILE A 1334 20.67 5.81 19.42
C ILE A 1334 22.13 5.44 19.22
N ARG A 1335 23.00 6.45 19.06
CA ARG A 1335 24.41 6.16 18.83
C ARG A 1335 25.08 5.59 20.07
N ALA A 1336 24.66 6.00 21.27
CA ALA A 1336 25.21 5.40 22.48
C ALA A 1336 24.83 3.92 22.57
N HIS A 1337 23.59 3.59 22.26
CA HIS A 1337 23.19 2.19 22.24
C HIS A 1337 23.97 1.41 21.19
N ILE A 1338 24.16 2.00 20.01
CA ILE A 1338 24.90 1.33 18.94
C ILE A 1338 26.35 1.10 19.35
N SER A 1339 26.97 2.09 19.99
CA SER A 1339 28.35 1.93 20.44
C SER A 1339 28.45 0.87 21.53
N LEU A 1340 27.46 0.80 22.42
CA LEU A 1340 27.44 -0.27 23.41
C LEU A 1340 27.30 -1.63 22.74
N TYR A 1341 26.51 -1.70 21.67
CA TYR A 1341 26.37 -2.94 20.92
C TYR A 1341 27.68 -3.35 20.26
N TYR A 1342 28.40 -2.38 19.69
CA TYR A 1342 29.69 -2.64 19.07
C TYR A 1342 30.81 -2.80 20.07
N ALA A 1343 30.57 -2.54 21.36
CA ALA A 1343 31.58 -2.83 22.38
C ALA A 1343 31.90 -4.32 22.44
N GLY A 1344 31.01 -5.16 21.92
CA GLY A 1344 31.28 -6.58 21.80
C GLY A 1344 31.47 -7.32 23.11
N TRP A 1345 30.61 -7.06 24.09
CA TRP A 1345 30.64 -7.86 25.31
C TRP A 1345 30.04 -9.23 25.03
N LEU A 1346 30.66 -10.26 25.60
CA LEU A 1346 30.26 -11.64 25.37
C LEU A 1346 29.82 -12.24 26.70
N GLN A 1347 28.79 -13.08 26.66
CA GLN A 1347 28.28 -13.71 27.86
C GLN A 1347 28.12 -15.21 27.64
N CYS A 1348 28.47 -15.98 28.67
CA CYS A 1348 28.42 -17.43 28.60
C CYS A 1348 27.06 -17.95 29.02
N ASP A 1349 26.56 -18.96 28.29
CA ASP A 1349 25.27 -19.55 28.61
C ASP A 1349 25.28 -20.20 29.98
N ASP A 1350 26.38 -20.86 30.34
CA ASP A 1350 26.46 -21.62 31.58
C ASP A 1350 26.14 -20.74 32.78
N SER A 1351 25.28 -21.27 33.67
CA SER A 1351 24.80 -20.47 34.80
C SER A 1351 25.84 -20.36 35.90
N THR A 1352 26.66 -21.38 36.11
CA THR A 1352 27.69 -21.33 37.14
C THR A 1352 28.98 -20.70 36.63
N CYS A 1353 29.01 -20.24 35.38
CA CYS A 1353 30.12 -19.45 34.87
C CYS A 1353 29.70 -18.02 34.58
N GLY A 1354 28.73 -17.82 33.68
CA GLY A 1354 28.14 -16.53 33.40
C GLY A 1354 29.11 -15.38 33.16
N ILE A 1355 30.36 -15.68 32.83
CA ILE A 1355 31.39 -14.66 32.76
C ILE A 1355 31.15 -13.76 31.55
N VAL A 1356 31.34 -12.45 31.74
CA VAL A 1356 31.19 -11.45 30.69
C VAL A 1356 32.56 -10.90 30.34
N THR A 1357 32.93 -11.01 29.07
CA THR A 1357 34.23 -10.54 28.58
C THR A 1357 34.06 -9.98 27.19
N ARG A 1358 35.08 -9.24 26.75
CA ARG A 1358 35.22 -8.86 25.35
C ARG A 1358 36.23 -9.72 24.61
N GLN A 1359 36.81 -10.71 25.27
CA GLN A 1359 37.71 -11.65 24.61
C GLN A 1359 36.91 -12.71 23.86
N VAL A 1360 37.28 -12.95 22.61
CA VAL A 1360 36.68 -14.00 21.80
C VAL A 1360 37.78 -14.96 21.36
N SER A 1361 37.48 -16.25 21.39
CA SER A 1361 38.40 -17.24 20.89
C SER A 1361 38.29 -17.39 19.38
N VAL A 1362 39.29 -18.01 18.77
CA VAL A 1362 39.19 -18.36 17.36
C VAL A 1362 38.03 -19.30 17.12
N PHE A 1363 37.59 -19.99 18.17
CA PHE A 1363 36.28 -20.64 18.20
C PHE A 1363 35.34 -19.67 18.92
N GLY A 1364 34.46 -19.03 18.15
CA GLY A 1364 33.70 -17.91 18.68
C GLY A 1364 32.76 -18.31 19.82
N LYS A 1365 32.16 -19.48 19.71
CA LYS A 1365 31.15 -19.90 20.68
C LYS A 1365 31.75 -20.66 21.87
N ARG A 1366 33.06 -20.84 21.91
CA ARG A 1366 33.68 -21.56 23.01
C ARG A 1366 34.01 -20.63 24.17
N CYS A 1367 33.52 -20.97 25.35
CA CYS A 1367 33.80 -20.18 26.55
C CYS A 1367 35.28 -20.30 26.91
N LEU A 1368 35.82 -19.24 27.50
CA LEU A 1368 37.24 -19.17 27.78
C LEU A 1368 37.62 -19.67 29.17
N ASN A 1369 36.65 -20.09 29.99
CA ASN A 1369 36.97 -20.74 31.24
C ASN A 1369 37.49 -22.14 30.97
N ASP A 1370 38.40 -22.61 31.83
CA ASP A 1370 38.99 -23.93 31.64
C ASP A 1370 37.95 -25.02 31.80
N GLY A 1371 37.62 -25.70 30.70
CA GLY A 1371 36.68 -26.79 30.72
C GLY A 1371 35.22 -26.41 30.70
N CYS A 1372 34.90 -25.12 30.62
CA CYS A 1372 33.51 -24.70 30.60
C CYS A 1372 32.86 -25.06 29.27
N THR A 1373 31.70 -25.72 29.33
CA THR A 1373 30.99 -26.16 28.14
C THR A 1373 29.89 -25.21 27.70
N GLY A 1374 29.70 -24.10 28.42
CA GLY A 1374 28.64 -23.19 28.09
C GLY A 1374 28.83 -22.51 26.74
N VAL A 1375 27.72 -22.06 26.16
CA VAL A 1375 27.72 -21.41 24.87
C VAL A 1375 27.93 -19.91 25.07
N MET A 1376 28.97 -19.37 24.45
CA MET A 1376 29.28 -17.96 24.57
C MET A 1376 28.48 -17.18 23.53
N ARG A 1377 27.79 -16.14 23.98
CA ARG A 1377 26.94 -15.33 23.11
C ARG A 1377 27.15 -13.86 23.39
N TYR A 1378 26.81 -13.03 22.40
CA TYR A 1378 26.88 -11.58 22.59
C TYR A 1378 25.95 -11.15 23.71
N LYS A 1379 26.43 -10.24 24.56
CA LYS A 1379 25.59 -9.72 25.63
C LYS A 1379 24.53 -8.77 25.08
N TYR A 1380 24.90 -7.92 24.11
CA TYR A 1380 23.97 -7.03 23.44
C TYR A 1380 23.68 -7.62 22.06
N SER A 1381 22.70 -8.52 22.03
CA SER A 1381 22.29 -9.13 20.77
C SER A 1381 21.68 -8.09 19.84
N ASP A 1382 21.91 -8.26 18.54
CA ASP A 1382 21.35 -7.34 17.57
C ASP A 1382 19.84 -7.44 17.50
N LYS A 1383 19.26 -8.54 17.98
CA LYS A 1383 17.81 -8.60 18.13
C LYS A 1383 17.34 -7.61 19.19
N GLN A 1384 18.05 -7.53 20.31
CA GLN A 1384 17.71 -6.56 21.34
C GLN A 1384 17.87 -5.13 20.84
N LEU A 1385 18.91 -4.88 20.05
CA LEU A 1385 19.12 -3.54 19.50
C LEU A 1385 18.05 -3.19 18.47
N TYR A 1386 17.62 -4.16 17.68
CA TYR A 1386 16.50 -3.92 16.77
C TYR A 1386 15.22 -3.64 17.54
N ASN A 1387 15.02 -4.35 18.66
CA ASN A 1387 13.86 -4.07 19.51
C ASN A 1387 13.91 -2.66 20.06
N GLN A 1388 15.09 -2.22 20.51
CA GLN A 1388 15.23 -0.87 21.05
C GLN A 1388 14.99 0.19 19.98
N LEU A 1389 15.53 -0.04 18.78
CA LEU A 1389 15.30 0.92 17.69
C LEU A 1389 13.83 0.95 17.29
N LEU A 1390 13.16 -0.20 17.30
CA LEU A 1390 11.73 -0.22 17.00
C LEU A 1390 10.94 0.48 18.09
N TYR A 1391 11.40 0.39 19.35
CA TYR A 1391 10.75 1.14 20.41
C TYR A 1391 10.90 2.64 20.22
N PHE A 1392 12.10 3.09 19.88
CA PHE A 1392 12.29 4.51 19.59
C PHE A 1392 11.45 4.94 18.40
N ASP A 1393 11.29 4.06 17.41
CA ASP A 1393 10.42 4.35 16.29
C ASP A 1393 8.96 4.47 16.72
N SER A 1394 8.52 3.57 17.59
CA SER A 1394 7.14 3.59 18.04
C SER A 1394 6.82 4.82 18.87
N LEU A 1395 7.80 5.29 19.67
CA LEU A 1395 7.58 6.47 20.49
C LEU A 1395 7.25 7.70 19.67
N PHE A 1396 7.63 7.74 18.39
CA PHE A 1396 7.38 8.89 17.53
C PHE A 1396 6.49 8.56 16.34
N ASP A 1397 5.68 7.52 16.43
CA ASP A 1397 4.77 7.15 15.35
C ASP A 1397 3.37 7.58 15.76
N CYS A 1398 2.75 8.43 14.93
CA CYS A 1398 1.47 9.05 15.30
C CYS A 1398 0.37 8.00 15.48
N GLU A 1399 0.32 7.01 14.60
CA GLU A 1399 -0.73 6.01 14.68
C GLU A 1399 -0.71 5.29 16.03
N LYS A 1400 0.45 4.76 16.43
CA LYS A 1400 0.53 4.03 17.69
C LYS A 1400 0.16 4.92 18.87
N ASN A 1401 0.59 6.18 18.84
CA ASN A 1401 0.27 7.09 19.95
C ASN A 1401 -1.22 7.36 20.02
N LYS A 1402 -1.90 7.44 18.86
CA LYS A 1402 -3.33 7.74 18.88
C LYS A 1402 -4.14 6.56 19.38
N LYS A 1403 -3.76 5.33 19.01
CA LYS A 1403 -4.44 4.16 19.56
C LYS A 1403 -3.95 3.82 20.96
N GLN A 1404 -3.01 4.58 21.51
CA GLN A 1404 -2.44 4.34 22.84
C GLN A 1404 -1.80 2.97 22.92
N GLU A 1405 -1.03 2.60 21.90
CA GLU A 1405 -0.29 1.35 21.87
C GLU A 1405 1.18 1.53 22.25
N LEU A 1406 1.50 2.56 23.03
CA LEU A 1406 2.86 2.74 23.49
C LEU A 1406 3.04 2.15 24.89
N LYS A 1407 4.21 1.57 25.10
CA LYS A 1407 4.51 0.95 26.39
C LYS A 1407 4.53 2.02 27.49
N PRO A 1408 3.82 1.79 28.60
CA PRO A 1408 3.85 2.75 29.70
C PRO A 1408 5.27 2.91 30.24
N ILE A 1409 5.64 4.15 30.53
CA ILE A 1409 6.99 4.45 31.01
C ILE A 1409 7.12 4.32 32.51
N TYR A 1410 6.02 4.19 33.24
CA TYR A 1410 6.04 4.11 34.69
C TYR A 1410 5.21 2.93 35.17
N LEU A 1411 5.75 2.18 36.11
CA LEU A 1411 4.95 1.16 36.79
C LEU A 1411 4.04 1.84 37.81
N PRO A 1412 2.91 1.21 38.14
CA PRO A 1412 1.93 1.88 39.01
C PRO A 1412 2.47 2.25 40.38
N ASP A 1413 3.53 1.59 40.84
CA ASP A 1413 4.13 1.88 42.14
C ASP A 1413 5.20 2.95 42.08
N ASP A 1414 5.54 3.45 40.90
N ASP A 1414 5.54 3.46 40.90
CA ASP A 1414 6.59 4.46 40.77
CA ASP A 1414 6.59 4.46 40.78
C ASP A 1414 6.15 5.77 41.40
C ASP A 1414 6.15 5.77 41.40
N LEU A 1415 7.08 6.41 42.13
CA LEU A 1415 6.78 7.70 42.74
C LEU A 1415 6.61 8.80 41.70
N ASP A 1416 7.10 8.60 40.49
CA ASP A 1416 6.93 9.56 39.40
C ASP A 1416 5.72 9.26 38.54
N TYR A 1417 4.80 8.42 39.02
CA TYR A 1417 3.63 8.05 38.23
C TYR A 1417 2.80 9.29 37.94
N PRO A 1418 2.44 9.55 36.68
CA PRO A 1418 1.61 10.71 36.36
C PRO A 1418 0.33 10.72 37.17
N LYS A 1419 0.01 11.89 37.73
CA LYS A 1419 -1.17 12.00 38.58
C LYS A 1419 -2.42 12.32 37.77
N GLU A 1420 -2.25 12.86 36.57
CA GLU A 1420 -3.36 13.17 35.68
C GLU A 1420 -3.15 12.45 34.36
N GLN A 1421 -4.12 11.61 33.99
CA GLN A 1421 -4.02 10.79 32.78
C GLN A 1421 -4.69 11.52 31.63
N LEU A 1422 -4.02 11.55 30.48
CA LEU A 1422 -4.54 12.23 29.31
C LEU A 1422 -5.76 11.51 28.77
N THR A 1423 -6.69 12.29 28.21
CA THR A 1423 -7.88 11.75 27.57
C THR A 1423 -7.57 11.42 26.11
N GLU A 1424 -8.32 10.44 25.58
CA GLU A 1424 -8.04 9.95 24.23
C GLU A 1424 -8.22 11.06 23.20
N SER A 1425 -9.26 11.86 23.34
CA SER A 1425 -9.47 12.98 22.43
C SER A 1425 -8.29 13.94 22.47
N SER A 1426 -7.76 14.20 23.66
CA SER A 1426 -6.58 15.04 23.79
C SER A 1426 -5.41 14.46 23.01
N ILE A 1427 -5.18 13.14 23.15
CA ILE A 1427 -4.06 12.52 22.46
C ILE A 1427 -4.23 12.61 20.96
N LYS A 1428 -5.44 12.37 20.45
CA LYS A 1428 -5.68 12.49 19.02
C LYS A 1428 -5.40 13.92 18.53
N ALA A 1429 -5.93 14.91 19.24
CA ALA A 1429 -5.74 16.30 18.82
C ALA A 1429 -4.27 16.68 18.86
N LEU A 1430 -3.55 16.29 19.92
CA LEU A 1430 -2.13 16.62 20.02
C LEU A 1430 -1.32 15.93 18.93
N THR A 1431 -1.52 14.64 18.73
CA THR A 1431 -0.76 13.90 17.74
C THR A 1431 -1.03 14.43 16.33
N GLU A 1432 -2.23 14.95 16.09
CA GLU A 1432 -2.46 15.64 14.83
C GLU A 1432 -1.81 17.02 14.81
N GLN A 1433 -1.69 17.68 15.96
CA GLN A 1433 -1.17 19.04 15.99
C GLN A 1433 0.35 19.05 15.92
N ASN A 1434 1.01 18.02 16.48
CA ASN A 1434 2.46 17.88 16.41
C ASN A 1434 2.89 16.83 15.39
N ARG A 1435 2.18 16.75 14.27
CA ARG A 1435 2.51 15.74 13.26
C ARG A 1435 3.90 15.95 12.70
N GLU A 1436 4.27 17.21 12.45
CA GLU A 1436 5.60 17.49 11.90
C GLU A 1436 6.71 17.08 12.87
N LEU A 1437 6.55 17.42 14.15
CA LEU A 1437 7.58 17.09 15.13
C LEU A 1437 7.70 15.59 15.32
N MET A 1438 6.57 14.89 15.41
CA MET A 1438 6.62 13.43 15.54
C MET A 1438 7.24 12.78 14.31
N GLU A 1439 6.89 13.29 13.12
CA GLU A 1439 7.44 12.69 11.90
C GLU A 1439 8.94 12.95 11.78
N THR A 1440 9.41 14.11 12.22
CA THR A 1440 10.85 14.36 12.19
C THR A 1440 11.58 13.50 13.21
N GLY A 1441 11.05 13.41 14.43
CA GLY A 1441 11.64 12.52 15.42
C GLY A 1441 11.61 11.07 15.00
N ARG A 1442 10.64 10.69 14.17
CA ARG A 1442 10.62 9.34 13.63
C ARG A 1442 11.62 9.18 12.49
N SER A 1443 11.80 10.23 11.68
CA SER A 1443 12.77 10.15 10.58
C SER A 1443 14.18 10.04 11.11
N VAL A 1444 14.45 10.63 12.27
CA VAL A 1444 15.77 10.49 12.87
C VAL A 1444 16.05 9.03 13.20
N VAL A 1445 15.06 8.32 13.73
CA VAL A 1445 15.22 6.91 14.02
C VAL A 1445 15.30 6.10 12.73
N GLN A 1446 14.51 6.49 11.72
CA GLN A 1446 14.53 5.79 10.44
C GLN A 1446 15.86 5.96 9.73
N LYS A 1447 16.63 6.98 10.10
CA LYS A 1447 17.99 7.12 9.56
C LYS A 1447 18.83 5.90 9.91
N TYR A 1448 18.63 5.33 11.11
CA TYR A 1448 19.39 4.18 11.55
C TYR A 1448 18.63 2.87 11.47
N LEU A 1449 17.31 2.90 11.21
CA LEU A 1449 16.59 1.66 11.02
C LEU A 1449 16.74 1.14 9.60
N ASN A 1450 16.87 2.04 8.62
CA ASN A 1450 17.11 1.59 7.25
C ASN A 1450 18.45 0.87 7.12
N ASP A 1451 19.49 1.38 7.78
CA ASP A 1451 20.79 0.70 7.75
C ASP A 1451 20.77 -0.61 8.52
N CYS A 1452 19.93 -0.74 9.55
CA CYS A 1452 19.85 -1.97 10.31
C CYS A 1452 18.92 -2.96 9.64
N ASP B 14 22.44 -92.55 -15.90
CA ASP B 14 22.46 -91.74 -17.11
C ASP B 14 22.87 -90.30 -16.81
N MET B 15 22.25 -89.68 -15.80
CA MET B 15 22.62 -88.31 -15.45
C MET B 15 24.04 -88.26 -14.89
N GLU B 16 24.44 -89.28 -14.13
CA GLU B 16 25.81 -89.31 -13.61
C GLU B 16 26.81 -89.32 -14.76
N TYR B 17 26.57 -90.16 -15.78
CA TYR B 17 27.48 -90.22 -16.93
C TYR B 17 27.43 -88.92 -17.72
N TYR B 18 26.24 -88.33 -17.86
CA TYR B 18 26.12 -87.07 -18.60
C TYR B 18 26.94 -85.96 -17.94
N TYR B 19 26.84 -85.85 -16.61
CA TYR B 19 27.60 -84.81 -15.92
C TYR B 19 29.08 -85.16 -15.81
N LYS B 20 29.40 -86.46 -15.85
CA LYS B 20 30.80 -86.87 -15.74
C LYS B 20 31.56 -86.61 -17.05
N SER B 21 30.94 -86.91 -18.19
CA SER B 21 31.67 -86.94 -19.45
C SER B 21 31.15 -85.98 -20.52
N LEU B 22 29.86 -85.68 -20.56
CA LEU B 22 29.28 -84.97 -21.70
C LEU B 22 28.93 -83.52 -21.42
N TYR B 23 28.62 -83.15 -20.19
CA TYR B 23 28.21 -81.77 -19.93
C TYR B 23 29.39 -80.82 -20.09
N PRO B 24 29.23 -79.69 -20.78
CA PRO B 24 30.29 -78.68 -20.95
C PRO B 24 30.41 -77.71 -19.77
N PHE B 25 31.13 -78.13 -18.73
CA PHE B 25 31.23 -77.32 -17.52
C PHE B 25 32.17 -76.13 -17.71
N LYS B 26 33.32 -76.35 -18.36
CA LYS B 26 34.28 -75.27 -18.58
C LYS B 26 33.64 -74.13 -19.37
N HIS B 27 32.88 -74.47 -20.39
CA HIS B 27 32.33 -73.45 -21.28
C HIS B 27 31.22 -72.66 -20.61
N ILE B 28 30.37 -73.34 -19.83
CA ILE B 28 29.35 -72.64 -19.06
C ILE B 28 30.01 -71.72 -18.03
N PHE B 29 31.05 -72.21 -17.36
CA PHE B 29 31.76 -71.39 -16.39
C PHE B 29 32.35 -70.14 -17.03
N ASN B 30 32.99 -70.29 -18.20
CA ASN B 30 33.56 -69.14 -18.89
C ASN B 30 32.47 -68.17 -19.34
N TRP B 31 31.33 -68.69 -19.79
CA TRP B 31 30.23 -67.82 -20.21
C TRP B 31 29.68 -67.02 -19.04
N LEU B 32 29.49 -67.68 -17.90
CA LEU B 32 28.89 -67.00 -16.74
C LEU B 32 29.86 -66.06 -16.04
N ASN B 33 31.15 -66.38 -16.02
CA ASN B 33 32.11 -65.54 -15.32
C ASN B 33 32.50 -64.31 -16.11
N HIS B 34 32.23 -64.31 -17.43
CA HIS B 34 32.55 -63.20 -18.33
C HIS B 34 34.04 -62.85 -18.31
N SER B 35 34.88 -63.76 -17.83
CA SER B 35 36.31 -63.55 -17.78
C SER B 35 36.99 -64.91 -17.73
N PRO B 36 38.09 -65.11 -18.44
CA PRO B 36 38.78 -66.41 -18.38
C PRO B 36 39.21 -66.79 -16.98
N LYS B 37 39.62 -65.82 -16.15
CA LYS B 37 39.98 -66.07 -14.77
C LYS B 37 38.74 -66.07 -13.88
N PRO B 38 38.72 -66.91 -12.84
CA PRO B 38 37.60 -66.88 -11.90
C PRO B 38 37.48 -65.52 -11.22
N SER B 39 36.24 -65.09 -11.01
CA SER B 39 35.96 -63.80 -10.40
C SER B 39 34.69 -63.93 -9.56
N ARG B 40 34.17 -62.79 -9.09
CA ARG B 40 32.95 -62.78 -8.30
C ARG B 40 31.72 -63.07 -9.14
N ASP B 41 31.82 -63.05 -10.47
CA ASP B 41 30.68 -63.38 -11.31
C ASP B 41 30.25 -64.83 -11.18
N MET B 42 31.15 -65.71 -10.78
CA MET B 42 30.86 -67.13 -10.57
C MET B 42 30.85 -67.53 -9.11
N ILE B 43 31.68 -66.90 -8.28
CA ILE B 43 31.71 -67.21 -6.86
C ILE B 43 30.42 -66.76 -6.19
N ASN B 44 29.88 -65.61 -6.61
CA ASN B 44 28.69 -65.04 -6.01
C ASN B 44 27.41 -65.33 -6.79
N ARG B 45 27.50 -66.12 -7.85
CA ARG B 45 26.34 -66.42 -8.67
C ARG B 45 25.52 -67.55 -8.04
N GLU B 46 24.20 -67.36 -7.99
CA GLU B 46 23.32 -68.33 -7.37
C GLU B 46 23.02 -69.49 -8.30
N PHE B 47 23.07 -70.70 -7.75
CA PHE B 47 22.70 -71.91 -8.46
C PHE B 47 21.62 -72.65 -7.67
N ALA B 48 20.56 -73.04 -8.35
CA ALA B 48 19.48 -73.83 -7.77
C ALA B 48 19.46 -75.21 -8.42
N MET B 49 19.25 -76.24 -7.61
CA MET B 49 19.34 -77.62 -8.05
C MET B 49 18.00 -78.31 -7.86
N ALA B 50 17.50 -78.93 -8.92
CA ALA B 50 16.23 -79.66 -8.89
C ALA B 50 16.54 -81.16 -8.86
N PHE B 51 15.98 -81.86 -7.87
CA PHE B 51 16.25 -83.27 -7.67
C PHE B 51 15.02 -84.10 -8.02
N TYR B 56 14.28 -79.13 -3.87
CA TYR B 56 14.70 -77.94 -4.59
C TYR B 56 15.63 -77.16 -3.68
N LYS B 57 16.94 -77.30 -3.89
CA LYS B 57 17.96 -76.64 -3.09
C LYS B 57 18.46 -75.42 -3.84
N ARG B 58 18.34 -74.25 -3.22
CA ARG B 58 18.71 -72.99 -3.83
C ARG B 58 20.01 -72.46 -3.21
N TYR B 59 20.46 -71.31 -3.73
CA TYR B 59 21.58 -70.55 -3.16
C TYR B 59 22.86 -71.39 -3.10
N ASN B 60 23.20 -72.00 -4.22
CA ASN B 60 24.48 -72.69 -4.38
C ASN B 60 25.41 -71.85 -5.26
N SER B 61 26.70 -71.94 -4.99
CA SER B 61 27.68 -71.20 -5.78
C SER B 61 28.98 -72.00 -5.80
N PHE B 62 29.79 -71.73 -6.83
CA PHE B 62 31.00 -72.50 -7.10
C PHE B 62 32.16 -71.55 -7.36
N ASN B 63 33.34 -71.91 -6.86
CA ASN B 63 34.52 -71.07 -6.95
C ASN B 63 35.36 -71.34 -8.20
N SER B 64 35.20 -72.48 -8.85
CA SER B 64 36.01 -72.82 -10.00
C SER B 64 35.27 -73.85 -10.85
N VAL B 65 35.85 -74.15 -12.02
CA VAL B 65 35.28 -75.17 -12.89
C VAL B 65 35.32 -76.53 -12.20
N GLN B 66 36.43 -76.84 -11.53
CA GLN B 66 36.55 -78.11 -10.83
C GLN B 66 35.51 -78.24 -9.73
N ASP B 67 35.32 -77.18 -8.94
CA ASP B 67 34.30 -77.21 -7.89
C ASP B 67 32.91 -77.35 -8.48
N PHE B 68 32.63 -76.63 -9.56
CA PHE B 68 31.34 -76.74 -10.25
C PHE B 68 31.08 -78.17 -10.68
N LYS B 69 32.04 -78.76 -11.39
CA LYS B 69 31.88 -80.12 -11.90
C LYS B 69 31.73 -81.12 -10.75
N ALA B 70 32.56 -80.99 -9.71
CA ALA B 70 32.52 -81.93 -8.61
C ALA B 70 31.19 -81.87 -7.86
N GLN B 71 30.70 -80.65 -7.58
CA GLN B 71 29.43 -80.53 -6.87
C GLN B 71 28.27 -81.04 -7.71
N ILE B 72 28.28 -80.76 -9.01
CA ILE B 72 27.19 -81.24 -9.86
C ILE B 72 27.22 -82.77 -9.93
N GLU B 73 28.42 -83.36 -10.06
CA GLU B 73 28.52 -84.81 -10.09
C GLU B 73 28.07 -85.44 -8.78
N LYS B 74 28.47 -84.84 -7.65
CA LYS B 74 28.11 -85.41 -6.36
C LYS B 74 26.61 -85.33 -6.09
N ALA B 75 26.01 -84.16 -6.33
CA ALA B 75 24.59 -84.01 -6.06
C ALA B 75 23.71 -84.76 -7.06
N ASN B 76 24.14 -84.83 -8.31
CA ASN B 76 23.43 -85.54 -9.37
C ASN B 76 21.97 -85.06 -9.51
N PRO B 77 21.76 -83.82 -9.95
CA PRO B 77 20.38 -83.34 -10.14
C PRO B 77 19.88 -83.63 -11.55
N ASP B 78 18.55 -83.65 -11.68
CA ASP B 78 17.96 -83.73 -13.01
C ASP B 78 18.27 -82.48 -13.82
N ARG B 79 18.19 -81.31 -13.18
CA ARG B 79 18.50 -80.05 -13.83
C ARG B 79 18.89 -79.03 -12.77
N PHE B 80 19.61 -78.00 -13.20
CA PHE B 80 19.97 -76.90 -12.33
C PHE B 80 19.76 -75.60 -13.09
N GLU B 81 19.52 -74.52 -12.34
CA GLU B 81 19.10 -73.26 -12.91
C GLU B 81 20.06 -72.14 -12.53
N ILE B 82 20.21 -71.17 -13.42
CA ILE B 82 21.15 -70.07 -13.27
C ILE B 82 20.45 -68.91 -12.56
N GLY B 83 21.07 -68.39 -11.51
CA GLY B 83 20.56 -67.26 -10.78
C GLY B 83 21.30 -65.97 -11.12
N ALA B 84 21.14 -65.00 -10.22
CA ALA B 84 21.76 -63.69 -10.38
C ALA B 84 23.08 -63.63 -9.64
N ILE B 85 23.80 -62.52 -9.84
CA ILE B 85 25.06 -62.27 -9.14
C ILE B 85 24.78 -61.45 -7.90
N TYR B 86 25.24 -61.93 -6.76
CA TYR B 86 24.99 -61.30 -5.48
C TYR B 86 26.26 -60.59 -4.98
N ASN B 87 26.10 -59.81 -3.91
CA ASN B 87 27.24 -59.18 -3.26
C ASN B 87 28.04 -60.17 -2.44
N LYS B 88 27.41 -61.22 -1.93
CA LYS B 88 28.05 -62.23 -1.10
C LYS B 88 27.71 -63.63 -1.64
N PRO B 89 28.56 -64.61 -1.38
CA PRO B 89 28.33 -65.95 -1.93
C PRO B 89 27.02 -66.54 -1.43
N PRO B 90 26.19 -67.06 -2.35
CA PRO B 90 24.92 -67.69 -1.92
C PRO B 90 25.13 -68.91 -1.04
N ARG B 91 26.24 -69.61 -1.16
CA ARG B 91 26.47 -70.80 -0.35
C ARG B 91 26.64 -70.48 1.13
N GLU B 92 26.94 -69.22 1.46
CA GLU B 92 27.08 -68.77 2.83
C GLU B 92 25.86 -68.01 3.33
N ARG B 93 24.71 -68.19 2.68
CA ARG B 93 23.50 -67.46 3.05
C ARG B 93 23.08 -67.76 4.48
N ASP B 94 23.32 -68.98 4.95
CA ASP B 94 22.94 -69.35 6.31
C ASP B 94 23.68 -68.54 7.35
N THR B 95 24.85 -68.00 7.01
CA THR B 95 25.61 -67.13 7.91
C THR B 95 25.32 -65.66 7.70
N LEU B 96 24.42 -65.31 6.78
CA LEU B 96 24.13 -63.94 6.43
C LEU B 96 22.65 -63.63 6.63
N LEU B 97 22.36 -62.37 6.95
CA LEU B 97 20.99 -61.92 7.06
C LEU B 97 20.30 -61.95 5.70
N LYS B 98 18.98 -62.16 5.72
CA LYS B 98 18.22 -62.23 4.48
C LYS B 98 18.27 -60.91 3.72
N SER B 99 18.40 -59.79 4.43
CA SER B 99 18.51 -58.48 3.78
C SER B 99 19.91 -58.18 3.31
N GLU B 100 20.91 -58.97 3.71
CA GLU B 100 22.29 -58.72 3.28
C GLU B 100 22.54 -59.19 1.85
N LEU B 101 21.89 -60.26 1.42
CA LEU B 101 22.09 -60.79 0.07
C LEU B 101 21.25 -59.96 -0.90
N LYS B 102 21.93 -59.12 -1.69
CA LYS B 102 21.30 -58.22 -2.63
C LYS B 102 21.75 -58.56 -4.04
N ALA B 103 20.81 -58.57 -4.98
CA ALA B 103 21.10 -58.95 -6.36
C ALA B 103 21.69 -57.78 -7.13
N LEU B 104 22.76 -58.04 -7.89
CA LEU B 104 23.42 -57.03 -8.69
C LEU B 104 23.16 -57.17 -10.18
N GLU B 105 23.47 -58.34 -10.76
CA GLU B 105 23.42 -58.51 -12.20
C GLU B 105 22.92 -59.91 -12.55
N LYS B 106 22.30 -60.02 -13.72
CA LYS B 106 21.95 -61.29 -14.33
C LYS B 106 21.60 -61.07 -15.79
N GLU B 107 21.90 -62.07 -16.61
CA GLU B 107 21.60 -61.97 -18.03
C GLU B 107 20.11 -61.85 -18.27
N LEU B 108 19.72 -60.93 -19.15
CA LEU B 108 18.32 -60.75 -19.48
C LEU B 108 17.80 -61.97 -20.22
N VAL B 109 16.67 -62.51 -19.76
CA VAL B 109 16.21 -63.81 -20.21
C VAL B 109 14.78 -63.71 -20.73
N PHE B 110 14.51 -64.44 -21.81
CA PHE B 110 13.18 -64.57 -22.38
C PHE B 110 12.83 -66.05 -22.48
N ASP B 111 11.56 -66.37 -22.23
CA ASP B 111 11.07 -67.74 -22.29
C ASP B 111 9.85 -67.79 -23.20
N ILE B 112 9.89 -68.66 -24.21
CA ILE B 112 8.79 -68.87 -25.14
C ILE B 112 8.48 -70.35 -25.18
N ASP B 113 7.19 -70.69 -25.14
CA ASP B 113 6.76 -72.07 -25.15
C ASP B 113 5.68 -72.27 -26.21
N MET B 114 5.41 -73.54 -26.50
CA MET B 114 4.42 -73.93 -27.51
C MET B 114 3.00 -73.90 -26.97
N ASP B 115 2.83 -73.69 -25.66
CA ASP B 115 1.52 -73.81 -25.03
C ASP B 115 0.53 -72.78 -25.56
N ASP B 116 0.98 -71.53 -25.72
CA ASP B 116 0.08 -70.45 -26.09
C ASP B 116 -0.32 -70.48 -27.57
N TYR B 117 0.35 -71.28 -28.39
CA TYR B 117 0.01 -71.41 -29.80
C TYR B 117 -0.80 -72.66 -30.11
N ASP B 118 -1.16 -73.45 -29.09
CA ASP B 118 -1.83 -74.73 -29.34
C ASP B 118 -3.19 -74.53 -29.98
N ALA B 119 -3.85 -73.40 -29.72
CA ALA B 119 -5.13 -73.12 -30.36
C ALA B 119 -5.00 -72.83 -31.85
N PHE B 120 -3.77 -72.69 -32.36
CA PHE B 120 -3.53 -72.33 -33.74
C PHE B 120 -2.77 -73.39 -34.52
N ARG B 121 -2.55 -74.57 -33.94
CA ARG B 121 -1.84 -75.65 -34.61
C ARG B 121 -2.71 -76.90 -34.65
N THR B 122 -2.57 -77.67 -35.73
CA THR B 122 -3.32 -78.91 -35.91
C THR B 122 -2.46 -80.13 -36.17
N CYS B 123 -1.16 -79.94 -36.44
CA CYS B 123 -0.29 -81.10 -36.66
C CYS B 123 -0.06 -81.90 -35.38
N CYS B 124 0.14 -81.23 -34.26
CA CYS B 124 0.44 -81.88 -33.00
C CYS B 124 -0.65 -81.57 -31.99
N SER B 125 -0.92 -82.54 -31.12
CA SER B 125 -1.92 -82.41 -30.08
C SER B 125 -1.27 -82.54 -28.71
N GLY B 126 -1.62 -81.63 -27.80
CA GLY B 126 -1.11 -81.67 -26.45
C GLY B 126 0.30 -81.12 -26.31
N ALA B 127 1.22 -81.95 -25.82
CA ALA B 127 2.58 -81.54 -25.54
C ALA B 127 3.55 -81.93 -26.64
N GLN B 128 3.05 -82.41 -27.78
CA GLN B 128 3.91 -82.82 -28.87
C GLN B 128 4.38 -81.60 -29.67
N VAL B 129 5.55 -81.74 -30.28
CA VAL B 129 6.14 -80.67 -31.08
C VAL B 129 6.79 -81.30 -32.31
N CYS B 130 6.91 -80.51 -33.37
CA CYS B 130 7.57 -80.95 -34.59
C CYS B 130 8.08 -79.71 -35.33
N SER B 131 8.72 -79.94 -36.47
CA SER B 131 9.26 -78.84 -37.26
C SER B 131 8.16 -77.97 -37.87
N LYS B 132 6.97 -78.52 -38.10
CA LYS B 132 5.89 -77.72 -38.66
C LYS B 132 5.40 -76.68 -37.67
N CYS B 133 5.16 -77.09 -36.43
CA CYS B 133 4.75 -76.14 -35.40
C CYS B 133 5.92 -75.35 -34.82
N TRP B 134 7.15 -75.76 -35.13
CA TRP B 134 8.33 -75.00 -34.73
C TRP B 134 8.46 -73.68 -35.47
N LYS B 135 7.67 -73.47 -36.53
CA LYS B 135 7.73 -72.19 -37.24
C LYS B 135 7.24 -71.05 -36.37
N PHE B 136 6.24 -71.29 -35.51
CA PHE B 136 5.81 -70.27 -34.57
C PHE B 136 6.97 -69.84 -33.67
N ILE B 137 7.67 -70.83 -33.10
CA ILE B 137 8.80 -70.54 -32.23
C ILE B 137 9.89 -69.81 -33.00
N SER B 138 10.19 -70.25 -34.22
CA SER B 138 11.26 -69.64 -35.01
C SER B 138 10.94 -68.19 -35.34
N LEU B 139 9.70 -67.91 -35.72
CA LEU B 139 9.29 -66.53 -35.97
C LEU B 139 9.35 -65.70 -34.68
N ALA B 140 9.04 -66.32 -33.55
CA ALA B 140 9.18 -65.62 -32.27
C ALA B 140 10.64 -65.24 -32.03
N MET B 141 11.57 -66.16 -32.28
CA MET B 141 12.98 -65.84 -32.15
C MET B 141 13.38 -64.72 -33.10
N LYS B 142 12.89 -64.79 -34.35
CA LYS B 142 13.24 -63.77 -35.33
C LYS B 142 12.78 -62.39 -34.88
N ILE B 143 11.55 -62.29 -34.41
CA ILE B 143 11.01 -61.00 -33.97
C ILE B 143 11.74 -60.50 -32.73
N THR B 144 11.98 -61.38 -31.75
CA THR B 144 12.68 -60.97 -30.54
C THR B 144 14.11 -60.53 -30.84
N ASN B 145 14.80 -61.26 -31.70
CA ASN B 145 16.15 -60.88 -32.09
C ASN B 145 16.16 -59.55 -32.84
N THR B 146 15.18 -59.34 -33.73
CA THR B 146 15.08 -58.06 -34.42
C THR B 146 14.90 -56.93 -33.43
N ALA B 147 14.01 -57.11 -32.45
CA ALA B 147 13.78 -56.07 -31.44
C ALA B 147 15.05 -55.80 -30.66
N LEU B 148 15.70 -56.85 -30.14
CA LEU B 148 16.88 -56.68 -29.31
C LEU B 148 18.03 -56.04 -30.08
N ARG B 149 18.20 -56.41 -31.35
CA ARG B 149 19.32 -55.93 -32.13
C ARG B 149 19.08 -54.51 -32.65
N GLU B 150 18.02 -54.33 -33.45
CA GLU B 150 17.79 -53.03 -34.06
C GLU B 150 17.34 -51.99 -33.04
N ASP B 151 16.59 -52.40 -32.01
CA ASP B 151 16.07 -51.46 -31.04
C ASP B 151 16.98 -51.32 -29.83
N PHE B 152 17.22 -52.40 -29.09
CA PHE B 152 18.01 -52.33 -27.87
C PHE B 152 19.52 -52.36 -28.13
N GLY B 153 19.95 -52.71 -29.33
CA GLY B 153 21.36 -52.73 -29.64
C GLY B 153 22.13 -53.89 -29.05
N TYR B 154 21.45 -54.88 -28.48
CA TYR B 154 22.14 -56.03 -27.89
C TYR B 154 22.80 -56.86 -28.97
N LYS B 155 23.98 -57.39 -28.65
CA LYS B 155 24.77 -58.19 -29.59
C LYS B 155 25.04 -59.58 -29.10
N ASP B 156 25.29 -59.77 -27.80
CA ASP B 156 25.64 -61.07 -27.23
C ASP B 156 24.40 -61.69 -26.61
N PHE B 157 23.56 -62.26 -27.48
CA PHE B 157 22.40 -63.03 -27.03
C PHE B 157 22.37 -64.36 -27.78
N ILE B 158 21.94 -65.41 -27.07
CA ILE B 158 21.88 -66.76 -27.62
C ILE B 158 20.54 -67.37 -27.27
N TRP B 159 20.05 -68.24 -28.14
CA TRP B 159 18.78 -68.94 -27.93
C TRP B 159 19.06 -70.41 -27.62
N VAL B 160 18.43 -70.90 -26.56
CA VAL B 160 18.66 -72.25 -26.05
C VAL B 160 17.34 -73.02 -26.05
N PHE B 161 17.37 -74.23 -26.60
CA PHE B 161 16.21 -75.10 -26.56
C PHE B 161 15.80 -75.41 -25.12
N SER B 162 14.51 -75.37 -24.83
CA SER B 162 14.04 -75.65 -23.49
C SER B 162 14.00 -77.14 -23.18
N GLY B 163 14.14 -78.00 -24.19
CA GLY B 163 14.17 -79.42 -23.97
C GLY B 163 13.05 -80.18 -24.64
N ARG B 164 11.82 -79.66 -24.59
CA ARG B 164 10.70 -80.33 -25.22
C ARG B 164 10.10 -79.52 -26.36
N ARG B 165 9.60 -78.30 -26.09
CA ARG B 165 9.00 -77.52 -27.17
C ARG B 165 9.21 -76.01 -27.02
N GLY B 166 10.17 -75.56 -26.23
CA GLY B 166 10.35 -74.14 -25.97
C GLY B 166 11.77 -73.70 -26.25
N ALA B 167 11.97 -72.38 -26.19
CA ALA B 167 13.26 -71.77 -26.45
C ALA B 167 13.53 -70.71 -25.40
N HIS B 168 14.78 -70.64 -24.94
CA HIS B 168 15.21 -69.68 -23.94
C HIS B 168 16.26 -68.75 -24.55
N CYS B 169 16.08 -67.45 -24.33
CA CYS B 169 17.01 -66.43 -24.80
C CYS B 169 17.83 -65.93 -23.62
N TRP B 170 19.14 -65.83 -23.81
CA TRP B 170 20.07 -65.36 -22.78
C TRP B 170 20.85 -64.18 -23.32
N VAL B 171 20.46 -62.98 -22.92
CA VAL B 171 21.13 -61.75 -23.35
C VAL B 171 22.26 -61.47 -22.38
N SER B 172 23.50 -61.63 -22.84
CA SER B 172 24.67 -61.47 -21.99
C SER B 172 25.33 -60.11 -22.13
N ASP B 173 24.67 -59.15 -22.77
CA ASP B 173 25.21 -57.80 -22.86
C ASP B 173 25.35 -57.20 -21.46
N LYS B 174 26.47 -56.51 -21.24
CA LYS B 174 26.75 -55.96 -19.92
C LYS B 174 25.68 -54.96 -19.50
N ARG B 175 25.20 -54.16 -20.46
CA ARG B 175 24.07 -53.27 -20.17
C ARG B 175 22.83 -54.08 -19.79
N ALA B 176 22.57 -55.18 -20.51
CA ALA B 176 21.43 -56.02 -20.17
C ALA B 176 21.61 -56.70 -18.83
N ARG B 177 22.85 -57.09 -18.50
CA ARG B 177 23.11 -57.76 -17.23
C ARG B 177 22.87 -56.85 -16.04
N ALA B 178 23.20 -55.56 -16.18
CA ALA B 178 23.07 -54.60 -15.09
C ALA B 178 21.69 -53.98 -15.01
N LEU B 179 20.74 -54.42 -15.83
CA LEU B 179 19.40 -53.86 -15.81
C LEU B 179 18.73 -54.10 -14.47
N THR B 180 17.98 -53.10 -14.01
CA THR B 180 17.16 -53.25 -12.82
C THR B 180 15.84 -53.92 -13.17
N ASP B 181 15.05 -54.23 -12.14
CA ASP B 181 13.77 -54.88 -12.36
C ASP B 181 12.80 -53.97 -13.12
N VAL B 182 12.86 -52.66 -12.84
CA VAL B 182 12.02 -51.72 -13.59
C VAL B 182 12.40 -51.71 -15.06
N GLN B 183 13.71 -51.69 -15.35
CA GLN B 183 14.16 -51.71 -16.74
C GLN B 183 13.77 -53.01 -17.43
N ARG B 184 13.92 -54.13 -16.74
CA ARG B 184 13.53 -55.42 -17.33
C ARG B 184 12.04 -55.46 -17.61
N ARG B 185 11.22 -54.96 -16.67
CA ARG B 185 9.78 -54.93 -16.90
C ARG B 185 9.42 -54.02 -18.07
N ASN B 186 10.08 -52.87 -18.18
CA ASN B 186 9.83 -51.98 -19.31
C ASN B 186 10.22 -52.64 -20.63
N VAL B 187 11.35 -53.34 -20.64
CA VAL B 187 11.79 -54.03 -21.85
C VAL B 187 10.78 -55.10 -22.24
N LEU B 188 10.30 -55.87 -21.26
CA LEU B 188 9.31 -56.91 -21.53
C LEU B 188 8.02 -56.30 -22.05
N ASP B 189 7.56 -55.20 -21.45
CA ASP B 189 6.34 -54.55 -21.91
C ASP B 189 6.51 -54.02 -23.33
N TYR B 190 7.70 -53.53 -23.67
CA TYR B 190 7.97 -53.13 -25.04
C TYR B 190 7.90 -54.32 -25.99
N VAL B 191 8.43 -55.46 -25.57
CA VAL B 191 8.43 -56.64 -26.45
C VAL B 191 7.11 -57.38 -26.39
N ASN B 192 6.54 -57.57 -25.20
CA ASN B 192 5.31 -58.35 -25.04
C ASN B 192 4.12 -57.50 -25.48
N VAL B 193 3.92 -57.45 -26.79
CA VAL B 193 2.76 -56.75 -27.34
C VAL B 193 1.48 -57.51 -27.04
N ILE B 194 1.50 -58.83 -27.21
CA ILE B 194 0.29 -59.65 -27.03
C ILE B 194 0.19 -59.93 -25.53
N ARG B 195 -0.43 -58.98 -24.82
CA ARG B 195 -0.61 -59.11 -23.38
C ARG B 195 -1.74 -60.07 -23.04
N ASP B 196 -2.81 -60.05 -23.82
CA ASP B 196 -3.98 -60.90 -23.59
C ASP B 196 -3.91 -62.08 -24.57
N ARG B 197 -3.81 -63.29 -24.03
CA ARG B 197 -3.59 -64.49 -24.83
C ARG B 197 -4.88 -65.20 -25.22
N ASN B 198 -6.04 -64.67 -24.82
CA ASN B 198 -7.31 -65.32 -25.14
C ASN B 198 -7.62 -65.16 -26.63
N THR B 199 -8.07 -66.25 -27.25
CA THR B 199 -8.39 -66.25 -28.67
C THR B 199 -9.84 -65.91 -28.96
N ASP B 200 -10.66 -65.72 -27.93
CA ASP B 200 -12.08 -65.44 -28.09
C ASP B 200 -12.39 -63.94 -28.11
N LYS B 201 -11.37 -63.09 -28.08
CA LYS B 201 -11.57 -61.65 -28.03
C LYS B 201 -10.64 -60.96 -29.01
N ARG B 202 -11.17 -59.95 -29.69
CA ARG B 202 -10.37 -59.14 -30.60
C ARG B 202 -9.30 -58.38 -29.82
N LEU B 203 -8.08 -58.35 -30.37
CA LEU B 203 -6.98 -57.66 -29.70
C LEU B 203 -7.24 -56.17 -29.56
N ALA B 204 -7.72 -55.53 -30.62
CA ALA B 204 -7.96 -54.09 -30.65
C ALA B 204 -6.70 -53.32 -30.26
N LEU B 205 -5.61 -53.63 -30.97
CA LEU B 205 -4.34 -52.97 -30.72
C LEU B 205 -4.41 -51.50 -31.09
N LYS B 206 -3.59 -50.70 -30.41
CA LYS B 206 -3.62 -49.26 -30.60
C LYS B 206 -3.23 -48.89 -32.03
N ARG B 207 -3.87 -47.86 -32.57
CA ARG B 207 -3.59 -47.35 -33.90
C ARG B 207 -3.23 -45.87 -33.83
N PRO B 208 -2.24 -45.42 -34.62
CA PRO B 208 -1.44 -46.18 -35.59
C PRO B 208 -0.41 -47.09 -34.93
N TYR B 209 0.08 -48.09 -35.65
CA TYR B 209 1.02 -49.04 -35.09
C TYR B 209 2.35 -48.38 -34.75
N HIS B 210 2.96 -48.84 -33.66
CA HIS B 210 4.32 -48.45 -33.34
C HIS B 210 5.27 -49.02 -34.40
N PRO B 211 6.39 -48.34 -34.65
CA PRO B 211 7.34 -48.86 -35.66
C PRO B 211 7.79 -50.28 -35.40
N HIS B 212 8.00 -50.65 -34.13
CA HIS B 212 8.31 -52.04 -33.81
C HIS B 212 7.16 -52.97 -34.21
N LEU B 213 5.92 -52.57 -33.88
CA LEU B 213 4.77 -53.39 -34.23
C LEU B 213 4.56 -53.47 -35.73
N ALA B 214 4.71 -52.35 -36.44
CA ALA B 214 4.57 -52.38 -37.89
C ALA B 214 5.64 -53.26 -38.53
N ARG B 215 6.88 -53.15 -38.05
CA ARG B 215 7.95 -53.98 -38.58
C ARG B 215 7.70 -55.46 -38.30
N SER B 216 7.25 -55.79 -37.09
CA SER B 216 6.95 -57.18 -36.76
C SER B 216 5.84 -57.73 -37.64
N LEU B 217 4.79 -56.93 -37.85
CA LEU B 217 3.70 -57.35 -38.73
C LEU B 217 4.21 -57.55 -40.16
N GLU B 218 5.09 -56.66 -40.63
CA GLU B 218 5.63 -56.80 -41.97
C GLU B 218 6.45 -58.07 -42.13
N GLN B 219 7.24 -58.42 -41.11
CA GLN B 219 8.01 -59.67 -41.20
C GLN B 219 7.11 -60.90 -41.06
N LEU B 220 6.04 -60.82 -40.27
CA LEU B 220 5.18 -61.98 -40.06
C LEU B 220 4.17 -62.17 -41.18
N LYS B 221 3.92 -61.15 -42.00
CA LYS B 221 2.94 -61.30 -43.07
C LYS B 221 3.30 -62.37 -44.09
N PRO B 222 4.51 -62.43 -44.65
CA PRO B 222 4.79 -63.46 -45.67
C PRO B 222 4.58 -64.88 -45.19
N PHE B 223 4.89 -65.19 -43.93
CA PHE B 223 4.73 -66.54 -43.42
C PHE B 223 3.29 -66.85 -42.99
N PHE B 224 2.44 -65.82 -42.86
CA PHE B 224 1.10 -66.05 -42.34
C PHE B 224 0.30 -66.99 -43.23
N VAL B 225 0.27 -66.69 -44.53
CA VAL B 225 -0.49 -67.56 -45.45
C VAL B 225 0.08 -68.97 -45.41
N SER B 226 1.40 -69.08 -45.61
CA SER B 226 2.04 -70.39 -45.77
C SER B 226 1.83 -71.28 -44.55
N ILE B 227 1.93 -70.71 -43.35
CA ILE B 227 1.71 -71.53 -42.17
C ILE B 227 0.21 -71.70 -41.95
N MET B 228 -0.49 -70.61 -41.63
CA MET B 228 -1.83 -70.73 -41.09
C MET B 228 -2.81 -71.28 -42.11
N LEU B 229 -2.86 -70.70 -43.32
CA LEU B 229 -3.96 -71.01 -44.22
C LEU B 229 -3.76 -72.32 -44.97
N GLU B 230 -2.53 -72.82 -45.05
CA GLU B 230 -2.24 -74.04 -45.78
C GLU B 230 -1.68 -75.14 -44.89
N GLU B 231 -0.61 -74.88 -44.14
CA GLU B 231 0.11 -75.94 -43.48
C GLU B 231 -0.56 -76.36 -42.17
N GLN B 232 -1.00 -75.38 -41.37
CA GLN B 232 -1.75 -75.68 -40.16
C GLN B 232 -3.23 -75.86 -40.44
N ASN B 233 -3.84 -74.89 -41.12
CA ASN B 233 -5.26 -74.92 -41.46
C ASN B 233 -6.14 -75.15 -40.23
N PRO B 234 -6.07 -74.26 -39.23
CA PRO B 234 -6.84 -74.51 -37.99
C PRO B 234 -8.30 -74.12 -38.08
N TRP B 235 -8.66 -73.21 -38.98
CA TRP B 235 -10.03 -72.72 -39.10
C TRP B 235 -10.85 -73.55 -40.07
N GLU B 236 -10.29 -74.62 -40.64
CA GLU B 236 -11.07 -75.48 -41.51
C GLU B 236 -12.23 -76.13 -40.76
N ASP B 237 -12.00 -76.49 -39.49
CA ASP B 237 -13.10 -76.91 -38.63
C ASP B 237 -14.01 -75.73 -38.36
N ASP B 238 -15.30 -75.89 -38.62
CA ASP B 238 -16.24 -74.78 -38.47
C ASP B 238 -16.31 -74.30 -37.03
N GLN B 239 -16.33 -75.23 -36.06
CA GLN B 239 -16.36 -74.85 -34.66
C GLN B 239 -15.09 -74.12 -34.26
N HIS B 240 -13.93 -74.60 -34.74
CA HIS B 240 -12.67 -73.91 -34.46
C HIS B 240 -12.68 -72.50 -35.07
N ALA B 241 -13.21 -72.37 -36.29
CA ALA B 241 -13.31 -71.06 -36.90
C ALA B 241 -14.18 -70.13 -36.06
N ILE B 242 -15.36 -70.61 -35.65
CA ILE B 242 -16.25 -69.80 -34.83
C ILE B 242 -15.57 -69.39 -33.53
N GLN B 243 -14.79 -70.29 -32.93
CA GLN B 243 -14.16 -70.01 -31.65
C GLN B 243 -13.04 -68.99 -31.77
N THR B 244 -12.24 -69.07 -32.83
CA THR B 244 -11.04 -68.24 -32.90
C THR B 244 -11.07 -67.18 -33.99
N LEU B 245 -11.38 -67.54 -35.23
CA LEU B 245 -11.27 -66.61 -36.35
C LEU B 245 -12.34 -65.54 -36.31
N LEU B 246 -13.58 -65.93 -36.04
CA LEU B 246 -14.68 -64.96 -35.99
C LEU B 246 -14.52 -63.90 -34.90
N PRO B 247 -14.14 -64.22 -33.66
CA PRO B 247 -14.00 -63.17 -32.65
C PRO B 247 -12.94 -62.13 -32.99
N ALA B 248 -12.01 -62.44 -33.90
CA ALA B 248 -11.02 -61.46 -34.32
C ALA B 248 -11.63 -60.34 -35.16
N LEU B 249 -12.89 -60.45 -35.55
CA LEU B 249 -13.57 -59.42 -36.33
C LEU B 249 -14.20 -58.39 -35.40
N TYR B 250 -14.62 -57.27 -36.00
CA TYR B 250 -15.15 -56.15 -35.26
C TYR B 250 -16.65 -55.95 -35.43
N ASP B 251 -17.23 -56.40 -36.54
CA ASP B 251 -18.62 -56.12 -36.87
C ASP B 251 -19.48 -57.34 -36.55
N LYS B 252 -20.53 -57.13 -35.76
CA LYS B 252 -21.42 -58.22 -35.38
C LYS B 252 -22.19 -58.76 -36.58
N GLN B 253 -22.64 -57.87 -37.46
CA GLN B 253 -23.37 -58.31 -38.65
C GLN B 253 -22.48 -59.16 -39.56
N LEU B 254 -21.23 -58.75 -39.74
CA LEU B 254 -20.31 -59.53 -40.55
C LEU B 254 -20.04 -60.90 -39.92
N ILE B 255 -19.89 -60.93 -38.59
CA ILE B 255 -19.65 -62.20 -37.90
C ILE B 255 -20.85 -63.12 -38.08
N ASP B 256 -22.06 -62.59 -37.92
CA ASP B 256 -23.27 -63.41 -38.07
C ASP B 256 -23.41 -63.92 -39.50
N SER B 257 -23.16 -63.06 -40.49
CA SER B 257 -23.27 -63.47 -41.88
C SER B 257 -22.24 -64.55 -42.23
N LEU B 258 -21.00 -64.38 -41.75
CA LEU B 258 -19.97 -65.39 -42.01
C LEU B 258 -20.31 -66.71 -41.31
N LYS B 259 -20.85 -66.64 -40.09
CA LYS B 259 -21.25 -67.86 -39.39
C LYS B 259 -22.37 -68.57 -40.14
N LYS B 260 -23.35 -67.81 -40.63
CA LYS B 260 -24.43 -68.42 -41.40
C LYS B 260 -23.92 -69.04 -42.70
N TYR B 261 -23.00 -68.35 -43.38
CA TYR B 261 -22.46 -68.88 -44.63
C TYR B 261 -21.65 -70.15 -44.39
N TRP B 262 -20.85 -70.17 -43.33
CA TRP B 262 -20.06 -71.36 -43.03
C TRP B 262 -20.93 -72.51 -42.56
N ARG B 268 -14.84 -75.29 -45.10
CA ARG B 268 -13.92 -74.57 -45.97
C ARG B 268 -12.55 -74.48 -45.32
N SER B 269 -11.49 -74.59 -46.13
CA SER B 269 -10.15 -74.43 -45.60
C SER B 269 -9.96 -73.00 -45.10
N SER B 270 -8.83 -72.77 -44.42
CA SER B 270 -8.61 -71.44 -43.85
C SER B 270 -8.54 -70.37 -44.93
N LYS B 271 -8.02 -70.73 -46.11
CA LYS B 271 -7.92 -69.78 -47.21
C LYS B 271 -9.29 -69.36 -47.71
N GLU B 272 -10.19 -70.32 -47.91
CA GLU B 272 -11.53 -70.01 -48.39
C GLU B 272 -12.28 -69.12 -47.40
N LYS B 273 -12.19 -69.43 -46.10
CA LYS B 273 -12.83 -68.60 -45.08
C LYS B 273 -12.21 -67.21 -45.05
N TRP B 274 -10.89 -67.12 -45.19
CA TRP B 274 -10.21 -65.82 -45.19
C TRP B 274 -10.70 -64.95 -46.33
N ASN B 275 -10.85 -65.54 -47.53
CA ASN B 275 -11.36 -64.76 -48.66
C ASN B 275 -12.86 -64.47 -48.51
N ASP B 276 -13.62 -65.38 -47.90
CA ASP B 276 -15.03 -65.12 -47.66
C ASP B 276 -15.22 -63.93 -46.73
N ILE B 277 -14.31 -63.74 -45.77
CA ILE B 277 -14.39 -62.57 -44.90
C ILE B 277 -14.40 -61.30 -45.73
N ASP B 278 -13.45 -61.17 -46.66
CA ASP B 278 -13.37 -60.00 -47.51
C ASP B 278 -14.60 -59.89 -48.42
N GLN B 279 -15.02 -61.00 -49.01
CA GLN B 279 -16.16 -60.95 -49.94
C GLN B 279 -17.44 -60.52 -49.24
N ILE B 280 -17.71 -61.09 -48.06
CA ILE B 280 -18.92 -60.75 -47.32
C ILE B 280 -18.83 -59.32 -46.80
N ALA B 281 -17.64 -58.87 -46.37
CA ALA B 281 -17.49 -57.49 -45.94
C ALA B 281 -17.76 -56.53 -47.09
N THR B 282 -17.27 -56.84 -48.28
CA THR B 282 -17.55 -56.00 -49.45
C THR B 282 -19.03 -56.02 -49.79
N SER B 283 -19.67 -57.17 -49.69
CA SER B 283 -21.09 -57.27 -50.02
C SER B 283 -21.96 -56.52 -49.00
N LEU B 284 -21.56 -56.49 -47.74
CA LEU B 284 -22.37 -55.89 -46.68
C LEU B 284 -22.15 -54.38 -46.59
N PHE B 285 -20.90 -53.93 -46.66
CA PHE B 285 -20.56 -52.53 -46.39
C PHE B 285 -20.49 -51.77 -47.71
N LYS B 286 -21.44 -50.86 -47.92
CA LYS B 286 -21.51 -50.06 -49.12
C LYS B 286 -21.81 -48.61 -48.76
N GLY B 287 -21.47 -47.71 -49.68
CA GLY B 287 -21.72 -46.30 -49.49
C GLY B 287 -20.47 -45.52 -49.15
N PRO B 288 -20.64 -44.25 -48.79
CA PRO B 288 -19.47 -43.43 -48.41
C PRO B 288 -18.70 -43.96 -47.22
N LYS B 289 -19.33 -44.75 -46.35
CA LYS B 289 -18.71 -45.26 -45.14
C LYS B 289 -17.99 -46.58 -45.35
N GLN B 290 -17.93 -47.08 -46.60
CA GLN B 290 -17.26 -48.35 -46.86
C GLN B 290 -15.76 -48.29 -46.60
N ASP B 291 -15.16 -47.11 -46.78
CA ASP B 291 -13.71 -46.98 -46.60
C ASP B 291 -13.32 -47.22 -45.15
N SER B 292 -14.08 -46.67 -44.20
CA SER B 292 -13.81 -46.92 -42.80
C SER B 292 -13.95 -48.40 -42.47
N HIS B 293 -14.95 -49.06 -43.06
CA HIS B 293 -15.17 -50.47 -42.78
C HIS B 293 -14.06 -51.35 -43.33
N ILE B 294 -13.58 -51.06 -44.54
CA ILE B 294 -12.50 -51.87 -45.10
C ILE B 294 -11.20 -51.61 -44.33
N ILE B 295 -10.96 -50.37 -43.90
CA ILE B 295 -9.80 -50.08 -43.08
C ILE B 295 -9.87 -50.84 -41.76
N LYS B 296 -11.04 -50.85 -41.13
CA LYS B 296 -11.22 -51.59 -39.88
C LYS B 296 -11.02 -53.09 -40.09
N LEU B 297 -11.54 -53.64 -41.19
CA LEU B 297 -11.36 -55.05 -41.47
C LEU B 297 -9.88 -55.40 -41.68
N ARG B 298 -9.15 -54.55 -42.41
CA ARG B 298 -7.73 -54.78 -42.60
C ARG B 298 -6.98 -54.71 -41.28
N GLU B 299 -7.34 -53.75 -40.42
CA GLU B 299 -6.72 -53.65 -39.10
C GLU B 299 -7.00 -54.91 -38.28
N CYS B 300 -8.24 -55.41 -38.32
CA CYS B 300 -8.57 -56.64 -37.59
C CYS B 300 -7.79 -57.82 -38.14
N LYS B 301 -7.61 -57.89 -39.46
CA LYS B 301 -6.84 -58.98 -40.05
C LYS B 301 -5.37 -58.91 -39.62
N GLU B 302 -4.79 -57.72 -39.57
CA GLU B 302 -3.44 -57.57 -39.05
C GLU B 302 -3.36 -57.98 -37.58
N ASP B 303 -4.37 -57.60 -36.80
CA ASP B 303 -4.41 -57.99 -35.38
C ASP B 303 -4.47 -59.50 -35.23
N LEU B 304 -5.26 -60.16 -36.07
CA LEU B 304 -5.34 -61.63 -36.01
C LEU B 304 -4.03 -62.26 -36.46
N VAL B 305 -3.37 -61.69 -37.46
CA VAL B 305 -2.07 -62.18 -37.88
C VAL B 305 -1.08 -62.10 -36.73
N LEU B 306 -1.06 -60.98 -36.02
CA LEU B 306 -0.17 -60.85 -34.87
C LEU B 306 -0.54 -61.83 -33.77
N MET B 307 -1.84 -61.99 -33.48
CA MET B 307 -2.28 -62.96 -32.49
C MET B 307 -1.79 -64.36 -32.83
N THR B 308 -1.84 -64.71 -34.11
CA THR B 308 -1.43 -66.05 -34.55
C THR B 308 0.08 -66.22 -34.52
N LEU B 309 0.85 -65.18 -34.86
CA LEU B 309 2.26 -65.34 -35.14
C LEU B 309 3.21 -64.57 -34.22
N TYR B 310 2.74 -63.54 -33.52
CA TYR B 310 3.66 -62.75 -32.71
C TYR B 310 4.20 -63.57 -31.54
N PRO B 311 5.43 -63.30 -31.10
CA PRO B 311 5.96 -64.01 -29.93
C PRO B 311 5.07 -63.86 -28.71
N LYS B 312 4.91 -64.95 -27.97
CA LYS B 312 4.11 -64.98 -26.76
C LYS B 312 5.05 -65.38 -25.62
N LEU B 313 5.68 -64.38 -25.03
CA LEU B 313 6.72 -64.61 -24.03
C LEU B 313 6.13 -65.02 -22.69
N ASP B 314 6.95 -65.68 -21.88
CA ASP B 314 6.62 -65.92 -20.48
C ASP B 314 7.06 -64.70 -19.68
N VAL B 315 6.08 -63.97 -19.13
CA VAL B 315 6.37 -62.65 -18.58
C VAL B 315 7.12 -62.75 -17.25
N GLU B 316 6.96 -63.84 -16.51
CA GLU B 316 7.48 -63.88 -15.15
C GLU B 316 9.01 -63.93 -15.12
N VAL B 317 9.61 -64.76 -15.97
CA VAL B 317 11.06 -64.98 -15.89
C VAL B 317 11.86 -63.72 -16.20
N THR B 318 11.30 -62.77 -16.95
CA THR B 318 12.03 -61.59 -17.38
C THR B 318 11.93 -60.43 -16.40
N LYS B 319 10.88 -60.37 -15.58
CA LYS B 319 10.58 -59.18 -14.80
C LYS B 319 11.69 -58.88 -13.79
N GLN B 320 12.17 -59.88 -13.07
CA GLN B 320 13.05 -59.68 -11.93
C GLN B 320 14.43 -60.27 -12.19
N THR B 321 15.45 -59.63 -11.60
CA THR B 321 16.81 -60.13 -11.68
C THR B 321 17.00 -61.42 -10.90
N ILE B 322 16.20 -61.65 -9.85
CA ILE B 322 16.38 -62.81 -8.98
C ILE B 322 15.75 -64.07 -9.57
N HIS B 323 15.06 -63.97 -10.70
CA HIS B 323 14.41 -65.14 -11.29
C HIS B 323 15.45 -66.16 -11.73
N LEU B 324 15.08 -67.44 -11.63
CA LEU B 324 15.94 -68.56 -11.97
C LEU B 324 15.45 -69.22 -13.24
N LEU B 325 16.36 -69.43 -14.19
CA LEU B 325 16.04 -70.06 -15.46
C LEU B 325 16.96 -71.26 -15.67
N LYS B 326 16.43 -72.28 -16.34
CA LYS B 326 17.18 -73.52 -16.54
C LYS B 326 18.47 -73.27 -17.30
N ALA B 327 19.56 -73.86 -16.82
CA ALA B 327 20.87 -73.64 -17.42
C ALA B 327 20.95 -74.33 -18.78
N PRO B 328 21.82 -73.84 -19.66
CA PRO B 328 22.00 -74.50 -20.97
C PRO B 328 22.64 -75.87 -20.81
N PHE B 329 22.42 -76.71 -21.82
CA PHE B 329 22.91 -78.09 -21.90
C PHE B 329 22.34 -78.98 -20.81
N CYS B 330 21.21 -78.61 -20.21
CA CYS B 330 20.56 -79.48 -19.25
C CYS B 330 19.71 -80.53 -19.96
N ILE B 331 19.48 -81.65 -19.28
CA ILE B 331 18.71 -82.76 -19.82
C ILE B 331 17.25 -82.60 -19.39
N HIS B 332 16.34 -82.67 -20.35
CA HIS B 332 14.92 -82.67 -20.04
C HIS B 332 14.55 -84.00 -19.39
N PRO B 333 13.94 -84.00 -18.21
CA PRO B 333 13.67 -85.29 -17.52
C PRO B 333 12.74 -86.21 -18.29
N ALA B 334 11.81 -85.66 -19.08
CA ALA B 334 10.79 -86.49 -19.71
C ALA B 334 11.24 -87.08 -21.05
N THR B 335 11.98 -86.32 -21.86
CA THR B 335 12.34 -86.77 -23.20
C THR B 335 13.81 -87.09 -23.38
N GLY B 336 14.67 -86.65 -22.47
CA GLY B 336 16.09 -86.89 -22.59
C GLY B 336 16.82 -85.96 -23.53
N ASN B 337 16.12 -85.00 -24.12
CA ASN B 337 16.78 -84.02 -24.99
C ASN B 337 17.64 -83.07 -24.15
N VAL B 338 18.82 -82.77 -24.68
CA VAL B 338 19.73 -81.84 -24.03
C VAL B 338 19.41 -80.43 -24.50
N CYS B 339 19.37 -79.48 -23.56
CA CYS B 339 18.99 -78.10 -23.84
C CYS B 339 20.15 -77.40 -24.54
N VAL B 340 20.25 -77.65 -25.84
CA VAL B 340 21.35 -77.14 -26.67
C VAL B 340 21.01 -75.75 -27.19
N PRO B 341 22.02 -74.94 -27.55
CA PRO B 341 21.74 -73.66 -28.20
C PRO B 341 21.08 -73.87 -29.56
N ILE B 342 20.29 -72.88 -29.96
CA ILE B 342 19.47 -72.97 -31.17
C ILE B 342 20.07 -72.04 -32.22
N ASP B 343 20.28 -72.58 -33.42
CA ASP B 343 20.69 -71.80 -34.58
C ASP B 343 19.50 -71.65 -35.53
N GLU B 344 19.77 -71.05 -36.70
CA GLU B 344 18.69 -70.78 -37.65
C GLU B 344 18.09 -72.06 -38.20
N SER B 345 18.87 -73.13 -38.31
CA SER B 345 18.40 -74.39 -38.87
C SER B 345 18.05 -75.42 -37.82
N PHE B 346 17.91 -75.01 -36.55
CA PHE B 346 17.60 -75.97 -35.50
C PHE B 346 16.15 -76.42 -35.57
N ALA B 347 15.90 -77.65 -35.15
CA ALA B 347 14.58 -78.22 -35.06
C ALA B 347 14.51 -79.04 -33.78
N PRO B 348 13.30 -79.27 -33.25
CA PRO B 348 13.19 -80.11 -32.05
C PRO B 348 13.73 -81.51 -32.23
N GLU B 349 13.59 -82.08 -33.42
CA GLU B 349 14.12 -83.41 -33.68
C GLU B 349 15.63 -83.45 -33.71
N LYS B 350 16.29 -82.35 -34.09
CA LYS B 350 17.74 -82.31 -34.17
C LYS B 350 18.42 -82.32 -32.81
N ALA B 351 17.69 -82.04 -31.74
CA ALA B 351 18.28 -82.04 -30.40
C ALA B 351 18.66 -83.46 -30.00
N PRO B 352 19.93 -83.74 -29.70
CA PRO B 352 20.32 -85.10 -29.34
C PRO B 352 19.77 -85.52 -27.99
N LYS B 353 19.62 -86.83 -27.82
CA LYS B 353 19.15 -87.42 -26.57
C LYS B 353 20.32 -87.98 -25.78
N LEU B 354 20.12 -88.12 -24.47
CA LEU B 354 21.18 -88.63 -23.61
C LEU B 354 21.51 -90.09 -23.94
N PHE B 375 27.28 -78.37 -31.34
CA PHE B 375 26.60 -77.42 -30.46
C PHE B 375 27.57 -76.83 -29.44
N ILE B 376 28.48 -77.67 -28.93
CA ILE B 376 29.51 -77.17 -28.03
C ILE B 376 30.38 -76.13 -28.73
N ASN B 377 30.73 -76.39 -29.99
CA ASN B 377 31.55 -75.45 -30.76
C ASN B 377 30.82 -74.13 -30.99
N GLN B 378 29.52 -74.20 -31.27
CA GLN B 378 28.72 -72.99 -31.42
C GLN B 378 28.73 -72.18 -30.12
N PHE B 379 28.60 -72.88 -29.00
CA PHE B 379 28.69 -72.21 -27.70
C PHE B 379 30.07 -71.59 -27.50
N GLN B 380 31.11 -72.26 -28.00
CA GLN B 380 32.47 -71.70 -27.92
C GLN B 380 32.56 -70.39 -28.68
N ALA B 381 32.01 -70.36 -29.89
CA ALA B 381 32.02 -69.12 -30.66
C ALA B 381 31.27 -68.01 -29.95
N TYR B 382 30.10 -68.34 -29.39
CA TYR B 382 29.31 -67.32 -28.69
C TYR B 382 30.04 -66.80 -27.45
N VAL B 383 30.62 -67.71 -26.66
CA VAL B 383 31.34 -67.30 -25.46
C VAL B 383 32.55 -66.46 -25.80
N SER B 384 33.30 -66.85 -26.83
CA SER B 384 34.47 -66.07 -27.23
C SER B 384 34.06 -64.67 -27.68
N SER B 385 33.01 -64.57 -28.49
CA SER B 385 32.54 -63.25 -28.93
C SER B 385 32.12 -62.41 -27.73
N LEU B 386 31.43 -63.03 -26.77
CA LEU B 386 31.03 -62.31 -25.56
C LEU B 386 32.24 -61.80 -24.80
N LEU B 387 33.29 -62.63 -24.68
CA LEU B 387 34.48 -62.22 -23.95
C LEU B 387 35.19 -61.05 -24.63
N LYS B 388 35.34 -61.09 -25.96
CA LYS B 388 35.97 -59.96 -26.63
C LYS B 388 35.12 -58.70 -26.54
N ASN B 389 33.79 -58.83 -26.61
CA ASN B 389 32.93 -57.66 -26.43
C ASN B 389 33.05 -57.11 -25.01
N GLU B 390 33.19 -57.99 -24.01
CA GLU B 390 33.36 -57.55 -22.64
C GLU B 390 34.67 -56.80 -22.47
N LEU B 391 35.75 -57.29 -23.07
CA LEU B 391 37.02 -56.58 -23.00
C LEU B 391 36.93 -55.24 -23.72
N GLY B 392 36.23 -55.19 -24.84
CA GLY B 392 36.02 -53.91 -25.51
C GLY B 392 35.25 -52.92 -24.66
N SER B 393 34.23 -53.40 -23.96
CA SER B 393 33.48 -52.52 -23.06
C SER B 393 34.35 -52.05 -21.90
N VAL B 394 35.22 -52.92 -21.39
CA VAL B 394 36.14 -52.52 -20.33
C VAL B 394 37.07 -51.40 -20.82
N SER C 42 28.33 -6.79 -5.11
CA SER C 42 28.30 -6.71 -6.55
C SER C 42 27.45 -5.54 -7.01
N SER C 43 27.86 -4.90 -8.11
CA SER C 43 27.17 -3.71 -8.59
C SER C 43 25.83 -4.08 -9.23
N SER C 44 25.03 -3.04 -9.52
CA SER C 44 23.75 -3.25 -10.18
C SER C 44 23.91 -3.77 -11.60
N GLU C 45 24.92 -3.26 -12.32
CA GLU C 45 25.12 -3.68 -13.71
C GLU C 45 25.55 -5.14 -13.78
N GLU C 46 26.44 -5.56 -12.89
CA GLU C 46 26.85 -6.96 -12.84
C GLU C 46 25.66 -7.85 -12.50
N GLU C 47 24.82 -7.42 -11.55
CA GLU C 47 23.65 -8.21 -11.19
C GLU C 47 22.69 -8.33 -12.36
N LYS C 48 22.46 -7.23 -13.09
CA LYS C 48 21.58 -7.27 -14.25
C LYS C 48 22.14 -8.20 -15.33
N LYS C 49 23.45 -8.13 -15.58
CA LYS C 49 24.05 -8.98 -16.60
C LYS C 49 23.97 -10.45 -16.21
N LEU C 50 24.29 -10.76 -14.96
CA LEU C 50 24.24 -12.15 -14.49
C LEU C 50 22.81 -12.68 -14.56
N TYR C 51 21.84 -11.83 -14.24
CA TYR C 51 20.44 -12.25 -14.32
C TYR C 51 20.01 -12.47 -15.77
N ALA C 52 20.33 -11.54 -16.67
CA ALA C 52 19.98 -11.74 -18.08
C ALA C 52 20.63 -13.00 -18.64
N ARG C 53 21.82 -13.34 -18.14
CA ARG C 53 22.42 -14.62 -18.51
C ARG C 53 21.65 -15.79 -17.88
N LEU C 54 21.14 -15.60 -16.67
CA LEU C 54 20.41 -16.66 -15.98
C LEU C 54 19.03 -16.91 -16.58
N TYR C 55 18.38 -15.89 -17.12
CA TYR C 55 17.07 -16.04 -17.74
C TYR C 55 17.11 -15.69 -19.21
N GLU C 56 18.13 -16.18 -19.93
CA GLU C 56 18.12 -16.08 -21.38
C GLU C 56 16.90 -16.78 -21.97
N SER C 57 16.40 -17.79 -21.26
CA SER C 57 15.11 -18.39 -21.54
C SER C 57 14.13 -17.97 -20.45
N LYS C 58 12.84 -17.93 -20.80
CA LYS C 58 11.83 -17.47 -19.84
C LYS C 58 11.67 -18.40 -18.66
N LEU C 59 12.13 -19.64 -18.77
CA LEU C 59 12.14 -20.59 -17.66
C LEU C 59 13.58 -20.90 -17.28
N SER C 60 13.77 -21.34 -16.04
CA SER C 60 15.09 -21.65 -15.53
C SER C 60 15.04 -22.95 -14.75
N PHE C 61 16.21 -23.60 -14.66
CA PHE C 61 16.36 -24.85 -13.93
C PHE C 61 16.75 -24.63 -12.47
N TYR C 62 17.03 -23.38 -12.07
CA TYR C 62 17.44 -23.04 -10.72
C TYR C 62 18.70 -23.81 -10.31
N ASP C 63 19.77 -23.54 -11.04
CA ASP C 63 21.05 -24.20 -10.83
C ASP C 63 21.96 -23.43 -9.88
N LEU C 64 22.24 -22.16 -10.19
CA LEU C 64 23.12 -21.33 -9.38
C LEU C 64 22.32 -20.46 -8.41
N PRO C 65 22.61 -20.57 -7.11
CA PRO C 65 21.86 -19.79 -6.13
C PRO C 65 21.92 -18.30 -6.45
N PRO C 66 20.90 -17.55 -6.06
CA PRO C 66 20.86 -16.12 -6.42
C PRO C 66 21.92 -15.32 -5.71
N GLN C 67 22.31 -14.21 -6.34
CA GLN C 67 23.27 -13.27 -5.77
C GLN C 67 22.58 -11.92 -5.60
N GLY C 68 22.66 -11.36 -4.41
CA GLY C 68 22.10 -10.05 -4.13
C GLY C 68 21.60 -9.95 -2.71
N GLU C 69 21.12 -8.76 -2.36
CA GLU C 69 20.58 -8.46 -1.05
C GLU C 69 19.13 -8.03 -1.19
N ILE C 70 18.23 -8.69 -0.45
CA ILE C 70 16.83 -8.34 -0.42
C ILE C 70 16.37 -8.25 1.03
N THR C 71 15.33 -7.45 1.25
CA THR C 71 14.86 -7.17 2.61
C THR C 71 14.05 -8.35 3.15
N LEU C 72 13.86 -8.34 4.47
CA LEU C 72 13.03 -9.35 5.10
C LEU C 72 11.58 -9.24 4.64
N GLU C 73 11.13 -8.01 4.35
CA GLU C 73 9.81 -7.80 3.78
C GLU C 73 9.63 -8.59 2.50
N GLN C 74 10.55 -8.42 1.55
CA GLN C 74 10.43 -9.09 0.27
C GLN C 74 10.64 -10.59 0.42
N PHE C 75 11.56 -10.98 1.31
CA PHE C 75 11.77 -12.39 1.64
C PHE C 75 10.45 -13.06 2.01
N GLU C 76 9.81 -12.55 3.07
CA GLU C 76 8.59 -13.16 3.57
C GLU C 76 7.47 -13.08 2.53
N ILE C 77 7.32 -11.94 1.86
CA ILE C 77 6.21 -11.77 0.93
C ILE C 77 6.34 -12.73 -0.25
N TRP C 78 7.55 -12.81 -0.83
CA TRP C 78 7.76 -13.68 -1.99
C TRP C 78 7.62 -15.14 -1.62
N ALA C 79 8.15 -15.53 -0.45
CA ALA C 79 8.00 -16.90 -0.01
C ALA C 79 6.52 -17.25 0.19
N ILE C 80 5.75 -16.33 0.79
CA ILE C 80 4.33 -16.57 0.98
C ILE C 80 3.62 -16.69 -0.36
N ASP C 81 3.98 -15.85 -1.33
CA ASP C 81 3.31 -15.89 -2.63
C ASP C 81 3.53 -17.23 -3.32
N ARG C 82 4.79 -17.68 -3.38
CA ARG C 82 5.05 -18.97 -4.01
C ARG C 82 4.41 -20.11 -3.24
N LEU C 83 4.39 -20.03 -1.90
CA LEU C 83 3.72 -21.06 -1.12
C LEU C 83 2.22 -21.08 -1.39
N LYS C 84 1.60 -19.92 -1.62
CA LYS C 84 0.19 -19.88 -1.94
C LYS C 84 -0.09 -20.55 -3.29
N ILE C 85 0.72 -20.24 -4.30
CA ILE C 85 0.53 -20.87 -5.60
C ILE C 85 0.72 -22.38 -5.49
N LEU C 86 1.73 -22.80 -4.72
CA LEU C 86 2.03 -24.22 -4.56
C LEU C 86 0.92 -24.93 -3.78
N LEU C 87 0.37 -24.28 -2.75
CA LEU C 87 -0.75 -24.88 -2.04
C LEU C 87 -1.97 -25.01 -2.94
N GLU C 88 -2.18 -24.04 -3.84
CA GLU C 88 -3.28 -24.16 -4.79
C GLU C 88 -3.08 -25.33 -5.73
N ILE C 89 -1.84 -25.53 -6.22
CA ILE C 89 -1.56 -26.69 -7.06
C ILE C 89 -1.83 -27.98 -6.30
N GLU C 90 -1.46 -28.01 -5.01
CA GLU C 90 -1.68 -29.23 -4.24
C GLU C 90 -3.16 -29.50 -4.02
N SER C 91 -3.94 -28.44 -3.74
CA SER C 91 -5.38 -28.60 -3.58
C SER C 91 -6.02 -29.09 -4.86
N CYS C 92 -5.57 -28.58 -6.01
CA CYS C 92 -6.07 -29.08 -7.29
C CYS C 92 -5.72 -30.55 -7.48
N LEU C 93 -4.49 -30.93 -7.11
CA LEU C 93 -4.09 -32.33 -7.24
C LEU C 93 -4.98 -33.23 -6.39
N SER C 94 -5.24 -32.84 -5.14
CA SER C 94 -6.01 -33.69 -4.24
C SER C 94 -7.46 -33.86 -4.69
N ARG C 95 -7.94 -33.03 -5.59
CA ARG C 95 -9.28 -33.17 -6.16
C ARG C 95 -9.28 -33.85 -7.51
N ASN C 96 -8.11 -34.31 -7.99
CA ASN C 96 -7.98 -35.02 -9.26
C ASN C 96 -8.50 -34.19 -10.43
N LYS C 97 -8.30 -32.88 -10.38
CA LYS C 97 -8.70 -32.03 -11.49
C LYS C 97 -7.82 -32.28 -12.71
N SER C 98 -8.39 -32.01 -13.89
CA SER C 98 -7.64 -32.16 -15.12
C SER C 98 -6.57 -31.08 -15.23
N ILE C 99 -5.57 -31.34 -16.08
CA ILE C 99 -4.48 -30.39 -16.28
C ILE C 99 -5.02 -29.06 -16.80
N LYS C 100 -5.89 -29.12 -17.82
CA LYS C 100 -6.44 -27.91 -18.41
C LYS C 100 -7.17 -27.07 -17.38
N GLU C 101 -8.02 -27.71 -16.57
CA GLU C 101 -8.72 -27.00 -15.51
C GLU C 101 -7.73 -26.36 -14.55
N ILE C 102 -6.62 -27.04 -14.28
CA ILE C 102 -5.63 -26.51 -13.34
C ILE C 102 -5.00 -25.22 -13.86
N GLU C 103 -4.57 -25.20 -15.14
CA GLU C 103 -4.01 -23.94 -15.63
C GLU C 103 -5.08 -22.87 -15.71
N THR C 104 -6.33 -23.24 -15.99
CA THR C 104 -7.39 -22.23 -16.02
C THR C 104 -7.55 -21.58 -14.65
N ILE C 105 -7.50 -22.37 -13.57
CA ILE C 105 -7.59 -21.78 -12.24
C ILE C 105 -6.36 -20.93 -11.93
N ILE C 106 -5.16 -21.38 -12.31
CA ILE C 106 -3.96 -20.77 -11.78
C ILE C 106 -3.41 -19.62 -12.63
N LYS C 107 -3.86 -19.47 -13.87
CA LYS C 107 -3.43 -18.33 -14.69
C LYS C 107 -3.69 -16.98 -14.01
N PRO C 108 -4.88 -16.69 -13.47
CA PRO C 108 -5.03 -15.42 -12.74
C PRO C 108 -4.14 -15.34 -11.50
N GLN C 109 -3.86 -16.47 -10.84
CA GLN C 109 -2.94 -16.44 -9.72
C GLN C 109 -1.53 -16.10 -10.19
N PHE C 110 -1.15 -16.53 -11.40
CA PHE C 110 0.08 -16.03 -11.99
C PHE C 110 0.01 -14.53 -12.18
N GLN C 111 -1.06 -14.03 -12.79
CA GLN C 111 -1.15 -12.59 -13.04
C GLN C 111 -1.13 -11.78 -11.74
N LYS C 112 -1.55 -12.38 -10.63
CA LYS C 112 -1.64 -11.64 -9.38
C LYS C 112 -0.39 -11.77 -8.51
N LEU C 113 -0.02 -13.01 -8.14
CA LEU C 113 1.08 -13.24 -7.20
C LEU C 113 2.46 -13.23 -7.85
N LEU C 114 2.71 -14.12 -8.81
CA LEU C 114 4.02 -14.26 -9.43
C LEU C 114 3.86 -14.22 -10.94
N PRO C 115 3.78 -13.03 -11.53
CA PRO C 115 3.55 -12.93 -12.98
C PRO C 115 4.74 -13.45 -13.77
N PHE C 116 4.43 -14.30 -14.75
CA PHE C 116 5.41 -14.87 -15.66
C PHE C 116 5.26 -14.23 -17.03
N ASN C 117 6.19 -14.55 -17.92
CA ASN C 117 6.23 -14.00 -19.28
C ASN C 117 6.20 -12.48 -19.26
N THR C 118 7.06 -11.92 -18.41
CA THR C 118 7.22 -10.47 -18.32
C THR C 118 8.70 -10.15 -18.44
N GLU C 119 9.01 -9.03 -19.11
CA GLU C 119 10.38 -8.60 -19.26
C GLU C 119 10.91 -7.87 -18.04
N SER C 120 10.12 -7.76 -16.98
CA SER C 120 10.57 -7.08 -15.77
C SER C 120 11.55 -7.95 -15.00
N LEU C 121 12.68 -7.36 -14.61
CA LEU C 121 13.67 -8.10 -13.84
C LEU C 121 13.16 -8.41 -12.44
N GLU C 122 12.33 -7.51 -11.89
CA GLU C 122 11.82 -7.71 -10.53
C GLU C 122 10.99 -8.97 -10.42
N ASP C 123 10.13 -9.23 -11.40
CA ASP C 123 9.30 -10.43 -11.35
C ASP C 123 10.14 -11.69 -11.46
N ARG C 124 11.15 -11.67 -12.32
CA ARG C 124 12.03 -12.82 -12.48
C ARG C 124 12.79 -13.10 -11.19
N LYS C 125 13.29 -12.04 -10.54
CA LYS C 125 13.96 -12.21 -9.26
C LYS C 125 12.98 -12.68 -8.20
N LYS C 126 11.73 -12.22 -8.26
CA LYS C 126 10.71 -12.75 -7.37
C LYS C 126 10.62 -14.26 -7.51
N ASP C 127 10.53 -14.74 -8.75
CA ASP C 127 10.46 -16.18 -8.98
C ASP C 127 11.69 -16.89 -8.41
N TYR C 128 12.89 -16.39 -8.73
CA TYR C 128 14.11 -17.08 -8.35
C TYR C 128 14.27 -17.14 -6.82
N TYR C 129 14.19 -15.98 -6.16
CA TYR C 129 14.34 -15.95 -4.71
C TYR C 129 13.20 -16.68 -4.00
N SER C 130 11.99 -16.64 -4.54
CA SER C 130 10.91 -17.40 -3.91
C SER C 130 11.20 -18.90 -3.98
N HIS C 131 11.65 -19.38 -5.14
CA HIS C 131 11.97 -20.80 -5.26
C HIS C 131 13.06 -21.19 -4.28
N PHE C 132 14.12 -20.39 -4.18
CA PHE C 132 15.21 -20.77 -3.27
C PHE C 132 14.83 -20.61 -1.80
N ILE C 133 13.96 -19.65 -1.48
CA ILE C 133 13.50 -19.52 -0.10
C ILE C 133 12.67 -20.73 0.30
N LEU C 134 11.75 -21.16 -0.57
CA LEU C 134 11.00 -22.39 -0.30
C LEU C 134 11.93 -23.60 -0.24
N ARG C 135 12.97 -23.62 -1.07
CA ARG C 135 14.00 -24.65 -0.97
C ARG C 135 14.60 -24.71 0.42
N LEU C 136 14.93 -23.54 0.98
CA LEU C 136 15.44 -23.47 2.35
C LEU C 136 14.40 -23.97 3.34
N CYS C 137 13.14 -23.63 3.12
CA CYS C 137 12.12 -23.89 4.15
C CYS C 137 11.70 -25.36 4.18
N PHE C 138 11.64 -26.02 3.03
CA PHE C 138 11.02 -27.33 2.93
C PHE C 138 12.01 -28.49 2.95
N CYS C 139 13.27 -28.24 3.26
CA CYS C 139 14.29 -29.27 3.21
C CYS C 139 14.49 -30.01 4.53
N ARG C 140 13.69 -29.72 5.55
CA ARG C 140 13.96 -30.29 6.87
C ARG C 140 13.57 -31.77 6.95
N SER C 141 12.47 -32.16 6.30
CA SER C 141 11.99 -33.53 6.38
C SER C 141 11.75 -34.10 4.99
N LYS C 142 11.81 -35.42 4.90
CA LYS C 142 11.69 -36.09 3.61
C LYS C 142 10.30 -35.90 3.00
N GLU C 143 9.26 -35.93 3.83
CA GLU C 143 7.90 -35.70 3.33
C GLU C 143 7.78 -34.31 2.73
N LEU C 144 8.33 -33.31 3.41
CA LEU C 144 8.31 -31.95 2.88
C LEU C 144 9.07 -31.88 1.56
N ARG C 145 10.20 -32.57 1.46
CA ARG C 145 10.96 -32.57 0.22
C ARG C 145 10.15 -33.19 -0.91
N GLU C 146 9.48 -34.31 -0.64
CA GLU C 146 8.66 -34.95 -1.67
C GLU C 146 7.54 -34.02 -2.14
N LYS C 147 6.84 -33.40 -1.19
CA LYS C 147 5.76 -32.50 -1.55
C LYS C 147 6.27 -31.32 -2.37
N PHE C 148 7.39 -30.74 -1.94
CA PHE C 148 7.96 -29.58 -2.63
C PHE C 148 8.37 -29.94 -4.06
N VAL C 149 9.08 -31.07 -4.23
CA VAL C 149 9.54 -31.43 -5.57
C VAL C 149 8.36 -31.78 -6.46
N ARG C 150 7.34 -32.45 -5.92
CA ARG C 150 6.17 -32.77 -6.72
C ARG C 150 5.50 -31.49 -7.22
N ALA C 151 5.21 -30.57 -6.30
CA ALA C 151 4.51 -29.34 -6.68
C ALA C 151 5.35 -28.49 -7.63
N GLU C 152 6.66 -28.39 -7.36
CA GLU C 152 7.52 -27.58 -8.21
C GLU C 152 7.65 -28.16 -9.61
N THR C 153 7.74 -29.50 -9.72
CA THR C 153 7.80 -30.11 -11.05
C THR C 153 6.49 -29.94 -11.80
N PHE C 154 5.36 -30.01 -11.10
CA PHE C 154 4.09 -29.74 -11.77
C PHE C 154 4.01 -28.28 -12.22
N LEU C 155 4.52 -27.35 -11.40
CA LEU C 155 4.57 -25.95 -11.80
C LEU C 155 5.46 -25.77 -13.02
N PHE C 156 6.57 -26.50 -13.08
CA PHE C 156 7.41 -26.49 -14.27
C PHE C 156 6.64 -27.00 -15.48
N LYS C 157 5.84 -28.05 -15.31
CA LYS C 157 5.04 -28.57 -16.40
C LYS C 157 4.10 -27.50 -16.93
N ILE C 158 3.38 -26.83 -16.04
CA ILE C 158 2.50 -25.74 -16.47
C ILE C 158 3.30 -24.65 -17.19
N ARG C 159 4.39 -24.19 -16.57
CA ARG C 159 5.13 -23.06 -17.11
C ARG C 159 5.68 -23.38 -18.49
N PHE C 160 6.13 -24.61 -18.71
CA PHE C 160 6.52 -25.03 -20.05
C PHE C 160 5.30 -25.10 -20.97
N ASN C 161 4.11 -25.35 -20.40
CA ASN C 161 2.92 -25.46 -21.23
C ASN C 161 2.53 -24.12 -21.85
N MET C 162 2.44 -23.05 -21.05
CA MET C 162 2.09 -21.79 -21.72
C MET C 162 3.24 -21.16 -22.50
N LEU C 163 4.47 -21.65 -22.36
CA LEU C 163 5.55 -21.12 -23.19
C LEU C 163 5.41 -21.58 -24.64
N THR C 164 5.70 -20.66 -25.56
CA THR C 164 5.48 -20.90 -26.98
C THR C 164 6.54 -21.85 -27.55
N SER C 165 6.22 -22.38 -28.74
CA SER C 165 7.09 -23.40 -29.34
C SER C 165 8.48 -22.84 -29.64
N THR C 166 8.56 -21.60 -30.12
CA THR C 166 9.86 -20.96 -30.29
C THR C 166 10.57 -20.82 -28.95
N ASP C 167 9.85 -20.36 -27.93
CA ASP C 167 10.43 -20.22 -26.60
C ASP C 167 10.76 -21.58 -25.99
N GLN C 168 9.90 -22.59 -26.22
CA GLN C 168 10.22 -23.93 -25.75
C GLN C 168 11.49 -24.46 -26.39
N THR C 169 11.67 -24.24 -27.69
CA THR C 169 12.89 -24.65 -28.37
C THR C 169 14.09 -23.91 -27.80
N LYS C 170 13.95 -22.59 -27.57
CA LYS C 170 15.07 -21.83 -27.01
C LYS C 170 15.46 -22.36 -25.64
N PHE C 171 14.47 -22.64 -24.78
CA PHE C 171 14.77 -23.15 -23.45
C PHE C 171 15.41 -24.53 -23.51
N VAL C 172 14.89 -25.42 -24.36
CA VAL C 172 15.44 -26.76 -24.47
C VAL C 172 16.89 -26.69 -24.96
N GLN C 173 17.16 -25.83 -25.94
CA GLN C 173 18.52 -25.68 -26.44
C GLN C 173 19.47 -25.17 -25.36
N SER C 174 18.97 -24.27 -24.50
CA SER C 174 19.78 -23.74 -23.41
C SER C 174 20.08 -24.82 -22.37
N LEU C 180 21.71 -35.28 -23.28
CA LEU C 180 20.64 -34.54 -23.95
C LEU C 180 21.18 -33.90 -25.23
N GLN C 181 21.34 -34.71 -26.27
CA GLN C 181 21.88 -34.25 -27.54
C GLN C 181 20.81 -34.32 -28.62
N PHE C 182 20.61 -33.20 -29.31
CA PHE C 182 19.65 -33.15 -30.41
C PHE C 182 20.25 -33.80 -31.65
N ILE C 183 19.42 -34.57 -32.35
CA ILE C 183 19.87 -35.27 -33.55
C ILE C 183 19.96 -34.30 -34.71
N SER C 184 20.84 -34.62 -35.66
CA SER C 184 21.03 -33.76 -36.82
C SER C 184 19.86 -33.92 -37.79
N ASN C 185 19.82 -33.04 -38.78
CA ASN C 185 18.74 -33.05 -39.76
C ASN C 185 18.77 -34.32 -40.59
N GLU C 186 19.97 -34.79 -40.97
CA GLU C 186 20.09 -35.99 -41.77
C GLU C 186 19.58 -37.20 -41.00
N GLU C 187 19.93 -37.29 -39.71
CA GLU C 187 19.49 -38.43 -38.91
C GLU C 187 17.97 -38.41 -38.71
N LYS C 188 17.38 -37.23 -38.56
CA LYS C 188 15.92 -37.13 -38.50
C LYS C 188 15.28 -37.56 -39.83
N ALA C 189 15.87 -37.14 -40.95
CA ALA C 189 15.33 -37.49 -42.25
C ALA C 189 15.41 -39.00 -42.50
N GLU C 190 16.49 -39.63 -42.06
CA GLU C 190 16.63 -41.08 -42.23
C GLU C 190 15.56 -41.83 -41.45
N LEU C 191 15.23 -41.36 -40.25
CA LEU C 191 14.26 -42.02 -39.39
C LEU C 191 12.92 -41.30 -39.36
N SER C 192 12.63 -40.49 -40.38
CA SER C 192 11.44 -39.65 -40.35
C SER C 192 10.16 -40.47 -40.30
N HIS C 193 10.10 -41.57 -41.07
CA HIS C 193 8.88 -42.38 -41.10
C HIS C 193 8.61 -43.02 -39.74
N GLN C 194 9.63 -43.64 -39.14
CA GLN C 194 9.44 -44.30 -37.85
C GLN C 194 9.15 -43.29 -36.74
N LEU C 195 9.85 -42.16 -36.74
CA LEU C 195 9.59 -41.13 -35.73
C LEU C 195 8.18 -40.58 -35.88
N TYR C 196 7.73 -40.35 -37.11
CA TYR C 196 6.37 -39.86 -37.32
C TYR C 196 5.35 -40.89 -36.84
N GLN C 197 5.57 -42.17 -37.14
CA GLN C 197 4.65 -43.19 -36.64
C GLN C 197 4.63 -43.22 -35.12
N THR C 198 5.79 -43.08 -34.48
CA THR C 198 5.85 -43.11 -33.03
C THR C 198 5.10 -41.92 -32.42
N VAL C 199 5.28 -40.72 -32.97
CA VAL C 199 4.79 -39.51 -32.31
C VAL C 199 3.46 -39.03 -32.85
N SER C 200 2.89 -39.68 -33.87
CA SER C 200 1.62 -39.22 -34.42
C SER C 200 0.50 -39.28 -33.38
N ALA C 201 0.39 -40.40 -32.66
CA ALA C 201 -0.66 -40.53 -31.66
C ALA C 201 -0.47 -39.54 -30.53
N SER C 202 0.78 -39.35 -30.08
CA SER C 202 1.04 -38.39 -29.00
C SER C 202 0.68 -36.98 -29.43
N LEU C 203 1.04 -36.59 -30.64
CA LEU C 203 0.68 -35.26 -31.13
C LEU C 203 -0.84 -35.11 -31.21
N GLN C 204 -1.53 -36.12 -31.75
CA GLN C 204 -2.97 -36.04 -31.88
C GLN C 204 -3.65 -35.90 -30.52
N PHE C 205 -3.19 -36.67 -29.53
CA PHE C 205 -3.88 -36.69 -28.24
C PHE C 205 -3.49 -35.55 -27.32
N GLN C 206 -2.28 -35.00 -27.46
CA GLN C 206 -1.84 -33.91 -26.59
C GLN C 206 -2.00 -32.53 -27.21
N LEU C 207 -1.56 -32.35 -28.46
CA LEU C 207 -1.67 -31.07 -29.14
C LEU C 207 -2.98 -30.91 -29.89
N ASN C 208 -3.86 -31.91 -29.84
CA ASN C 208 -5.17 -31.87 -30.47
C ASN C 208 -5.07 -31.62 -31.98
N LEU C 209 -3.97 -32.06 -32.59
CA LEU C 209 -3.76 -31.90 -34.03
C LEU C 209 -4.46 -33.06 -34.72
N ASN C 210 -5.78 -32.95 -34.85
CA ASN C 210 -6.56 -34.04 -35.41
C ASN C 210 -6.27 -34.23 -36.91
N GLU C 211 -6.05 -33.15 -37.64
CA GLU C 211 -5.74 -33.24 -39.05
C GLU C 211 -4.34 -33.79 -39.26
N GLU C 212 -4.19 -34.67 -40.26
CA GLU C 212 -2.90 -35.29 -40.51
C GLU C 212 -1.88 -34.28 -41.01
N HIS C 213 -2.34 -33.30 -41.79
CA HIS C 213 -1.42 -32.30 -42.34
C HIS C 213 -0.80 -31.45 -41.23
N GLN C 214 -1.59 -31.08 -40.23
CA GLN C 214 -1.04 -30.33 -39.10
C GLN C 214 -0.02 -31.16 -38.34
N ARG C 215 -0.29 -32.46 -38.15
CA ARG C 215 0.66 -33.33 -37.48
C ARG C 215 1.97 -33.42 -38.27
N LYS C 216 1.87 -33.56 -39.60
CA LYS C 216 3.07 -33.64 -40.43
C LYS C 216 3.86 -32.34 -40.37
N GLN C 217 3.17 -31.20 -40.42
CA GLN C 217 3.86 -29.92 -40.34
C GLN C 217 4.56 -29.75 -38.99
N TYR C 218 3.89 -30.15 -37.90
CA TYR C 218 4.51 -30.06 -36.59
C TYR C 218 5.71 -30.99 -36.47
N PHE C 219 5.60 -32.19 -37.05
CA PHE C 219 6.72 -33.14 -37.02
C PHE C 219 7.91 -32.61 -37.82
N GLN C 220 7.65 -31.91 -38.92
CA GLN C 220 8.75 -31.37 -39.72
C GLN C 220 9.58 -30.38 -38.91
N GLN C 221 8.93 -29.52 -38.13
CA GLN C 221 9.65 -28.55 -37.31
C GLN C 221 10.11 -29.13 -35.98
N GLU C 222 9.48 -30.20 -35.51
CA GLU C 222 9.84 -30.78 -34.22
C GLU C 222 11.25 -31.38 -34.26
N LYS C 223 12.06 -31.00 -33.28
CA LYS C 223 13.38 -31.57 -33.10
C LYS C 223 13.31 -32.70 -32.09
N PHE C 224 14.34 -33.55 -32.11
CA PHE C 224 14.38 -34.74 -31.28
C PHE C 224 15.72 -34.82 -30.57
N ILE C 225 15.74 -35.53 -29.44
CA ILE C 225 16.92 -35.68 -28.60
C ILE C 225 17.24 -37.16 -28.49
N LYS C 226 18.51 -37.50 -28.70
CA LYS C 226 18.98 -38.88 -28.62
C LYS C 226 19.41 -39.16 -27.18
N LEU C 227 18.71 -40.09 -26.53
CA LEU C 227 18.96 -40.47 -25.15
C LEU C 227 18.77 -41.97 -25.01
N PRO C 228 19.40 -42.60 -24.02
CA PRO C 228 19.22 -44.04 -23.86
C PRO C 228 17.91 -44.36 -23.15
N PHE C 229 17.43 -45.59 -23.37
CA PHE C 229 16.12 -45.97 -22.85
C PHE C 229 16.10 -46.09 -21.34
N GLU C 230 17.26 -46.19 -20.69
CA GLU C 230 17.29 -46.29 -19.23
C GLU C 230 16.76 -45.01 -18.58
N ASN C 231 16.97 -43.87 -19.23
CA ASN C 231 16.44 -42.60 -18.74
C ASN C 231 15.03 -42.32 -19.23
N VAL C 232 14.50 -43.13 -20.15
CA VAL C 232 13.18 -42.90 -20.72
C VAL C 232 12.33 -44.16 -20.63
N ILE C 233 12.59 -44.98 -19.60
CA ILE C 233 11.90 -46.26 -19.47
C ILE C 233 10.40 -46.06 -19.33
N GLU C 234 9.97 -45.00 -18.63
CA GLU C 234 8.54 -44.77 -18.44
C GLU C 234 7.84 -44.50 -19.76
N LEU C 235 8.52 -43.82 -20.69
CA LEU C 235 7.96 -43.63 -22.02
C LEU C 235 8.09 -44.90 -22.87
N VAL C 236 9.15 -45.67 -22.65
CA VAL C 236 9.35 -46.90 -23.41
C VAL C 236 8.24 -47.89 -23.13
N GLY C 237 7.85 -48.02 -21.86
CA GLY C 237 6.77 -48.94 -21.52
C GLY C 237 5.47 -48.57 -22.20
N ASN C 238 5.15 -47.28 -22.26
CA ASN C 238 3.95 -46.80 -22.93
C ASN C 238 4.18 -46.67 -24.44
N ARG C 239 5.44 -46.70 -24.88
CA ARG C 239 5.82 -46.62 -26.30
C ARG C 239 5.49 -45.26 -26.90
N LEU C 240 5.98 -44.20 -26.25
CA LEU C 240 5.88 -42.84 -26.77
C LEU C 240 7.17 -42.36 -27.43
N VAL C 241 8.23 -43.16 -27.43
CA VAL C 241 9.51 -42.76 -27.99
C VAL C 241 10.03 -43.87 -28.89
N PHE C 242 10.57 -43.45 -30.04
CA PHE C 242 11.20 -44.39 -30.97
C PHE C 242 12.53 -44.86 -30.40
N LEU C 243 12.74 -46.16 -30.39
CA LEU C 243 13.88 -46.78 -29.72
C LEU C 243 14.72 -47.53 -30.75
N LYS C 244 16.00 -47.15 -30.85
CA LYS C 244 16.89 -47.74 -31.85
C LYS C 244 18.28 -47.89 -31.27
N ASP C 245 18.83 -49.10 -31.37
CA ASP C 245 20.21 -49.40 -30.98
C ASP C 245 20.50 -48.94 -29.55
N GLY C 246 19.55 -49.18 -28.65
CA GLY C 246 19.72 -48.81 -27.26
C GLY C 246 19.46 -47.36 -26.93
N TYR C 247 19.08 -46.55 -27.91
CA TYR C 247 18.83 -45.13 -27.71
C TYR C 247 17.36 -44.83 -27.97
N ALA C 248 16.78 -43.95 -27.17
CA ALA C 248 15.40 -43.53 -27.30
C ALA C 248 15.35 -42.11 -27.86
N TYR C 249 14.52 -41.91 -28.88
CA TYR C 249 14.36 -40.61 -29.53
C TYR C 249 13.14 -39.92 -28.94
N LEU C 250 13.38 -38.89 -28.14
CA LEU C 250 12.29 -38.15 -27.49
C LEU C 250 11.53 -37.29 -28.50
N GLN C 254 6.75 -35.59 -25.88
CA GLN C 254 6.97 -36.29 -24.63
C GLN C 254 8.23 -35.80 -23.93
N GLN C 255 8.82 -34.72 -24.45
CA GLN C 255 10.01 -34.16 -23.84
C GLN C 255 9.72 -33.54 -22.48
N LEU C 256 8.48 -33.11 -22.26
CA LEU C 256 8.14 -32.46 -20.99
C LEU C 256 8.29 -33.43 -19.82
N ASN C 257 7.92 -34.70 -20.02
CA ASN C 257 8.07 -35.69 -18.96
C ASN C 257 9.54 -35.87 -18.58
N LEU C 258 10.41 -35.96 -19.59
CA LEU C 258 11.85 -36.10 -19.31
C LEU C 258 12.39 -34.87 -18.60
N LEU C 259 12.00 -33.69 -19.06
CA LEU C 259 12.46 -32.46 -18.42
C LEU C 259 11.99 -32.39 -16.97
N SER C 260 10.74 -32.79 -16.71
CA SER C 260 10.21 -32.74 -15.36
C SER C 260 10.88 -33.78 -14.46
N ASN C 261 11.18 -34.96 -14.99
CA ASN C 261 11.91 -35.95 -14.20
C ASN C 261 13.31 -35.46 -13.83
N GLU C 262 14.00 -34.84 -14.80
CA GLU C 262 15.32 -34.29 -14.52
C GLU C 262 15.22 -33.17 -13.49
N PHE C 263 14.20 -32.32 -13.61
CA PHE C 263 13.96 -31.27 -12.62
C PHE C 263 13.77 -31.86 -11.24
N ALA C 264 12.96 -32.91 -11.13
CA ALA C 264 12.71 -33.54 -9.84
C ALA C 264 14.00 -34.10 -9.24
N SER C 265 14.80 -34.77 -10.06
CA SER C 265 16.04 -35.36 -9.54
C SER C 265 17.01 -34.29 -9.07
N LYS C 266 17.24 -33.27 -9.90
CA LYS C 266 18.16 -32.20 -9.53
C LYS C 266 17.65 -31.44 -8.30
N LEU C 267 16.34 -31.19 -8.26
CA LEU C 267 15.75 -30.47 -7.12
C LEU C 267 15.89 -31.27 -5.84
N ASN C 268 15.68 -32.59 -5.90
CA ASN C 268 15.87 -33.42 -4.71
C ASN C 268 17.31 -33.41 -4.25
N GLN C 269 18.26 -33.51 -5.18
CA GLN C 269 19.68 -33.46 -4.81
C GLN C 269 20.03 -32.12 -4.16
N GLU C 270 19.55 -31.02 -4.74
CA GLU C 270 19.83 -29.71 -4.18
C GLU C 270 19.16 -29.54 -2.82
N LEU C 271 17.97 -30.11 -2.64
CA LEU C 271 17.31 -30.08 -1.34
C LEU C 271 18.12 -30.82 -0.29
N ILE C 272 18.66 -31.98 -0.65
CA ILE C 272 19.49 -32.72 0.29
C ILE C 272 20.74 -31.91 0.65
N LYS C 273 21.37 -31.30 -0.35
CA LYS C 273 22.55 -30.49 -0.10
C LYS C 273 22.23 -29.29 0.80
N THR C 274 21.09 -28.66 0.55
CA THR C 274 20.67 -27.54 1.39
C THR C 274 20.40 -28.00 2.82
N TYR C 275 19.84 -29.19 2.99
CA TYR C 275 19.66 -29.72 4.34
C TYR C 275 21.01 -29.97 5.02
N GLN C 276 22.01 -30.39 4.24
CA GLN C 276 23.34 -30.55 4.79
C GLN C 276 23.92 -29.22 5.24
N TYR C 277 23.73 -28.16 4.45
CA TYR C 277 24.29 -26.85 4.76
C TYR C 277 23.46 -26.05 5.76
N LEU C 278 22.25 -26.47 6.07
CA LEU C 278 21.39 -25.71 6.96
C LEU C 278 21.96 -25.46 8.36
N PRO C 279 22.64 -26.42 9.01
CA PRO C 279 23.17 -26.12 10.37
C PRO C 279 24.09 -24.92 10.41
N ARG C 280 24.85 -24.66 9.34
CA ARG C 280 25.65 -23.44 9.30
C ARG C 280 24.76 -22.19 9.29
N LEU C 281 23.66 -22.23 8.53
CA LEU C 281 22.74 -21.11 8.49
C LEU C 281 21.76 -21.10 9.66
N ASN C 282 21.92 -22.01 10.62
CA ASN C 282 21.10 -21.98 11.83
C ASN C 282 21.48 -20.85 12.77
N GLU C 283 22.57 -20.13 12.50
CA GLU C 283 23.11 -19.15 13.42
C GLU C 283 22.40 -17.79 13.35
N ASP C 284 21.54 -17.56 12.37
CA ASP C 284 20.92 -16.25 12.18
C ASP C 284 19.56 -16.23 12.86
N ASP C 285 19.26 -15.13 13.55
CA ASP C 285 18.00 -15.00 14.26
C ASP C 285 16.84 -14.59 13.35
N ARG C 286 17.14 -13.98 12.21
CA ARG C 286 16.10 -13.41 11.37
C ARG C 286 15.31 -14.49 10.61
N LEU C 287 16.02 -15.40 9.93
CA LEU C 287 15.34 -16.31 9.01
C LEU C 287 14.62 -17.44 9.73
N LEU C 288 15.18 -17.94 10.83
CA LEU C 288 14.66 -19.14 11.48
C LEU C 288 13.16 -19.07 11.80
N PRO C 289 12.63 -18.00 12.42
CA PRO C 289 11.18 -17.97 12.63
C PRO C 289 10.39 -17.99 11.33
N ILE C 290 10.90 -17.34 10.28
CA ILE C 290 10.18 -17.33 9.01
C ILE C 290 10.16 -18.73 8.39
N LEU C 291 11.30 -19.43 8.42
CA LEU C 291 11.33 -20.79 7.90
C LEU C 291 10.40 -21.70 8.69
N ASN C 292 10.39 -21.56 10.02
CA ASN C 292 9.50 -22.38 10.84
C ASN C 292 8.03 -22.09 10.51
N HIS C 293 7.68 -20.81 10.39
CA HIS C 293 6.31 -20.45 10.04
C HIS C 293 5.92 -21.01 8.68
N LEU C 294 6.80 -20.90 7.69
CA LEU C 294 6.48 -21.39 6.36
C LEU C 294 6.35 -22.91 6.34
N SER C 295 7.19 -23.60 7.11
CA SER C 295 7.07 -25.06 7.21
C SER C 295 5.75 -25.45 7.86
N SER C 296 5.34 -24.74 8.91
CA SER C 296 4.05 -25.04 9.53
C SER C 296 2.87 -24.54 8.70
N GLY C 297 3.11 -23.63 7.76
CA GLY C 297 2.03 -23.12 6.94
C GLY C 297 1.44 -24.16 6.00
N TYR C 298 2.29 -25.07 5.52
CA TYR C 298 1.79 -26.24 4.80
C TYR C 298 0.77 -27.01 5.63
N THR C 299 1.05 -27.19 6.92
CA THR C 299 0.21 -28.03 7.78
C THR C 299 -0.98 -27.22 8.31
N ASP C 317 -19.30 -34.05 -18.06
CA ASP C 317 -19.92 -34.06 -16.74
C ASP C 317 -21.42 -34.34 -16.82
N GLU C 318 -21.90 -35.21 -15.92
CA GLU C 318 -23.34 -35.49 -15.88
C GLU C 318 -24.13 -34.28 -15.45
N ILE C 319 -23.58 -33.48 -14.54
CA ILE C 319 -24.21 -32.24 -14.10
C ILE C 319 -23.54 -31.09 -14.85
N ASN C 320 -24.25 -30.51 -15.82
CA ASN C 320 -23.73 -29.43 -16.64
C ASN C 320 -24.76 -28.30 -16.67
N ALA C 321 -24.45 -27.26 -17.43
CA ALA C 321 -25.35 -26.11 -17.54
C ALA C 321 -26.69 -26.46 -18.14
N GLN C 322 -26.76 -27.55 -18.90
CA GLN C 322 -28.00 -27.95 -19.55
C GLN C 322 -28.72 -29.08 -18.82
N SER C 323 -28.00 -29.85 -18.00
CA SER C 323 -28.61 -30.96 -17.30
C SER C 323 -29.44 -30.51 -16.10
N VAL C 324 -29.02 -29.45 -15.42
CA VAL C 324 -29.78 -28.95 -14.28
C VAL C 324 -31.15 -28.43 -14.70
N TRP C 325 -31.29 -28.01 -15.95
CA TRP C 325 -32.57 -27.64 -16.54
C TRP C 325 -33.43 -28.83 -16.91
N SER C 326 -32.86 -30.02 -17.03
CA SER C 326 -33.60 -31.18 -17.48
C SER C 326 -34.46 -31.75 -16.35
N GLU C 327 -35.48 -32.53 -16.74
CA GLU C 327 -36.36 -33.13 -15.76
C GLU C 327 -35.65 -34.19 -14.93
N GLU C 328 -34.67 -34.89 -15.52
CA GLU C 328 -34.00 -35.97 -14.82
C GLU C 328 -33.30 -35.47 -13.56
N ILE C 329 -32.63 -34.33 -13.66
CA ILE C 329 -31.92 -33.77 -12.51
C ILE C 329 -32.87 -32.96 -11.63
N SER C 330 -33.80 -32.22 -12.23
CA SER C 330 -34.72 -31.40 -11.45
CA SER C 330 -34.73 -31.39 -11.45
C SER C 330 -35.69 -32.22 -10.61
N SER C 331 -35.93 -33.48 -10.98
CA SER C 331 -36.82 -34.32 -10.20
C SER C 331 -36.24 -34.66 -8.83
N ASN C 332 -34.94 -34.48 -8.65
CA ASN C 332 -34.28 -34.75 -7.39
C ASN C 332 -34.09 -33.52 -6.53
N TYR C 333 -34.56 -32.35 -6.99
CA TYR C 333 -34.43 -31.10 -6.25
C TYR C 333 -35.41 -31.07 -5.08
N PRO C 334 -35.13 -30.26 -4.06
CA PRO C 334 -36.14 -29.97 -3.04
C PRO C 334 -37.04 -28.82 -3.49
N LEU C 335 -38.01 -28.51 -2.62
CA LEU C 335 -38.97 -27.47 -2.94
C LEU C 335 -38.30 -26.10 -3.10
N CYS C 336 -37.36 -25.77 -2.21
CA CYS C 336 -36.72 -24.46 -2.25
C CYS C 336 -35.95 -24.27 -3.55
N ILE C 337 -35.20 -25.29 -3.96
CA ILE C 337 -34.40 -25.18 -5.18
C ILE C 337 -35.31 -25.12 -6.41
N LYS C 338 -36.43 -25.84 -6.39
CA LYS C 338 -37.40 -25.69 -7.46
C LYS C 338 -37.92 -24.27 -7.53
N ASN C 339 -38.22 -23.66 -6.37
CA ASN C 339 -38.67 -22.28 -6.37
C ASN C 339 -37.62 -21.35 -6.95
N LEU C 340 -36.36 -21.51 -6.53
CA LEU C 340 -35.30 -20.66 -7.06
C LEU C 340 -35.15 -20.84 -8.57
N MET C 341 -35.21 -22.08 -9.03
CA MET C 341 -34.98 -22.40 -10.43
C MET C 341 -36.09 -21.80 -11.27
N GLU C 342 -37.33 -21.95 -10.79
CA GLU C 342 -38.48 -21.43 -11.53
C GLU C 342 -38.50 -19.90 -11.55
N GLY C 343 -38.15 -19.27 -10.43
CA GLY C 343 -38.05 -17.82 -10.42
C GLY C 343 -36.95 -17.32 -11.34
N LEU C 344 -35.83 -18.04 -11.39
CA LEU C 344 -34.78 -17.74 -12.37
C LEU C 344 -35.32 -17.82 -13.79
N LYS C 345 -36.07 -18.88 -14.09
CA LYS C 345 -36.59 -19.05 -15.44
C LYS C 345 -37.56 -17.93 -15.80
N LYS C 346 -38.46 -17.58 -14.88
CA LYS C 346 -39.44 -16.53 -15.16
C LYS C 346 -38.77 -15.17 -15.34
N ASN C 347 -37.91 -14.79 -14.39
CA ASN C 347 -37.39 -13.43 -14.34
C ASN C 347 -36.03 -13.26 -15.00
N HIS C 348 -35.38 -14.35 -15.41
CA HIS C 348 -34.06 -14.32 -16.03
C HIS C 348 -33.03 -13.66 -15.12
N HIS C 349 -33.29 -13.63 -13.82
CA HIS C 349 -32.40 -13.01 -12.85
C HIS C 349 -32.89 -13.37 -11.45
N LEU C 350 -31.94 -13.53 -10.54
CA LEU C 350 -32.22 -13.85 -9.15
C LEU C 350 -31.51 -12.84 -8.25
N ARG C 351 -32.07 -12.65 -7.06
CA ARG C 351 -31.50 -11.68 -6.14
C ARG C 351 -30.41 -12.35 -5.28
N TYR C 352 -29.77 -11.54 -4.44
CA TYR C 352 -28.49 -11.93 -3.85
C TYR C 352 -28.60 -13.22 -3.04
N TYR C 353 -29.53 -13.27 -2.09
CA TYR C 353 -29.65 -14.46 -1.26
C TYR C 353 -30.06 -15.66 -2.09
N GLY C 354 -31.00 -15.48 -3.01
CA GLY C 354 -31.36 -16.57 -3.90
C GLY C 354 -30.22 -17.00 -4.80
N ARG C 355 -29.48 -16.02 -5.33
CA ARG C 355 -28.31 -16.33 -6.16
C ARG C 355 -27.31 -17.17 -5.40
N GLN C 356 -26.94 -16.74 -4.20
CA GLN C 356 -25.95 -17.49 -3.42
C GLN C 356 -26.48 -18.86 -3.03
N GLN C 357 -27.75 -18.95 -2.64
CA GLN C 357 -28.33 -20.23 -2.27
C GLN C 357 -28.25 -21.22 -3.42
N LEU C 358 -28.73 -20.81 -4.60
CA LEU C 358 -28.74 -21.71 -5.75
C LEU C 358 -27.33 -22.04 -6.21
N SER C 359 -26.43 -21.05 -6.21
CA SER C 359 -25.05 -21.29 -6.63
C SER C 359 -24.36 -22.28 -5.70
N LEU C 360 -24.55 -22.13 -4.38
CA LEU C 360 -23.92 -23.04 -3.45
C LEU C 360 -24.52 -24.43 -3.53
N PHE C 361 -25.83 -24.53 -3.75
CA PHE C 361 -26.44 -25.85 -3.96
C PHE C 361 -25.86 -26.53 -5.20
N LEU C 362 -25.74 -25.77 -6.30
CA LEU C 362 -25.18 -26.34 -7.52
C LEU C 362 -23.73 -26.75 -7.33
N LYS C 363 -22.97 -25.97 -6.56
CA LYS C 363 -21.60 -26.37 -6.23
C LYS C 363 -21.59 -27.65 -5.42
N GLY C 364 -22.54 -27.80 -4.49
CA GLY C 364 -22.60 -29.01 -3.69
C GLY C 364 -22.94 -30.24 -4.51
N ILE C 365 -23.82 -30.08 -5.51
CA ILE C 365 -24.19 -31.23 -6.35
C ILE C 365 -23.15 -31.54 -7.40
N GLY C 366 -22.05 -30.78 -7.47
CA GLY C 366 -20.95 -31.09 -8.35
C GLY C 366 -20.80 -30.24 -9.59
N LEU C 367 -21.60 -29.18 -9.75
CA LEU C 367 -21.46 -28.33 -10.92
C LEU C 367 -20.13 -27.58 -10.86
N SER C 368 -19.39 -27.62 -11.95
CA SER C 368 -18.06 -27.01 -11.98
C SER C 368 -18.17 -25.49 -12.06
N ALA C 369 -17.04 -24.82 -11.80
CA ALA C 369 -17.01 -23.37 -11.87
C ALA C 369 -17.28 -22.87 -13.29
N ASP C 370 -16.64 -23.50 -14.29
CA ASP C 370 -16.90 -23.12 -15.67
C ASP C 370 -18.35 -23.37 -16.06
N GLU C 371 -18.88 -24.54 -15.71
CA GLU C 371 -20.27 -24.86 -16.04
C GLU C 371 -21.23 -23.95 -15.29
N ALA C 372 -20.91 -23.60 -14.03
CA ALA C 372 -21.72 -22.64 -13.30
C ALA C 372 -21.73 -21.29 -13.99
N LEU C 373 -20.57 -20.84 -14.47
CA LEU C 373 -20.51 -19.58 -15.19
C LEU C 373 -21.33 -19.61 -16.46
N LYS C 374 -21.24 -20.70 -17.22
CA LYS C 374 -22.04 -20.81 -18.44
C LYS C 374 -23.54 -20.81 -18.13
N PHE C 375 -23.95 -21.59 -17.12
CA PHE C 375 -25.36 -21.67 -16.77
C PHE C 375 -25.89 -20.33 -16.29
N TRP C 376 -25.11 -19.63 -15.47
CA TRP C 376 -25.52 -18.33 -14.95
C TRP C 376 -25.55 -17.27 -16.04
N SER C 377 -24.62 -17.34 -16.99
CA SER C 377 -24.63 -16.39 -18.10
CA SER C 377 -24.62 -16.39 -18.10
C SER C 377 -25.80 -16.63 -19.03
N GLU C 378 -26.12 -17.90 -19.31
CA GLU C 378 -27.22 -18.20 -20.22
C GLU C 378 -28.58 -17.95 -19.57
N ALA C 379 -28.66 -18.08 -18.24
CA ALA C 379 -29.93 -17.83 -17.56
C ALA C 379 -30.25 -16.33 -17.52
N PHE C 380 -29.21 -15.49 -17.57
CA PHE C 380 -29.39 -14.03 -17.53
C PHE C 380 -29.42 -13.49 -18.96
N THR C 381 -30.53 -13.78 -19.64
CA THR C 381 -30.63 -13.46 -21.07
C THR C 381 -30.72 -11.97 -21.33
N THR C 387 -26.39 -7.77 -20.72
CA THR C 387 -25.26 -7.90 -21.61
C THR C 387 -24.06 -8.53 -20.89
N MET C 388 -23.12 -9.02 -21.68
CA MET C 388 -21.95 -9.69 -21.14
C MET C 388 -21.04 -8.74 -20.38
N GLU C 389 -21.09 -7.46 -20.76
CA GLU C 389 -20.26 -6.47 -20.07
C GLU C 389 -20.64 -6.36 -18.60
N LYS C 390 -21.92 -6.14 -18.31
CA LYS C 390 -22.36 -6.03 -16.93
C LYS C 390 -22.20 -7.36 -16.20
N PHE C 391 -22.40 -8.48 -16.90
CA PHE C 391 -22.19 -9.77 -16.27
C PHE C 391 -20.75 -9.93 -15.79
N ASN C 392 -19.79 -9.71 -16.70
CA ASN C 392 -18.38 -9.81 -16.31
C ASN C 392 -18.02 -8.79 -15.25
N LYS C 393 -18.67 -7.62 -15.26
CA LYS C 393 -18.35 -6.59 -14.29
C LYS C 393 -18.87 -6.93 -12.89
N GLU C 394 -20.05 -7.55 -12.79
CA GLU C 394 -20.77 -7.58 -11.53
C GLU C 394 -21.04 -8.97 -10.98
N TYR C 395 -21.20 -10.00 -11.81
CA TYR C 395 -21.61 -11.31 -11.33
C TYR C 395 -20.57 -12.40 -11.53
N ARG C 396 -19.64 -12.23 -12.47
CA ARG C 396 -18.64 -13.27 -12.71
CA ARG C 396 -18.64 -13.27 -12.71
C ARG C 396 -17.76 -13.46 -11.48
N TYR C 397 -17.34 -12.35 -10.85
CA TYR C 397 -16.49 -12.47 -9.67
C TYR C 397 -17.23 -13.13 -8.52
N SER C 398 -18.52 -12.82 -8.35
CA SER C 398 -19.30 -13.44 -7.30
CA SER C 398 -19.30 -13.44 -7.30
C SER C 398 -19.46 -14.94 -7.55
N PHE C 399 -19.72 -15.32 -8.80
CA PHE C 399 -19.99 -16.71 -9.10
C PHE C 399 -18.71 -17.54 -9.10
N ARG C 400 -17.56 -16.90 -9.31
CA ARG C 400 -16.29 -17.60 -9.14
C ARG C 400 -15.86 -17.62 -7.67
N HIS C 401 -16.23 -16.59 -6.90
CA HIS C 401 -15.82 -16.50 -5.51
C HIS C 401 -16.65 -17.42 -4.62
N ASN C 402 -17.89 -17.71 -5.02
CA ASN C 402 -18.64 -18.76 -4.34
C ASN C 402 -17.89 -20.08 -4.37
N TYR C 403 -17.19 -20.35 -5.46
CA TYR C 403 -16.36 -21.55 -5.61
C TYR C 403 -15.02 -21.43 -4.91
N GLY C 404 -14.70 -20.26 -4.36
CA GLY C 404 -13.42 -20.07 -3.68
C GLY C 404 -12.23 -20.03 -4.59
N LEU C 405 -12.28 -19.22 -5.65
CA LEU C 405 -11.17 -19.07 -6.57
C LEU C 405 -10.43 -17.75 -6.42
N GLU C 406 -10.97 -16.80 -5.65
CA GLU C 406 -10.31 -15.53 -5.38
C GLU C 406 -10.49 -15.14 -3.92
N GLY C 407 -9.94 -13.98 -3.57
CA GLY C 407 -9.94 -13.56 -2.18
C GLY C 407 -9.14 -14.53 -1.33
N ASN C 408 -9.68 -14.88 -0.17
CA ASN C 408 -9.08 -15.93 0.65
C ASN C 408 -9.45 -17.32 0.16
N ARG C 409 -10.13 -17.42 -0.98
CA ARG C 409 -10.41 -18.69 -1.64
C ARG C 409 -11.19 -19.64 -0.74
N ILE C 410 -12.41 -19.25 -0.37
CA ILE C 410 -13.25 -20.07 0.50
C ILE C 410 -14.09 -21.00 -0.36
N ASN C 411 -13.82 -22.30 -0.27
CA ASN C 411 -14.71 -23.29 -0.89
C ASN C 411 -15.96 -23.33 -0.02
N TYR C 412 -16.85 -22.37 -0.26
CA TYR C 412 -18.01 -22.16 0.60
C TYR C 412 -18.86 -23.42 0.68
N LYS C 413 -19.15 -23.84 1.91
CA LYS C 413 -20.05 -24.95 2.11
C LYS C 413 -21.47 -24.56 1.70
N PRO C 414 -22.17 -25.43 0.97
CA PRO C 414 -23.55 -25.12 0.61
C PRO C 414 -24.41 -24.93 1.86
N TRP C 415 -25.34 -24.00 1.79
CA TRP C 415 -26.20 -23.71 2.92
C TRP C 415 -27.06 -24.91 3.27
N ASP C 416 -27.11 -25.23 4.56
CA ASP C 416 -28.03 -26.24 5.06
C ASP C 416 -29.34 -25.55 5.46
N CYS C 417 -30.33 -26.35 5.86
CA CYS C 417 -31.65 -25.79 6.13
C CYS C 417 -31.62 -24.79 7.28
N HIS C 418 -30.74 -24.97 8.25
CA HIS C 418 -30.61 -23.98 9.32
C HIS C 418 -30.04 -22.66 8.79
N THR C 419 -29.04 -22.74 7.92
CA THR C 419 -28.49 -21.53 7.31
C THR C 419 -29.54 -20.85 6.43
N ILE C 420 -30.30 -21.64 5.67
CA ILE C 420 -31.34 -21.08 4.80
C ILE C 420 -32.41 -20.39 5.64
N LEU C 421 -32.83 -21.02 6.75
CA LEU C 421 -33.86 -20.44 7.59
C LEU C 421 -33.33 -19.30 8.45
N SER C 422 -32.01 -19.16 8.58
CA SER C 422 -31.44 -18.04 9.31
C SER C 422 -31.31 -16.78 8.45
N LYS C 423 -31.51 -16.90 7.14
CA LYS C 423 -31.45 -15.74 6.26
C LYS C 423 -32.72 -14.90 6.39
N PRO C 424 -32.67 -13.65 5.95
CA PRO C 424 -33.86 -12.80 6.04
C PRO C 424 -35.02 -13.37 5.24
N ARG C 425 -36.23 -13.12 5.74
CA ARG C 425 -37.43 -13.64 5.10
C ARG C 425 -37.60 -13.02 3.72
N PRO C 426 -37.90 -13.83 2.70
CA PRO C 426 -38.06 -13.28 1.35
C PRO C 426 -39.31 -12.39 1.25
N GLY C 427 -39.24 -11.45 0.31
CA GLY C 427 -40.36 -10.58 0.04
C GLY C 427 -40.86 -10.73 -1.40
N ARG C 428 -41.40 -9.66 -1.96
CA ARG C 428 -41.86 -9.70 -3.33
C ARG C 428 -40.68 -9.72 -4.29
N GLY C 429 -40.67 -10.70 -5.20
CA GLY C 429 -39.54 -10.91 -6.08
C GLY C 429 -38.42 -11.72 -5.49
N ASP C 430 -38.43 -11.98 -4.19
CA ASP C 430 -37.42 -12.80 -3.52
C ASP C 430 -37.90 -14.24 -3.49
N TYR C 431 -37.05 -15.16 -3.98
CA TYR C 431 -37.41 -16.56 -4.07
C TYR C 431 -36.67 -17.44 -3.09
N HIS C 432 -35.67 -16.92 -2.39
CA HIS C 432 -34.89 -17.73 -1.46
C HIS C 432 -35.72 -18.11 -0.24
N GLY C 433 -35.10 -18.84 0.67
CA GLY C 433 -35.76 -19.30 1.87
C GLY C 433 -36.30 -20.71 1.74
N CYS C 434 -37.29 -21.01 2.57
CA CYS C 434 -37.93 -22.32 2.59
C CYS C 434 -39.40 -22.15 2.23
N PRO C 435 -39.89 -22.81 1.17
CA PRO C 435 -41.32 -22.71 0.83
C PRO C 435 -42.21 -23.20 1.96
N PHE C 436 -41.75 -24.16 2.76
CA PHE C 436 -42.55 -24.67 3.87
C PHE C 436 -42.76 -23.63 4.95
N ARG C 437 -42.01 -22.53 4.92
CA ARG C 437 -42.15 -21.44 5.88
C ARG C 437 -42.70 -20.16 5.26
N ASP C 438 -42.25 -19.83 4.05
CA ASP C 438 -42.55 -18.53 3.44
C ASP C 438 -43.80 -18.55 2.58
N TRP C 439 -44.19 -19.70 2.05
CA TRP C 439 -45.38 -19.78 1.22
C TRP C 439 -46.63 -19.92 2.08
N SER C 440 -47.75 -19.44 1.55
CA SER C 440 -49.03 -19.64 2.19
C SER C 440 -49.44 -21.11 2.06
N HIS C 441 -50.32 -21.54 2.97
CA HIS C 441 -50.76 -22.93 2.97
C HIS C 441 -51.47 -23.29 1.68
N GLU C 442 -52.15 -22.32 1.05
CA GLU C 442 -52.84 -22.58 -0.21
C GLU C 442 -51.86 -22.89 -1.34
N ARG C 443 -50.83 -22.05 -1.48
CA ARG C 443 -49.85 -22.27 -2.54
C ARG C 443 -49.07 -23.56 -2.32
N LEU C 444 -48.68 -23.83 -1.07
CA LEU C 444 -48.03 -25.09 -0.76
C LEU C 444 -48.92 -26.27 -1.09
N SER C 445 -50.19 -26.19 -0.71
CA SER C 445 -51.13 -27.28 -0.98
C SER C 445 -51.26 -27.52 -2.48
N ALA C 446 -51.37 -26.44 -3.26
CA ALA C 446 -51.46 -26.59 -4.72
C ALA C 446 -50.21 -27.23 -5.29
N GLU C 447 -49.03 -26.82 -4.80
CA GLU C 447 -47.79 -27.43 -5.26
C GLU C 447 -47.75 -28.92 -4.91
N LEU C 448 -48.36 -29.30 -3.79
CA LEU C 448 -48.43 -30.72 -3.46
C LEU C 448 -49.41 -31.47 -4.37
N ARG C 449 -50.55 -30.88 -4.70
CA ARG C 449 -51.45 -31.53 -5.65
C ARG C 449 -50.77 -31.69 -7.01
N SER C 450 -49.90 -30.75 -7.37
CA SER C 450 -49.11 -30.92 -8.59
C SER C 450 -48.13 -32.09 -8.48
N MET C 451 -47.83 -32.55 -7.27
CA MET C 451 -46.92 -33.67 -7.07
C MET C 451 -47.69 -34.97 -6.82
N LYS C 452 -49.00 -34.93 -7.08
CA LYS C 452 -49.90 -36.07 -6.90
C LYS C 452 -50.01 -36.52 -5.45
N LEU C 453 -49.79 -35.61 -4.50
CA LEU C 453 -49.92 -35.95 -3.08
C LEU C 453 -51.39 -35.98 -2.68
N THR C 454 -51.77 -37.00 -1.92
CA THR C 454 -53.15 -37.14 -1.48
C THR C 454 -53.44 -36.13 -0.38
N GLN C 455 -54.73 -36.02 -0.02
CA GLN C 455 -55.15 -34.99 0.94
C GLN C 455 -54.62 -35.28 2.33
N ALA C 456 -54.57 -36.55 2.74
CA ALA C 456 -54.02 -36.89 4.05
C ALA C 456 -52.56 -36.51 4.14
N GLN C 457 -51.79 -36.79 3.08
CA GLN C 457 -50.38 -36.40 3.06
C GLN C 457 -50.22 -34.88 3.11
N ILE C 458 -51.06 -34.15 2.37
CA ILE C 458 -51.01 -32.69 2.39
C ILE C 458 -51.31 -32.17 3.79
N ILE C 459 -52.31 -32.74 4.45
CA ILE C 459 -52.64 -32.35 5.82
C ILE C 459 -51.47 -32.64 6.75
N SER C 460 -50.79 -33.77 6.54
CA SER C 460 -49.64 -34.11 7.39
C SER C 460 -48.52 -33.10 7.24
N VAL C 461 -48.15 -32.75 6.00
CA VAL C 461 -47.05 -31.81 5.82
C VAL C 461 -47.45 -30.41 6.28
N LEU C 462 -48.72 -30.05 6.10
CA LEU C 462 -49.19 -28.76 6.63
C LEU C 462 -49.15 -28.72 8.15
N ASP C 463 -49.49 -29.84 8.81
CA ASP C 463 -49.37 -29.91 10.25
C ASP C 463 -47.92 -29.77 10.69
N SER C 464 -47.00 -30.41 9.96
CA SER C 464 -45.58 -30.26 10.27
C SER C 464 -45.12 -28.82 10.10
N CYS C 465 -45.57 -28.16 9.03
CA CYS C 465 -45.21 -26.76 8.80
C CYS C 465 -45.77 -25.85 9.88
N GLN C 466 -47.01 -26.09 10.31
CA GLN C 466 -47.66 -25.22 11.29
C GLN C 466 -46.92 -25.24 12.62
N LYS C 467 -46.22 -26.33 12.92
CA LYS C 467 -45.43 -26.43 14.14
C LYS C 467 -44.04 -25.82 14.01
N GLY C 468 -43.68 -25.32 12.83
CA GLY C 468 -42.35 -24.81 12.59
C GLY C 468 -41.33 -25.84 12.19
N GLU C 469 -41.76 -27.08 11.95
CA GLU C 469 -40.86 -28.17 11.59
C GLU C 469 -40.80 -28.30 10.06
N TYR C 470 -40.21 -27.26 9.45
CA TYR C 470 -40.13 -27.21 7.99
C TYR C 470 -39.25 -28.33 7.45
N THR C 471 -38.15 -28.65 8.14
CA THR C 471 -37.30 -29.75 7.72
C THR C 471 -38.05 -31.07 7.78
N ILE C 472 -38.88 -31.27 8.80
CA ILE C 472 -39.68 -32.47 8.91
C ILE C 472 -40.66 -32.56 7.74
N ALA C 473 -41.27 -31.43 7.36
CA ALA C 473 -42.18 -31.41 6.23
C ALA C 473 -41.46 -31.74 4.92
N CYS C 474 -40.24 -31.21 4.74
CA CYS C 474 -39.47 -31.52 3.54
C CYS C 474 -39.09 -33.00 3.51
N THR C 475 -38.73 -33.56 4.67
CA THR C 475 -38.44 -35.00 4.74
C THR C 475 -39.67 -35.82 4.37
N LYS C 476 -40.84 -35.43 4.88
CA LYS C 476 -42.08 -36.11 4.51
C LYS C 476 -42.30 -36.04 3.01
N VAL C 477 -42.12 -34.85 2.43
CA VAL C 477 -42.33 -34.69 0.99
C VAL C 477 -41.39 -35.60 0.21
N PHE C 478 -40.13 -35.68 0.64
CA PHE C 478 -39.18 -36.58 0.01
C PHE C 478 -39.67 -38.02 0.06
N GLU C 479 -40.11 -38.47 1.24
CA GLU C 479 -40.52 -39.87 1.39
C GLU C 479 -41.74 -40.18 0.54
N MET C 480 -42.75 -39.31 0.54
CA MET C 480 -43.96 -39.56 -0.24
C MET C 480 -43.76 -39.44 -1.75
N THR C 481 -42.86 -38.54 -2.18
CA THR C 481 -42.59 -38.38 -3.60
C THR C 481 -41.60 -39.41 -4.13
N HIS C 482 -40.88 -40.11 -3.26
CA HIS C 482 -39.90 -41.10 -3.70
C HIS C 482 -40.29 -42.54 -3.38
N GLN C 494 -31.49 -41.98 10.01
CA GLN C 494 -31.09 -41.33 8.78
C GLN C 494 -32.25 -40.81 7.95
N THR C 495 -33.49 -40.92 8.45
CA THR C 495 -34.63 -40.42 7.68
C THR C 495 -34.59 -38.90 7.54
N HIS C 496 -34.28 -38.20 8.63
CA HIS C 496 -34.39 -36.74 8.64
C HIS C 496 -33.42 -36.11 7.65
N ILE C 497 -33.91 -35.12 6.91
CA ILE C 497 -33.11 -34.36 5.96
C ILE C 497 -33.07 -32.90 6.41
N ALA C 498 -31.88 -32.40 6.69
CA ALA C 498 -31.67 -31.01 7.07
C ALA C 498 -30.73 -30.30 6.10
N HIS C 499 -30.73 -30.72 4.84
CA HIS C 499 -29.84 -30.16 3.84
C HIS C 499 -30.39 -30.41 2.45
N PRO C 500 -30.55 -29.38 1.62
CA PRO C 500 -31.01 -29.61 0.25
C PRO C 500 -30.08 -30.51 -0.55
N ASN C 501 -28.77 -30.39 -0.34
CA ASN C 501 -27.83 -31.26 -1.03
C ASN C 501 -27.98 -32.71 -0.57
N LEU C 502 -28.28 -32.92 0.71
CA LEU C 502 -28.57 -34.27 1.19
C LEU C 502 -29.82 -34.82 0.54
N TYR C 503 -30.85 -33.98 0.41
CA TYR C 503 -32.06 -34.36 -0.32
C TYR C 503 -31.73 -34.82 -1.73
N PHE C 504 -30.95 -34.01 -2.46
CA PHE C 504 -30.58 -34.34 -3.83
C PHE C 504 -29.76 -35.62 -3.90
N GLU C 505 -28.80 -35.78 -2.98
CA GLU C 505 -27.94 -36.96 -3.00
C GLU C 505 -28.73 -38.23 -2.72
N ARG C 506 -29.65 -38.18 -1.75
CA ARG C 506 -30.46 -39.36 -1.47
C ARG C 506 -31.42 -39.66 -2.62
N SER C 507 -31.96 -38.62 -3.27
CA SER C 507 -32.81 -38.86 -4.42
C SER C 507 -32.03 -39.50 -5.56
N ARG C 508 -30.79 -39.06 -5.77
CA ARG C 508 -29.96 -39.69 -6.80
C ARG C 508 -29.60 -41.12 -6.42
N GLN C 509 -29.37 -41.37 -5.12
CA GLN C 509 -29.08 -42.72 -4.67
CA GLN C 509 -29.08 -42.72 -4.68
C GLN C 509 -30.26 -43.65 -4.93
N LEU C 510 -31.48 -43.16 -4.72
CA LEU C 510 -32.67 -43.98 -4.97
C LEU C 510 -32.79 -44.40 -6.42
N GLN C 511 -32.18 -43.66 -7.34
CA GLN C 511 -32.10 -44.07 -8.74
C GLN C 511 -30.80 -44.79 -9.06
N LYS C 512 -29.95 -45.05 -8.07
CA LYS C 512 -28.65 -45.66 -8.30
C LYS C 512 -28.49 -46.94 -7.49
N ARG D 248 27.16 -3.02 3.37
CA ARG D 248 27.03 -3.94 4.50
C ARG D 248 26.07 -3.41 5.56
N THR D 249 25.85 -4.20 6.60
CA THR D 249 24.78 -3.95 7.55
C THR D 249 25.30 -4.09 8.99
N MET D 250 24.56 -3.50 9.93
CA MET D 250 24.92 -3.51 11.36
C MET D 250 24.55 -4.89 11.93
N ARG D 251 25.34 -5.87 11.54
CA ARG D 251 25.22 -7.25 12.01
C ARG D 251 26.55 -7.74 12.58
N GLN D 252 26.48 -8.38 13.74
CA GLN D 252 27.64 -8.98 14.40
C GLN D 252 27.39 -10.48 14.49
N ASN D 253 28.16 -11.25 13.73
CA ASN D 253 28.09 -12.71 13.75
C ASN D 253 29.31 -13.23 14.49
N LEU D 254 29.06 -14.05 15.52
CA LEU D 254 30.16 -14.58 16.32
C LEU D 254 31.07 -15.48 15.50
N GLN D 255 30.49 -16.34 14.66
CA GLN D 255 31.30 -17.29 13.91
C GLN D 255 32.17 -16.60 12.88
N GLU D 256 31.63 -15.60 12.19
CA GLU D 256 32.44 -14.85 11.24
C GLU D 256 33.55 -14.07 11.94
N ALA D 257 33.23 -13.52 13.12
CA ALA D 257 34.25 -12.86 13.93
C ALA D 257 35.39 -13.81 14.24
N SER D 258 35.08 -15.01 14.74
CA SER D 258 36.10 -15.98 15.07
C SER D 258 36.87 -16.41 13.84
N ASP D 259 36.18 -16.55 12.71
CA ASP D 259 36.85 -16.94 11.47
C ASP D 259 37.87 -15.91 11.04
N VAL D 260 37.52 -14.62 11.13
CA VAL D 260 38.47 -13.57 10.76
C VAL D 260 39.63 -13.54 11.75
N LEU D 261 39.33 -13.72 13.04
CA LEU D 261 40.39 -13.74 14.05
C LEU D 261 41.37 -14.88 13.80
N ASP D 262 40.88 -16.06 13.44
CA ASP D 262 41.76 -17.17 13.09
C ASP D 262 42.53 -16.87 11.80
N ASP D 263 41.86 -16.25 10.83
N ASP D 263 41.88 -16.24 10.82
CA ASP D 263 42.49 -15.97 9.54
CA ASP D 263 42.52 -16.00 9.54
C ASP D 263 43.69 -15.05 9.69
C ASP D 263 43.69 -15.05 9.68
N GLN D 264 43.63 -14.12 10.64
CA GLN D 264 44.79 -13.26 10.91
C GLN D 264 46.00 -14.10 11.28
N ILE D 265 45.82 -15.04 12.22
CA ILE D 265 46.90 -15.91 12.66
C ILE D 265 47.41 -16.74 11.50
N GLU D 266 46.49 -17.30 10.71
CA GLU D 266 46.89 -18.18 9.61
C GLU D 266 47.71 -17.43 8.57
N SER D 267 47.23 -16.25 8.16
CA SER D 267 47.93 -15.48 7.16
C SER D 267 49.30 -15.05 7.64
N PHE D 268 49.42 -14.65 8.91
CA PHE D 268 50.72 -14.21 9.37
C PHE D 268 51.66 -15.39 9.59
N THR D 269 51.14 -16.57 9.91
CA THR D 269 51.95 -17.77 9.94
C THR D 269 52.52 -18.08 8.56
N LYS D 270 51.68 -17.98 7.53
CA LYS D 270 52.17 -18.19 6.18
C LYS D 270 53.23 -17.17 5.81
N ILE D 271 53.01 -15.90 6.19
CA ILE D 271 53.97 -14.84 5.86
C ILE D 271 55.31 -15.09 6.53
N ILE D 272 55.29 -15.48 7.81
CA ILE D 272 56.56 -15.69 8.52
C ILE D 272 57.28 -16.92 7.98
N GLN D 273 56.53 -17.97 7.63
CA GLN D 273 57.16 -19.14 7.02
C GLN D 273 57.80 -18.78 5.69
N ASN D 274 57.12 -17.97 4.89
CA ASN D 274 57.67 -17.58 3.59
C ASN D 274 58.92 -16.73 3.75
N HIS D 275 58.87 -15.73 4.63
CA HIS D 275 60.00 -14.81 4.74
C HIS D 275 61.22 -15.50 5.35
N TYR D 276 61.03 -16.30 6.40
CA TYR D 276 62.15 -16.89 7.10
C TYR D 276 62.54 -18.25 6.55
N LYS D 277 61.94 -18.68 5.44
CA LYS D 277 62.30 -19.92 4.75
C LYS D 277 62.23 -21.12 5.70
N LEU D 278 61.13 -21.20 6.44
CA LEU D 278 60.89 -22.29 7.39
C LEU D 278 59.80 -23.21 6.86
N SER D 279 60.00 -24.50 7.04
CA SER D 279 59.00 -25.47 6.64
C SER D 279 57.88 -25.55 7.68
N PRO D 280 56.67 -25.91 7.25
CA PRO D 280 55.57 -26.05 8.23
C PRO D 280 55.85 -27.09 9.31
N ASN D 281 56.75 -28.04 9.05
CA ASN D 281 57.10 -29.02 10.07
C ASN D 281 57.76 -28.38 11.28
N ASP D 282 58.45 -27.25 11.10
CA ASP D 282 59.12 -26.58 12.20
C ASP D 282 58.14 -25.92 13.18
N PHE D 283 56.86 -25.82 12.83
CA PHE D 283 55.86 -25.19 13.67
C PHE D 283 55.00 -26.27 14.31
N ALA D 284 54.83 -26.18 15.62
CA ALA D 284 54.09 -27.18 16.38
C ALA D 284 53.20 -26.49 17.39
N ASP D 285 52.39 -27.28 18.09
CA ASP D 285 51.47 -26.75 19.08
C ASP D 285 52.23 -26.33 20.34
N PRO D 286 52.18 -25.06 20.74
CA PRO D 286 52.87 -24.65 21.97
C PRO D 286 52.08 -24.91 23.25
N THR D 287 50.83 -25.37 23.15
CA THR D 287 50.01 -25.62 24.32
C THR D 287 50.21 -27.00 24.92
N ILE D 288 51.03 -27.84 24.28
CA ILE D 288 51.28 -29.19 24.76
C ILE D 288 52.76 -29.34 25.05
N GLN D 289 53.08 -30.22 26.00
CA GLN D 289 54.46 -30.42 26.41
C GLN D 289 55.27 -31.04 25.27
N SER D 290 56.45 -30.46 25.03
CA SER D 290 57.35 -30.95 24.00
C SER D 290 58.77 -30.84 24.50
N GLN D 291 59.60 -31.81 24.12
CA GLN D 291 61.01 -31.82 24.48
C GLN D 291 61.89 -31.07 23.47
N SER D 292 61.30 -30.49 22.44
CA SER D 292 62.05 -29.84 21.38
C SER D 292 61.56 -28.40 21.20
N GLU D 293 62.50 -27.51 20.88
CA GLU D 293 62.16 -26.13 20.59
C GLU D 293 61.35 -26.05 19.30
N ILE D 294 60.29 -25.23 19.32
CA ILE D 294 59.37 -25.13 18.20
C ILE D 294 59.10 -23.66 17.89
N TYR D 295 58.53 -23.43 16.72
CA TYR D 295 58.08 -22.11 16.29
C TYR D 295 56.59 -21.97 16.53
N ALA D 296 56.19 -20.88 17.17
CA ALA D 296 54.80 -20.66 17.53
C ALA D 296 54.36 -19.28 17.05
N VAL D 297 53.19 -19.23 16.41
CA VAL D 297 52.60 -17.99 15.93
C VAL D 297 51.19 -17.89 16.49
N GLY D 298 50.84 -16.73 17.02
CA GLY D 298 49.51 -16.54 17.59
C GLY D 298 49.27 -15.09 17.91
N ARG D 299 48.25 -14.86 18.73
CA ARG D 299 47.82 -13.53 19.13
C ARG D 299 48.03 -13.34 20.63
N ILE D 300 48.59 -12.19 20.99
CA ILE D 300 48.81 -11.89 22.40
C ILE D 300 47.46 -11.61 23.07
N VAL D 301 47.19 -12.30 24.17
CA VAL D 301 45.92 -12.20 24.88
C VAL D 301 46.18 -12.30 26.36
N PRO D 302 45.26 -11.77 27.19
CA PRO D 302 45.43 -11.88 28.63
C PRO D 302 45.31 -13.33 29.10
N ASP D 303 46.00 -13.62 30.21
CA ASP D 303 45.94 -14.94 30.81
C ASP D 303 44.61 -15.22 31.49
N SER D 304 43.82 -14.19 31.79
CA SER D 304 42.51 -14.34 32.40
C SER D 304 41.49 -13.54 31.62
N PRO D 305 40.36 -14.15 31.26
CA PRO D 305 39.36 -13.43 30.45
C PRO D 305 38.80 -12.18 31.14
N THR D 306 38.74 -12.17 32.47
CA THR D 306 38.36 -10.99 33.25
C THR D 306 39.64 -10.45 33.87
N TYR D 307 40.24 -9.47 33.21
CA TYR D 307 41.60 -9.06 33.49
C TYR D 307 41.65 -7.65 34.05
N ASP D 308 42.69 -7.38 34.83
CA ASP D 308 42.94 -6.04 35.33
C ASP D 308 43.36 -5.12 34.18
N LYS D 309 42.99 -3.85 34.30
CA LYS D 309 43.21 -2.90 33.20
C LYS D 309 44.70 -2.75 32.88
N PHE D 310 45.57 -3.00 33.85
CA PHE D 310 47.02 -2.88 33.68
C PHE D 310 47.63 -4.27 33.52
N LEU D 311 48.50 -4.41 32.53
CA LEU D 311 49.13 -5.68 32.21
C LEU D 311 50.64 -5.60 32.36
N ASN D 312 51.23 -6.72 32.74
CA ASN D 312 52.65 -6.87 32.97
C ASN D 312 53.14 -8.09 32.19
N PRO D 313 54.44 -8.18 31.92
CA PRO D 313 54.95 -9.34 31.15
C PRO D 313 54.66 -10.68 31.80
N GLU D 314 54.18 -10.70 33.04
CA GLU D 314 53.86 -11.94 33.75
C GLU D 314 52.38 -12.31 33.65
N SER D 315 51.60 -11.55 32.88
CA SER D 315 50.15 -11.75 32.79
C SER D 315 49.69 -11.70 31.33
N LEU D 316 50.42 -12.35 30.44
CA LEU D 316 50.06 -12.45 29.04
C LEU D 316 49.90 -13.92 28.65
N SER D 317 49.27 -14.13 27.50
CA SER D 317 49.07 -15.47 26.95
C SER D 317 49.10 -15.40 25.43
N LEU D 318 49.20 -16.56 24.81
CA LEU D 318 49.26 -16.67 23.35
C LEU D 318 48.07 -17.50 22.86
N GLU D 319 47.42 -17.02 21.81
CA GLU D 319 46.23 -17.66 21.26
C GLU D 319 46.59 -18.38 19.96
N THR D 320 46.56 -19.70 19.98
CA THR D 320 46.89 -20.50 18.81
C THR D 320 45.69 -20.59 17.87
N SER D 321 45.99 -20.88 16.60
CA SER D 321 44.94 -21.03 15.60
C SER D 321 44.17 -22.33 15.82
N ARG D 322 43.09 -22.48 15.04
CA ARG D 322 42.31 -23.71 15.12
C ARG D 322 43.14 -24.93 14.72
N MET D 323 43.89 -24.82 13.62
CA MET D 323 44.68 -25.93 13.14
C MET D 323 45.94 -26.16 13.98
N GLY D 324 46.62 -25.09 14.38
CA GLY D 324 47.86 -25.22 15.10
C GLY D 324 47.74 -25.86 16.48
N GLY D 325 46.83 -25.36 17.29
CA GLY D 325 46.69 -25.85 18.65
C GLY D 325 45.26 -25.99 19.14
N VAL D 326 44.33 -26.24 18.22
CA VAL D 326 42.91 -26.37 18.53
C VAL D 326 42.42 -25.11 19.23
N GLY D 327 43.04 -23.98 18.92
CA GLY D 327 42.61 -22.70 19.44
C GLY D 327 42.86 -22.47 20.92
N ARG D 328 43.58 -23.38 21.59
CA ARG D 328 43.85 -23.21 23.01
C ARG D 328 44.79 -22.02 23.23
N ARG D 329 44.72 -21.46 24.44
CA ARG D 329 45.58 -20.37 24.86
C ARG D 329 46.51 -20.85 25.96
N VAL D 330 47.78 -20.49 25.86
CA VAL D 330 48.82 -20.94 26.79
C VAL D 330 49.52 -19.72 27.36
N ARG D 331 49.94 -19.82 28.62
CA ARG D 331 50.65 -18.74 29.26
C ARG D 331 52.02 -18.56 28.64
N LEU D 332 52.58 -17.36 28.78
CA LEU D 332 53.89 -17.04 28.23
C LEU D 332 54.91 -16.84 29.35
N ASP D 333 56.11 -17.37 29.15
CA ASP D 333 57.20 -17.26 30.12
C ASP D 333 58.28 -16.44 29.45
N LEU D 334 58.38 -15.15 29.82
CA LEU D 334 59.29 -14.21 29.18
C LEU D 334 60.52 -13.92 30.03
N SER D 335 60.88 -14.83 30.93
CA SER D 335 62.04 -14.60 31.79
C SER D 335 63.35 -14.65 31.01
N GLN D 336 63.40 -15.42 29.93
CA GLN D 336 64.63 -15.62 29.17
C GLN D 336 64.85 -14.56 28.10
N VAL D 337 63.92 -13.64 27.90
CA VAL D 337 64.07 -12.55 26.95
C VAL D 337 64.02 -11.23 27.72
N ASN D 338 64.86 -10.29 27.31
CA ASN D 338 65.04 -9.04 28.04
C ASN D 338 64.41 -7.85 27.34
N GLU D 339 64.31 -7.87 26.01
CA GLU D 339 63.80 -6.76 25.24
C GLU D 339 62.54 -7.21 24.50
N LEU D 340 61.42 -6.56 24.78
CA LEU D 340 60.16 -6.91 24.15
C LEU D 340 59.21 -5.73 24.22
N SER D 341 58.15 -5.80 23.42
CA SER D 341 57.09 -4.79 23.44
C SER D 341 55.83 -5.46 22.91
N PHE D 342 54.88 -5.72 23.79
CA PHE D 342 53.68 -6.48 23.45
C PHE D 342 52.43 -5.67 23.78
N PHE D 343 51.36 -5.93 23.03
CA PHE D 343 50.07 -5.32 23.31
C PHE D 343 48.99 -6.32 22.95
N LEU D 344 47.80 -6.11 23.52
CA LEU D 344 46.69 -7.02 23.29
C LEU D 344 46.25 -6.96 21.83
N GLY D 345 45.98 -8.13 21.25
CA GLY D 345 45.62 -8.23 19.85
C GLY D 345 46.79 -8.28 18.89
N GLN D 346 48.01 -8.20 19.38
CA GLN D 346 49.18 -8.29 18.51
C GLN D 346 49.39 -9.72 18.03
N ILE D 347 49.77 -9.86 16.77
CA ILE D 347 50.15 -11.15 16.21
C ILE D 347 51.67 -11.25 16.31
N VAL D 348 52.15 -12.36 16.86
CA VAL D 348 53.58 -12.54 17.12
C VAL D 348 54.06 -13.86 16.54
N ALA D 349 55.34 -13.88 16.18
CA ALA D 349 56.02 -15.07 15.68
C ALA D 349 57.17 -15.37 16.64
N PHE D 350 57.24 -16.61 17.12
CA PHE D 350 57.97 -16.88 18.35
C PHE D 350 58.76 -18.18 18.22
N LYS D 351 59.83 -18.29 19.02
CA LYS D 351 60.60 -19.54 19.15
C LYS D 351 60.72 -19.88 20.64
N GLY D 352 60.30 -21.09 21.00
CA GLY D 352 60.36 -21.49 22.39
C GLY D 352 60.06 -22.96 22.57
N LYS D 353 59.89 -23.35 23.83
CA LYS D 353 59.67 -24.74 24.20
C LYS D 353 58.72 -24.78 25.39
N ASN D 354 57.75 -25.70 25.33
CA ASN D 354 56.83 -25.93 26.44
C ASN D 354 57.42 -27.05 27.29
N ALA D 355 58.13 -26.67 28.34
CA ALA D 355 58.87 -27.66 29.14
C ALA D 355 57.94 -28.47 30.03
N ASN D 356 56.95 -27.83 30.65
CA ASN D 356 56.11 -28.49 31.64
C ASN D 356 54.69 -28.78 31.19
N GLY D 357 54.19 -28.09 30.17
CA GLY D 357 52.82 -28.25 29.69
C GLY D 357 51.94 -27.05 29.97
N ASP D 358 52.20 -26.34 31.06
CA ASP D 358 51.40 -25.19 31.48
C ASP D 358 52.05 -23.85 31.23
N TYR D 359 53.18 -23.81 30.53
CA TYR D 359 53.88 -22.56 30.25
C TYR D 359 54.70 -22.73 28.99
N PHE D 360 54.76 -21.67 28.19
CA PHE D 360 55.55 -21.66 26.96
C PHE D 360 56.79 -20.80 27.22
N THR D 361 57.92 -21.46 27.41
CA THR D 361 59.18 -20.78 27.73
C THR D 361 59.73 -20.14 26.47
N VAL D 362 59.96 -18.83 26.52
CA VAL D 362 60.31 -18.06 25.34
C VAL D 362 61.84 -17.91 25.25
N ASN D 363 62.41 -18.27 24.11
CA ASN D 363 63.84 -18.16 23.87
C ASN D 363 64.22 -17.04 22.89
N SER D 364 63.40 -16.83 21.86
CA SER D 364 63.63 -15.72 20.94
C SER D 364 62.32 -15.36 20.28
N ILE D 365 62.25 -14.13 19.78
CA ILE D 365 61.08 -13.63 19.06
C ILE D 365 61.46 -13.48 17.59
N LEU D 366 60.57 -13.89 16.72
CA LEU D 366 60.80 -13.72 15.30
C LEU D 366 60.14 -12.42 14.84
N PRO D 367 60.93 -11.40 14.52
CA PRO D 367 60.34 -10.11 14.13
C PRO D 367 59.61 -10.22 12.81
N LEU D 368 58.37 -9.74 12.80
CA LEU D 368 57.56 -9.81 11.60
C LEU D 368 58.17 -8.94 10.50
N PRO D 369 58.24 -9.43 9.27
CA PRO D 369 58.86 -8.66 8.20
C PRO D 369 58.03 -7.43 7.83
N TYR D 370 58.72 -6.33 7.59
CA TYR D 370 58.02 -5.12 7.17
C TYR D 370 57.52 -5.28 5.74
N PRO D 371 56.27 -4.95 5.46
CA PRO D 371 55.73 -5.16 4.11
C PRO D 371 56.43 -4.28 3.09
N ASN D 372 56.33 -4.68 1.83
CA ASN D 372 57.00 -4.00 0.74
C ASN D 372 56.42 -2.61 0.54
N SER D 373 57.19 -1.77 -0.12
CA SER D 373 56.79 -0.43 -0.48
C SER D 373 56.29 -0.39 -1.92
N PRO D 374 55.41 0.55 -2.26
CA PRO D 374 54.89 0.61 -3.63
C PRO D 374 55.96 0.99 -4.63
N VAL D 375 55.75 0.58 -5.88
CA VAL D 375 56.68 0.82 -6.97
C VAL D 375 55.92 1.37 -8.16
N SER D 376 56.62 2.17 -8.97
CA SER D 376 56.02 2.79 -10.14
C SER D 376 57.06 2.85 -11.26
N THR D 377 56.57 2.79 -12.50
CA THR D 377 57.44 2.74 -13.66
C THR D 377 57.96 4.13 -14.03
N SER D 378 58.83 4.16 -15.03
CA SER D 378 59.42 5.42 -15.47
C SER D 378 58.39 6.31 -16.15
N GLN D 379 57.53 5.73 -16.99
CA GLN D 379 56.54 6.53 -17.70
C GLN D 379 55.56 7.19 -16.74
N GLU D 380 55.14 6.48 -15.69
CA GLU D 380 54.24 7.06 -14.72
C GLU D 380 54.89 8.23 -13.99
N LEU D 381 56.14 8.07 -13.58
CA LEU D 381 56.83 9.15 -12.89
C LEU D 381 57.03 10.35 -13.81
N GLN D 382 57.34 10.11 -15.09
CA GLN D 382 57.47 11.21 -16.04
C GLN D 382 56.15 11.94 -16.21
N GLU D 383 55.04 11.19 -16.29
CA GLU D 383 53.73 11.80 -16.40
C GLU D 383 53.40 12.64 -15.16
N PHE D 384 53.75 12.14 -13.98
CA PHE D 384 53.50 12.90 -12.76
C PHE D 384 54.37 14.16 -12.72
N GLN D 385 55.61 14.06 -13.20
CA GLN D 385 56.46 15.24 -13.29
C GLN D 385 55.85 16.28 -14.22
N ALA D 386 55.31 15.83 -15.36
CA ALA D 386 54.63 16.76 -16.26
C ALA D 386 53.40 17.36 -15.60
N ASN D 387 52.69 16.57 -14.79
CA ASN D 387 51.52 17.06 -14.08
C ASN D 387 51.90 18.17 -13.10
N LEU D 388 53.00 17.99 -12.38
CA LEU D 388 53.42 18.97 -11.39
C LEU D 388 54.02 20.23 -12.03
N GLU D 389 54.37 20.18 -13.31
CA GLU D 389 54.97 21.31 -14.01
C GLU D 389 56.22 21.80 -13.30
N GLY D 390 57.00 20.88 -12.79
CA GLY D 390 58.23 21.21 -12.07
C GLY D 390 58.06 21.55 -10.61
N SER D 391 56.94 22.16 -10.25
CA SER D 391 56.71 22.56 -8.88
C SER D 391 56.53 21.33 -7.98
N SER D 392 56.70 21.55 -6.68
CA SER D 392 56.57 20.49 -5.70
C SER D 392 55.09 20.18 -5.45
N LEU D 393 54.86 19.09 -4.72
CA LEU D 393 53.51 18.61 -4.45
C LEU D 393 53.09 19.03 -3.05
N LYS D 394 51.93 19.70 -2.94
CA LYS D 394 51.44 20.24 -1.69
C LYS D 394 50.15 19.54 -1.29
N VAL D 395 50.10 19.08 -0.03
CA VAL D 395 48.93 18.43 0.53
C VAL D 395 48.80 18.84 1.99
N ILE D 396 47.59 19.20 2.41
CA ILE D 396 47.29 19.58 3.78
C ILE D 396 46.32 18.57 4.37
N VAL D 397 46.60 18.13 5.59
CA VAL D 397 45.77 17.18 6.33
C VAL D 397 45.21 17.87 7.56
N THR D 398 43.88 17.77 7.73
CA THR D 398 43.20 18.35 8.88
C THR D 398 42.31 17.27 9.51
N CYS D 399 42.15 17.36 10.83
N CYS D 399 42.15 17.36 10.83
CA CYS D 399 41.36 16.40 11.59
CA CYS D 399 41.35 16.40 11.57
C CYS D 399 40.39 17.12 12.50
C CYS D 399 40.39 17.13 12.49
N GLY D 400 39.27 16.47 12.80
CA GLY D 400 38.25 17.05 13.65
C GLY D 400 38.57 16.91 15.12
N PRO D 401 37.74 17.53 15.96
CA PRO D 401 36.56 18.34 15.61
C PRO D 401 36.95 19.73 15.14
N TYR D 402 36.05 20.45 14.48
CA TYR D 402 36.36 21.74 13.89
C TYR D 402 35.79 22.93 14.65
N PHE D 403 35.15 22.71 15.79
CA PHE D 403 34.66 23.79 16.63
C PHE D 403 34.75 23.39 18.10
N ALA D 404 34.75 24.41 18.95
CA ALA D 404 34.99 24.21 20.38
C ALA D 404 33.80 23.53 21.04
N ASN D 405 33.94 23.31 22.36
CA ASN D 405 32.90 22.64 23.12
C ASN D 405 31.88 23.61 23.71
N ASP D 406 32.09 24.91 23.57
CA ASP D 406 31.18 25.90 24.12
C ASP D 406 30.56 26.78 23.05
N ASN D 407 30.88 26.56 21.78
CA ASN D 407 30.28 27.33 20.70
C ASN D 407 30.31 26.48 19.44
N PHE D 408 29.65 26.98 18.39
CA PHE D 408 29.65 26.34 17.08
C PHE D 408 30.34 27.22 16.04
N SER D 409 31.15 28.15 16.50
CA SER D 409 31.83 29.07 15.60
C SER D 409 32.88 28.35 14.77
N LEU D 410 32.94 28.66 13.47
CA LEU D 410 33.95 28.14 12.57
C LEU D 410 34.71 29.26 11.87
N GLU D 411 34.98 30.35 12.58
CA GLU D 411 35.71 31.47 11.97
C GLU D 411 37.14 31.08 11.62
N LEU D 412 37.80 30.33 12.50
CA LEU D 412 39.15 29.88 12.20
C LEU D 412 39.15 28.97 10.98
N LEU D 413 38.06 28.23 10.77
CA LEU D 413 37.90 27.50 9.50
C LEU D 413 37.88 28.46 8.32
N GLN D 414 37.18 29.59 8.46
CA GLN D 414 37.16 30.58 7.38
C GLN D 414 38.56 31.12 7.10
N GLU D 415 39.31 31.41 8.16
CA GLU D 415 40.68 31.90 7.97
C GLU D 415 41.56 30.84 7.32
N PHE D 416 41.38 29.57 7.71
CA PHE D 416 42.14 28.48 7.11
C PHE D 416 41.83 28.32 5.63
N ILE D 417 40.55 28.40 5.26
CA ILE D 417 40.17 28.33 3.85
C ILE D 417 40.73 29.52 3.08
N ASP D 418 40.65 30.71 3.67
CA ASP D 418 41.25 31.89 3.03
C ASP D 418 42.74 31.67 2.77
N SER D 419 43.45 31.14 3.77
CA SER D 419 44.88 30.90 3.62
C SER D 419 45.14 29.89 2.49
N ILE D 420 44.49 28.73 2.54
CA ILE D 420 44.79 27.71 1.54
C ILE D 420 44.36 28.16 0.16
N ASN D 421 43.36 29.05 0.07
CA ASN D 421 42.91 29.52 -1.23
C ASN D 421 43.88 30.54 -1.82
N ASN D 422 44.37 31.48 -1.01
CA ASN D 422 45.10 32.62 -1.55
C ASN D 422 46.61 32.55 -1.39
N GLU D 423 47.12 31.91 -0.33
CA GLU D 423 48.56 31.89 -0.08
C GLU D 423 49.17 30.52 -0.31
N VAL D 424 48.65 29.49 0.37
CA VAL D 424 49.25 28.16 0.29
C VAL D 424 49.03 27.54 -1.09
N LYS D 425 47.77 27.55 -1.55
CA LYS D 425 47.37 26.98 -2.84
C LYS D 425 47.89 25.56 -3.01
N PRO D 426 47.37 24.60 -2.24
CA PRO D 426 47.85 23.22 -2.37
C PRO D 426 47.21 22.50 -3.54
N HIS D 427 47.52 21.21 -3.63
CA HIS D 427 46.97 20.38 -4.70
C HIS D 427 45.80 19.54 -4.20
N VAL D 428 45.93 18.94 -3.02
CA VAL D 428 44.88 18.12 -2.43
C VAL D 428 44.80 18.42 -0.94
N LEU D 429 43.58 18.55 -0.43
CA LEU D 429 43.33 18.76 0.99
C LEU D 429 42.66 17.53 1.55
N ILE D 430 43.11 17.09 2.72
CA ILE D 430 42.55 15.92 3.39
C ILE D 430 41.95 16.36 4.72
N MET D 431 40.67 16.07 4.92
CA MET D 431 39.97 16.40 6.16
C MET D 431 39.40 15.12 6.75
N PHE D 432 39.69 14.90 8.03
CA PHE D 432 39.17 13.75 8.76
C PHE D 432 38.02 14.18 9.67
N GLY D 433 37.21 13.20 10.06
CA GLY D 433 36.13 13.45 10.98
C GLY D 433 36.58 13.35 12.42
N PRO D 434 35.61 13.47 13.34
CA PRO D 434 34.19 13.70 13.09
C PRO D 434 33.89 15.16 12.80
N PHE D 435 32.98 15.44 11.87
CA PHE D 435 32.60 16.81 11.55
C PHE D 435 31.58 17.34 12.57
N ILE D 436 30.45 16.66 12.69
CA ILE D 436 29.49 16.91 13.76
C ILE D 436 29.64 15.77 14.75
N ASP D 437 30.46 15.97 15.77
CA ASP D 437 30.76 14.92 16.73
C ASP D 437 29.53 14.62 17.57
N ILE D 438 29.25 13.34 17.80
CA ILE D 438 28.11 12.96 18.62
C ILE D 438 28.43 13.01 20.11
N THR D 439 29.71 13.06 20.46
CA THR D 439 30.12 13.19 21.85
C THR D 439 30.34 14.64 22.26
N HIS D 440 29.98 15.58 21.38
CA HIS D 440 30.05 16.99 21.72
C HIS D 440 29.17 17.28 22.92
N PRO D 441 29.63 18.06 23.90
CA PRO D 441 28.84 18.22 25.14
C PRO D 441 27.49 18.88 24.94
N LEU D 442 27.43 19.95 24.15
CA LEU D 442 26.14 20.59 23.90
C LEU D 442 25.20 19.69 23.12
N ILE D 443 25.75 18.93 22.16
CA ILE D 443 24.93 17.95 21.44
C ILE D 443 24.46 16.85 22.38
N ALA D 444 25.36 16.38 23.25
CA ALA D 444 24.99 15.32 24.19
C ALA D 444 23.88 15.76 25.13
N SER D 445 23.97 16.99 25.64
CA SER D 445 22.93 17.50 26.54
C SER D 445 21.76 18.12 25.79
N GLY D 446 21.82 18.22 24.47
CA GLY D 446 20.73 18.79 23.72
C GLY D 446 20.71 20.30 23.67
N LYS D 447 21.73 20.96 24.22
CA LYS D 447 21.76 22.43 24.30
C LYS D 447 22.13 23.02 22.94
N LEU D 448 21.28 22.73 21.96
CA LEU D 448 21.46 23.28 20.62
C LEU D 448 20.78 24.64 20.56
N PRO D 449 21.52 25.73 20.35
CA PRO D 449 20.90 27.05 20.40
C PRO D 449 20.24 27.42 19.08
N ASN D 450 19.29 28.36 19.19
CA ASN D 450 18.71 28.95 17.99
C ASN D 450 19.78 29.74 17.24
N PHE D 451 19.89 29.50 15.95
CA PHE D 451 20.91 30.15 15.14
C PHE D 451 20.27 31.30 14.36
N PRO D 452 20.56 32.55 14.71
CA PRO D 452 20.01 33.67 13.93
C PRO D 452 20.56 33.75 12.51
N GLN D 453 21.67 33.07 12.22
CA GLN D 453 22.32 33.16 10.93
C GLN D 453 21.73 32.22 9.88
N PHE D 454 20.72 31.44 10.24
CA PHE D 454 19.99 30.62 9.28
C PHE D 454 18.55 31.14 9.17
N LYS D 455 18.09 31.32 7.93
CA LYS D 455 16.71 31.74 7.71
C LYS D 455 15.73 30.70 8.25
N THR D 456 16.01 29.43 7.98
CA THR D 456 15.21 28.32 8.49
C THR D 456 16.07 27.53 9.47
N GLN D 457 15.58 27.39 10.71
CA GLN D 457 16.32 26.66 11.71
C GLN D 457 16.36 25.18 11.36
N PRO D 458 17.52 24.53 11.50
CA PRO D 458 17.59 23.09 11.20
C PRO D 458 16.81 22.28 12.22
N LYS D 459 16.32 21.13 11.75
CA LYS D 459 15.52 20.23 12.59
C LYS D 459 16.23 18.93 12.93
N THR D 460 17.25 18.55 12.19
CA THR D 460 18.04 17.35 12.48
C THR D 460 19.52 17.68 12.31
N LEU D 461 20.36 16.92 13.00
CA LEU D 461 21.80 17.17 12.95
C LEU D 461 22.34 17.09 11.53
N ASP D 462 21.72 16.26 10.68
CA ASP D 462 22.10 16.24 9.27
C ASP D 462 21.81 17.58 8.60
N GLU D 463 20.63 18.15 8.86
CA GLU D 463 20.35 19.49 8.38
C GLU D 463 21.26 20.52 9.03
N LEU D 464 21.68 20.28 10.27
CA LEU D 464 22.64 21.17 10.91
C LEU D 464 23.96 21.18 10.15
N PHE D 465 24.40 20.00 9.70
CA PHE D 465 25.60 19.93 8.85
C PHE D 465 25.36 20.62 7.51
N LEU D 466 24.22 20.36 6.89
CA LEU D 466 23.95 20.95 5.58
C LEU D 466 23.89 22.47 5.64
N LYS D 467 23.50 23.02 6.78
CA LYS D 467 23.40 24.47 6.92
C LYS D 467 24.63 25.11 7.54
N LEU D 468 25.49 24.34 8.21
CA LEU D 468 26.57 24.93 8.98
C LEU D 468 27.96 24.56 8.46
N PHE D 469 28.15 23.32 8.00
CA PHE D 469 29.40 22.98 7.33
C PHE D 469 29.35 23.24 5.83
N THR D 470 28.30 22.77 5.15
CA THR D 470 28.29 22.73 3.68
C THR D 470 28.56 24.09 3.03
N PRO D 471 27.89 25.18 3.39
CA PRO D 471 28.20 26.45 2.72
C PRO D 471 29.63 26.90 2.92
N ILE D 472 30.22 26.55 4.07
CA ILE D 472 31.62 26.88 4.31
C ILE D 472 32.54 26.02 3.45
N LEU D 473 32.25 24.72 3.33
CA LEU D 473 33.06 23.87 2.47
C LEU D 473 32.93 24.25 1.00
N LYS D 474 31.80 24.87 0.62
CA LYS D 474 31.68 25.35 -0.76
C LYS D 474 32.66 26.47 -1.06
N THR D 475 33.08 27.24 -0.05
CA THR D 475 34.03 28.32 -0.28
C THR D 475 35.41 27.81 -0.67
N ILE D 476 35.68 26.51 -0.50
CA ILE D 476 36.96 25.95 -0.92
C ILE D 476 37.12 26.12 -2.42
N SER D 477 38.33 26.48 -2.84
CA SER D 477 38.59 26.77 -4.24
C SER D 477 38.36 25.52 -5.10
N PRO D 478 37.94 25.68 -6.35
CA PRO D 478 37.83 24.50 -7.24
C PRO D 478 39.15 23.82 -7.52
N HIS D 479 40.25 24.56 -7.58
CA HIS D 479 41.52 23.98 -7.99
C HIS D 479 42.12 23.06 -6.92
N ILE D 480 41.61 23.11 -5.69
CA ILE D 480 42.08 22.26 -4.61
C ILE D 480 41.10 21.10 -4.45
N GLN D 481 41.53 19.92 -4.86
CA GLN D 481 40.75 18.71 -4.63
C GLN D 481 40.78 18.34 -3.15
N THR D 482 39.63 17.95 -2.61
CA THR D 482 39.52 17.64 -1.19
C THR D 482 38.94 16.25 -1.00
N VAL D 483 39.31 15.60 0.09
CA VAL D 483 38.83 14.27 0.44
C VAL D 483 38.41 14.26 1.90
N LEU D 484 37.27 13.64 2.19
CA LEU D 484 36.77 13.49 3.56
C LEU D 484 36.84 12.02 3.96
N ILE D 485 37.42 11.75 5.11
CA ILE D 485 37.45 10.42 5.71
C ILE D 485 36.66 10.49 7.01
N PRO D 486 35.50 9.86 7.10
CA PRO D 486 34.65 10.01 8.28
C PRO D 486 35.17 9.20 9.46
N SER D 487 34.61 9.49 10.63
CA SER D 487 34.93 8.78 11.86
C SER D 487 33.65 8.18 12.43
N THR D 488 33.83 7.24 13.36
CA THR D 488 32.69 6.56 13.96
C THR D 488 31.82 7.47 14.80
N LYS D 489 32.29 8.68 15.12
CA LYS D 489 31.56 9.62 15.95
C LYS D 489 30.79 10.65 15.13
N ASP D 490 30.83 10.57 13.81
CA ASP D 490 30.11 11.53 12.97
C ASP D 490 28.61 11.35 13.15
N ALA D 491 27.91 12.46 13.40
CA ALA D 491 26.46 12.40 13.47
C ALA D 491 25.84 12.39 12.08
N ILE D 492 26.62 12.74 11.06
CA ILE D 492 26.13 12.71 9.69
C ILE D 492 26.26 11.32 9.08
N SER D 493 26.95 10.41 9.76
CA SER D 493 27.16 9.06 9.25
C SER D 493 26.16 8.11 9.90
N ASN D 494 25.56 7.26 9.07
CA ASN D 494 24.70 6.18 9.55
C ASN D 494 25.47 4.89 9.73
N HIS D 495 26.78 4.89 9.54
CA HIS D 495 27.61 3.70 9.72
C HIS D 495 28.49 3.93 10.94
N ALA D 496 28.13 3.29 12.05
CA ALA D 496 28.79 3.49 13.34
C ALA D 496 29.74 2.36 13.68
N ALA D 497 30.47 1.84 12.70
CA ALA D 497 31.41 0.74 12.93
C ALA D 497 32.72 1.01 12.20
N TYR D 498 33.78 0.43 12.72
CA TYR D 498 35.06 0.44 12.02
C TYR D 498 35.35 -0.95 11.47
N PRO D 499 35.57 -1.11 10.16
CA PRO D 499 35.68 -0.06 9.12
C PRO D 499 34.36 0.62 8.80
N GLN D 500 34.43 1.84 8.26
CA GLN D 500 33.27 2.67 8.04
C GLN D 500 33.20 3.07 6.58
N ALA D 501 32.01 2.96 5.98
CA ALA D 501 31.84 3.27 4.58
C ALA D 501 31.95 4.76 4.34
N SER D 502 32.23 5.12 3.09
CA SER D 502 32.34 6.52 2.71
C SER D 502 30.98 7.21 2.78
N LEU D 503 31.00 8.47 3.20
CA LEU D 503 29.77 9.24 3.26
C LEU D 503 29.28 9.55 1.84
N ILE D 504 27.98 9.80 1.72
CA ILE D 504 27.34 10.07 0.44
C ILE D 504 27.53 11.55 0.13
N ARG D 505 28.30 11.83 -0.92
CA ARG D 505 28.59 13.22 -1.27
C ARG D 505 27.32 13.97 -1.66
N LYS D 506 26.37 13.26 -2.27
CA LYS D 506 25.10 13.91 -2.63
C LYS D 506 24.28 14.23 -1.39
N ALA D 507 24.40 13.39 -0.34
CA ALA D 507 23.70 13.68 0.90
C ALA D 507 24.27 14.91 1.59
N LEU D 508 25.56 15.19 1.38
CA LEU D 508 26.18 16.38 1.96
C LEU D 508 26.00 17.62 1.08
N GLN D 509 25.34 17.47 -0.08
CA GLN D 509 25.14 18.58 -1.01
C GLN D 509 26.47 19.25 -1.38
N LEU D 510 27.40 18.45 -1.89
CA LEU D 510 28.63 19.20 -2.07
C LEU D 510 29.20 18.91 -3.47
N PRO D 511 29.71 19.90 -4.20
CA PRO D 511 29.83 19.74 -5.65
C PRO D 511 30.88 18.70 -6.04
N LYS D 512 30.60 18.03 -7.17
CA LYS D 512 31.48 17.03 -7.74
C LYS D 512 32.75 17.64 -8.33
N ARG D 513 32.79 18.96 -8.50
CA ARG D 513 33.85 19.57 -9.30
C ARG D 513 35.22 19.41 -8.65
N ASN D 514 35.29 19.45 -7.32
CA ASN D 514 36.57 19.27 -6.64
C ASN D 514 36.47 18.44 -5.37
N PHE D 515 35.36 17.77 -5.10
CA PHE D 515 35.13 17.13 -3.82
C PHE D 515 34.99 15.62 -4.00
N LYS D 516 35.67 14.86 -3.14
CA LYS D 516 35.58 13.42 -3.11
C LYS D 516 35.48 12.96 -1.66
N CYS D 517 34.73 11.89 -1.42
CA CYS D 517 34.58 11.33 -0.09
C CYS D 517 35.05 9.87 -0.09
N MET D 518 35.98 9.56 0.79
CA MET D 518 36.56 8.22 0.88
C MET D 518 36.10 7.54 2.17
N ALA D 519 36.40 6.25 2.26
CA ALA D 519 35.96 5.44 3.38
C ALA D 519 36.98 5.49 4.51
N ASN D 520 36.67 4.78 5.59
CA ASN D 520 37.53 4.71 6.78
C ASN D 520 37.73 3.26 7.16
N PRO D 521 38.93 2.69 6.97
CA PRO D 521 40.15 3.30 6.43
C PRO D 521 40.15 3.41 4.91
N SER D 522 41.10 4.13 4.33
CA SER D 522 41.17 4.28 2.89
C SER D 522 42.62 4.38 2.45
N SER D 523 42.84 4.14 1.16
CA SER D 523 44.16 4.24 0.55
C SER D 523 44.01 4.73 -0.87
N PHE D 524 44.79 5.74 -1.24
CA PHE D 524 44.65 6.35 -2.56
C PHE D 524 45.96 6.96 -3.00
N GLN D 525 46.02 7.32 -4.28
CA GLN D 525 47.22 7.81 -4.93
C GLN D 525 47.00 9.22 -5.46
N ILE D 526 47.89 10.13 -5.10
CA ILE D 526 48.02 11.43 -5.74
C ILE D 526 49.36 11.44 -6.45
N ASN D 527 49.34 11.41 -7.78
CA ASN D 527 50.53 11.17 -8.60
C ASN D 527 51.07 9.80 -8.19
N GLU D 528 52.34 9.68 -7.80
CA GLU D 528 52.93 8.39 -7.45
C GLU D 528 52.80 8.05 -5.97
N ILE D 529 52.17 8.91 -5.18
CA ILE D 529 52.23 8.82 -3.73
C ILE D 529 51.24 7.76 -3.25
N TYR D 530 51.54 7.13 -2.12
CA TYR D 530 50.62 6.20 -1.48
C TYR D 530 50.20 6.76 -0.13
N PHE D 531 48.90 6.75 0.15
CA PHE D 531 48.37 7.12 1.45
C PHE D 531 47.75 5.94 2.14
N GLY D 532 48.00 5.83 3.45
CA GLY D 532 47.24 4.95 4.30
C GLY D 532 46.59 5.74 5.40
N CYS D 533 45.26 5.85 5.37
CA CYS D 533 44.53 6.74 6.26
C CYS D 533 43.52 5.94 7.07
N SER D 534 43.57 6.09 8.38
CA SER D 534 42.59 5.52 9.29
C SER D 534 42.25 6.56 10.34
N ASN D 535 40.97 6.65 10.70
CA ASN D 535 40.48 7.71 11.57
C ASN D 535 40.04 7.17 12.94
N VAL D 536 40.80 6.22 13.47
CA VAL D 536 40.61 5.73 14.83
C VAL D 536 41.94 5.87 15.57
N ASP D 537 41.88 6.40 16.79
CA ASP D 537 43.09 6.78 17.53
C ASP D 537 43.78 5.51 18.02
N THR D 538 44.76 5.04 17.25
CA THR D 538 45.52 3.87 17.67
C THR D 538 46.70 4.27 18.54
N PHE D 539 47.26 5.46 18.32
CA PHE D 539 48.43 5.89 19.08
C PHE D 539 48.10 6.05 20.55
N LYS D 540 46.99 6.72 20.87
CA LYS D 540 46.56 6.84 22.25
C LYS D 540 46.10 5.52 22.84
N ASP D 541 45.38 4.71 22.07
CA ASP D 541 44.78 3.49 22.60
C ASP D 541 45.78 2.35 22.79
N LEU D 542 46.86 2.31 22.00
CA LEU D 542 47.78 1.20 22.06
C LEU D 542 48.58 1.27 23.36
N LYS D 543 48.47 0.26 24.19
CA LYS D 543 49.11 0.21 25.50
C LYS D 543 50.07 -0.97 25.52
N GLU D 544 51.36 -0.69 25.56
CA GLU D 544 52.38 -1.72 25.40
C GLU D 544 52.77 -2.34 26.73
N VAL D 545 53.23 -3.58 26.65
CA VAL D 545 53.91 -4.25 27.75
C VAL D 545 55.39 -4.34 27.35
N ILE D 546 56.24 -3.63 28.09
CA ILE D 546 57.61 -3.37 27.66
C ILE D 546 58.59 -3.95 28.67
N LYS D 547 59.62 -4.61 28.16
CA LYS D 547 60.78 -5.02 28.95
C LYS D 547 62.04 -4.55 28.23
N GLY D 548 63.04 -4.17 29.00
CA GLY D 548 64.32 -3.81 28.40
C GLY D 548 64.57 -2.31 28.44
N GLY D 549 65.81 -1.94 28.74
CA GLY D 549 66.17 -0.54 28.74
C GLY D 549 66.16 0.07 27.34
N THR D 550 66.64 -0.68 26.34
CA THR D 550 66.71 -0.15 24.99
C THR D 550 65.32 0.12 24.43
N THR D 551 64.39 -0.81 24.61
CA THR D 551 63.03 -0.61 24.10
C THR D 551 62.35 0.58 24.76
N SER D 552 62.53 0.73 26.08
CA SER D 552 61.92 1.85 26.79
C SER D 552 62.57 3.17 26.40
N SER D 553 63.87 3.17 26.11
CA SER D 553 64.56 4.39 25.73
C SER D 553 64.12 4.91 24.37
N ARG D 554 63.45 4.09 23.57
CA ARG D 554 62.96 4.52 22.27
C ARG D 554 61.73 5.40 22.43
N TYR D 555 61.45 6.17 21.38
CA TYR D 555 60.24 6.99 21.34
C TYR D 555 59.02 6.09 21.25
N ARG D 556 57.97 6.45 22.00
CA ARG D 556 56.75 5.65 21.98
C ARG D 556 56.11 5.67 20.59
N LEU D 557 56.10 6.82 19.93
CA LEU D 557 55.46 6.93 18.62
C LEU D 557 56.14 6.03 17.60
N ASP D 558 57.47 5.98 17.63
CA ASP D 558 58.20 5.09 16.72
C ASP D 558 57.85 3.63 16.99
N ARG D 559 57.74 3.25 18.27
CA ARG D 559 57.36 1.88 18.60
C ARG D 559 55.97 1.55 18.09
N VAL D 560 55.03 2.48 18.24
CA VAL D 560 53.67 2.26 17.73
C VAL D 560 53.70 2.09 16.22
N SER D 561 54.48 2.94 15.53
CA SER D 561 54.55 2.85 14.08
C SER D 561 55.14 1.53 13.63
N GLU D 562 56.20 1.07 14.29
CA GLU D 562 56.76 -0.24 13.94
C GLU D 562 55.75 -1.36 14.20
N HIS D 563 55.03 -1.29 15.32
CA HIS D 563 54.04 -2.31 15.61
C HIS D 563 52.98 -2.37 14.52
N ILE D 564 52.46 -1.21 14.11
CA ILE D 564 51.41 -1.19 13.09
C ILE D 564 51.96 -1.69 11.76
N LEU D 565 53.15 -1.22 11.36
CA LEU D 565 53.72 -1.66 10.09
C LEU D 565 53.95 -3.16 10.08
N GLN D 566 54.41 -3.72 11.20
CA GLN D 566 54.57 -5.17 11.27
C GLN D 566 53.23 -5.88 11.19
N GLN D 567 52.21 -5.34 11.86
CA GLN D 567 50.90 -6.00 11.86
C GLN D 567 50.15 -5.84 10.55
N ARG D 568 50.51 -4.84 9.74
CA ARG D 568 49.92 -4.63 8.41
C ARG D 568 48.42 -4.36 8.48
N ARG D 569 47.95 -3.83 9.61
CA ARG D 569 46.57 -3.38 9.73
C ARG D 569 46.53 -2.14 10.62
N TYR D 570 45.62 -1.22 10.31
CA TYR D 570 45.73 0.13 10.82
C TYR D 570 45.40 0.24 12.31
N TYR D 571 44.49 -0.59 12.81
CA TYR D 571 44.14 -0.61 14.23
C TYR D 571 44.24 -2.05 14.70
N PRO D 572 45.47 -2.53 14.99
CA PRO D 572 45.66 -3.94 15.32
C PRO D 572 45.19 -4.33 16.73
N ILE D 573 44.86 -3.35 17.57
CA ILE D 573 44.48 -3.67 18.94
C ILE D 573 43.15 -4.41 18.95
N PHE D 574 43.09 -5.49 19.71
CA PHE D 574 41.83 -6.19 19.89
C PHE D 574 41.76 -6.67 21.33
N PRO D 575 40.66 -6.41 22.04
CA PRO D 575 39.47 -5.66 21.62
C PRO D 575 39.75 -4.16 21.54
N GLY D 576 38.94 -3.41 20.80
CA GLY D 576 39.17 -1.98 20.68
C GLY D 576 38.92 -1.25 21.98
N SER D 577 39.42 -0.01 22.03
CA SER D 577 39.26 0.80 23.22
C SER D 577 37.81 1.24 23.39
N ILE D 578 37.42 1.44 24.64
CA ILE D 578 36.09 1.94 24.98
C ILE D 578 36.26 3.14 25.90
N ARG D 579 35.25 4.01 25.92
CA ARG D 579 35.27 5.21 26.75
C ARG D 579 34.07 5.16 27.69
N THR D 580 34.33 4.79 28.94
CA THR D 580 33.25 4.68 29.93
C THR D 580 33.20 5.90 30.83
N HIS D 606 28.73 4.20 29.21
CA HIS D 606 29.44 4.14 27.94
C HIS D 606 29.19 5.42 27.16
N ILE D 607 30.24 5.95 26.53
CA ILE D 607 30.17 7.18 25.74
C ILE D 607 30.47 6.90 24.27
N SER D 608 31.62 6.31 23.99
CA SER D 608 32.05 6.01 22.63
C SER D 608 33.07 4.88 22.70
N GLY D 609 33.76 4.65 21.59
CA GLY D 609 34.80 3.63 21.58
C GLY D 609 35.33 3.45 20.17
N ALA D 610 36.14 2.40 20.01
CA ALA D 610 36.68 2.08 18.69
C ALA D 610 35.57 1.62 17.75
N ASP D 611 34.57 0.90 18.28
CA ASP D 611 33.44 0.39 17.50
C ASP D 611 33.94 -0.48 16.35
N LEU D 612 34.76 -1.47 16.70
CA LEU D 612 35.30 -2.38 15.72
C LEU D 612 34.22 -3.34 15.23
N ASP D 613 34.06 -3.43 13.92
CA ASP D 613 33.22 -4.45 13.30
C ASP D 613 34.14 -5.63 13.00
N VAL D 614 34.24 -6.53 13.97
CA VAL D 614 35.25 -7.59 13.92
C VAL D 614 35.00 -8.54 12.75
N SER D 615 33.77 -8.56 12.22
CA SER D 615 33.50 -9.37 11.04
C SER D 615 34.20 -8.85 9.80
N TYR D 616 34.61 -7.58 9.79
CA TYR D 616 35.14 -6.94 8.59
C TYR D 616 36.53 -6.36 8.80
N LEU D 617 37.37 -7.00 9.62
CA LEU D 617 38.75 -6.54 9.77
C LEU D 617 39.56 -6.69 8.50
N GLY D 618 39.07 -7.47 7.53
CA GLY D 618 39.80 -7.61 6.28
C GLY D 618 40.00 -6.31 5.55
N LEU D 619 39.00 -5.43 5.60
CA LEU D 619 39.11 -4.13 4.95
C LEU D 619 40.11 -3.22 5.65
N THR D 620 40.42 -3.49 6.92
CA THR D 620 41.37 -2.68 7.67
C THR D 620 42.83 -3.02 7.38
N GLU D 621 43.09 -4.16 6.74
CA GLU D 621 44.47 -4.53 6.43
C GLU D 621 45.02 -3.67 5.30
N PHE D 622 46.34 -3.69 5.17
CA PHE D 622 46.99 -2.93 4.11
C PHE D 622 46.54 -3.45 2.74
N VAL D 623 46.22 -2.51 1.85
CA VAL D 623 45.73 -2.88 0.53
C VAL D 623 46.90 -3.35 -0.32
N GLY D 624 46.83 -4.60 -0.79
CA GLY D 624 47.87 -5.15 -1.64
C GLY D 624 49.14 -5.54 -0.91
N GLY D 625 49.16 -5.49 0.41
CA GLY D 625 50.36 -5.83 1.16
C GLY D 625 51.44 -4.77 1.12
N PHE D 626 51.15 -3.58 0.62
CA PHE D 626 52.14 -2.51 0.54
C PHE D 626 52.11 -1.65 1.78
N SER D 627 53.29 -1.29 2.25
CA SER D 627 53.39 -0.25 3.27
C SER D 627 53.05 1.09 2.63
N PRO D 628 52.09 1.84 3.18
CA PRO D 628 51.73 3.13 2.58
C PRO D 628 52.90 4.10 2.61
N ASP D 629 53.04 4.88 1.53
CA ASP D 629 54.10 5.88 1.47
C ASP D 629 53.94 6.91 2.60
N ILE D 630 52.73 7.41 2.79
CA ILE D 630 52.40 8.25 3.94
C ILE D 630 51.25 7.62 4.69
N MET D 631 51.46 7.39 5.98
CA MET D 631 50.48 6.76 6.86
C MET D 631 49.94 7.82 7.81
N ILE D 632 48.64 8.09 7.73
CA ILE D 632 48.01 9.16 8.50
C ILE D 632 46.94 8.54 9.39
N ILE D 633 47.19 8.53 10.69
CA ILE D 633 46.17 8.14 11.66
C ILE D 633 46.00 9.25 12.68
N PRO D 634 45.07 10.17 12.49
CA PRO D 634 44.76 11.17 13.53
C PRO D 634 44.72 10.59 14.93
N SER D 635 45.24 11.35 15.88
CA SER D 635 45.27 10.97 17.29
C SER D 635 45.02 12.21 18.14
N GLU D 636 44.60 11.97 19.39
CA GLU D 636 44.40 13.06 20.32
C GLU D 636 45.69 13.53 20.97
N LEU D 637 46.80 12.82 20.77
CA LEU D 637 48.08 13.25 21.30
C LEU D 637 48.59 14.45 20.52
N GLN D 638 49.74 14.97 20.95
CA GLN D 638 50.30 16.15 20.32
C GLN D 638 50.69 15.86 18.88
N HIS D 639 50.52 16.86 18.02
CA HIS D 639 50.83 16.71 16.61
C HIS D 639 52.30 16.34 16.40
N PHE D 640 52.54 15.39 15.51
CA PHE D 640 53.90 14.94 15.25
C PHE D 640 54.02 14.45 13.82
N ALA D 641 55.24 14.45 13.30
CA ALA D 641 55.56 13.95 11.97
C ALA D 641 56.89 13.24 12.05
N ARG D 642 56.88 11.92 11.85
CA ARG D 642 58.07 11.10 12.05
C ARG D 642 58.23 10.13 10.89
N VAL D 643 59.47 9.72 10.66
CA VAL D 643 59.80 8.73 9.63
C VAL D 643 60.20 7.45 10.34
N VAL D 644 59.42 6.39 10.15
CA VAL D 644 59.67 5.10 10.78
C VAL D 644 59.68 4.03 9.70
N GLN D 645 60.79 3.29 9.62
CA GLN D 645 60.93 2.19 8.67
C GLN D 645 60.68 2.65 7.24
N ASN D 646 61.25 3.80 6.88
CA ASN D 646 61.09 4.41 5.57
C ASN D 646 59.63 4.74 5.26
N VAL D 647 58.80 4.81 6.30
CA VAL D 647 57.40 5.20 6.17
C VAL D 647 57.18 6.41 7.06
N VAL D 648 56.67 7.49 6.49
CA VAL D 648 56.42 8.71 7.24
C VAL D 648 55.05 8.57 7.91
N VAL D 649 54.97 8.98 9.18
CA VAL D 649 53.75 8.90 9.97
C VAL D 649 53.38 10.31 10.40
N ILE D 650 52.13 10.69 10.16
CA ILE D 650 51.68 12.06 10.37
C ILE D 650 50.42 12.07 11.22
N ASN D 651 50.35 12.99 12.16
CA ASN D 651 49.14 13.24 12.96
C ASN D 651 49.00 14.75 13.11
N PRO D 652 48.22 15.41 12.26
CA PRO D 652 48.09 16.87 12.35
C PRO D 652 47.31 17.36 13.56
N GLY D 653 46.70 16.47 14.33
CA GLY D 653 45.97 16.85 15.52
C GLY D 653 44.63 17.48 15.21
N ARG D 654 43.87 17.72 16.27
CA ARG D 654 42.55 18.32 16.14
C ARG D 654 42.66 19.75 15.64
N PHE D 655 41.78 20.12 14.70
CA PHE D 655 41.82 21.46 14.14
C PHE D 655 41.51 22.51 15.19
N ILE D 656 40.77 22.15 16.22
CA ILE D 656 40.49 23.02 17.35
C ILE D 656 40.70 22.23 18.64
N ARG D 657 41.01 22.97 19.71
CA ARG D 657 41.09 22.37 21.03
C ARG D 657 39.73 22.48 21.73
N ALA D 658 39.65 21.86 22.91
CA ALA D 658 38.41 21.91 23.67
C ALA D 658 38.08 23.33 24.13
N THR D 659 39.11 24.09 24.50
CA THR D 659 38.88 25.45 24.97
C THR D 659 38.65 26.45 23.84
N GLY D 660 38.82 26.01 22.58
CA GLY D 660 38.64 26.88 21.44
C GLY D 660 39.91 27.54 20.94
N ASN D 661 41.05 27.29 21.59
CA ASN D 661 42.30 27.87 21.16
C ASN D 661 42.77 27.22 19.85
N ARG D 662 43.80 27.81 19.27
CA ARG D 662 44.32 27.33 17.99
C ARG D 662 44.80 25.89 18.12
N GLY D 663 44.40 25.06 17.16
CA GLY D 663 44.81 23.67 17.13
C GLY D 663 46.04 23.46 16.26
N SER D 664 45.94 22.58 15.27
CA SER D 664 47.06 22.33 14.39
C SER D 664 46.57 21.65 13.12
N TYR D 665 47.36 21.81 12.06
CA TYR D 665 47.16 21.06 10.83
C TYR D 665 48.52 20.87 10.17
N ALA D 666 48.63 19.81 9.37
CA ALA D 666 49.90 19.42 8.78
C ALA D 666 49.91 19.72 7.28
N GLN D 667 51.00 20.33 6.83
CA GLN D 667 51.24 20.58 5.41
C GLN D 667 52.33 19.62 4.95
N ILE D 668 52.06 18.89 3.87
CA ILE D 668 53.00 17.92 3.32
C ILE D 668 53.50 18.45 1.98
N THR D 669 54.79 18.75 1.91
CA THR D 669 55.42 19.20 0.68
C THR D 669 56.39 18.13 0.21
N VAL D 670 56.19 17.64 -1.02
CA VAL D 670 56.99 16.58 -1.60
C VAL D 670 57.62 17.10 -2.88
N GLN D 671 58.93 16.91 -3.02
CA GLN D 671 59.62 17.35 -4.22
C GLN D 671 59.13 16.57 -5.43
N CYS D 672 59.11 17.24 -6.59
CA CYS D 672 58.65 16.60 -7.81
C CYS D 672 59.56 15.42 -8.15
N PRO D 673 58.99 14.29 -8.58
CA PRO D 673 59.82 13.12 -8.87
C PRO D 673 60.72 13.34 -10.08
N ASP D 674 61.98 12.96 -9.95
CA ASP D 674 62.94 13.07 -11.04
C ASP D 674 63.84 11.85 -11.02
N LEU D 675 63.95 11.17 -12.16
CA LEU D 675 64.77 9.97 -12.24
C LEU D 675 66.26 10.27 -12.28
N GLU D 676 66.63 11.50 -12.65
CA GLU D 676 68.04 11.85 -12.81
C GLU D 676 68.70 12.27 -11.51
N ASP D 677 67.96 12.91 -10.59
CA ASP D 677 68.54 13.33 -9.33
C ASP D 677 68.98 12.18 -8.45
N GLY D 678 68.48 10.96 -8.69
CA GLY D 678 68.88 9.80 -7.93
C GLY D 678 68.13 9.58 -6.65
N LYS D 679 67.21 10.47 -6.27
CA LYS D 679 66.42 10.24 -5.07
C LYS D 679 65.44 9.09 -5.22
N LEU D 680 65.19 8.62 -6.43
CA LEU D 680 64.35 7.45 -6.67
C LEU D 680 65.25 6.25 -6.96
N THR D 681 65.12 5.21 -6.14
CA THR D 681 65.98 4.05 -6.25
C THR D 681 65.38 3.04 -7.23
N LEU D 682 66.20 2.60 -8.17
CA LEU D 682 65.75 1.61 -9.16
C LEU D 682 65.74 0.22 -8.53
N VAL D 683 64.74 -0.57 -8.90
CA VAL D 683 64.61 -1.94 -8.40
C VAL D 683 65.11 -2.89 -9.48
N GLU D 684 66.07 -3.74 -9.13
CA GLU D 684 66.65 -4.66 -10.08
C GLU D 684 65.62 -5.69 -10.54
N GLY D 685 65.62 -5.95 -11.85
CA GLY D 685 64.67 -6.89 -12.42
C GLY D 685 64.51 -6.64 -13.90
N GLU D 686 63.81 -7.58 -14.54
CA GLU D 686 63.55 -7.46 -15.97
C GLU D 686 62.64 -6.27 -16.27
N GLU D 687 61.73 -5.95 -15.34
CA GLU D 687 60.88 -4.78 -15.49
C GLU D 687 61.49 -3.61 -14.73
N PRO D 688 61.89 -2.54 -15.41
CA PRO D 688 62.51 -1.40 -14.70
C PRO D 688 61.44 -0.62 -13.94
N VAL D 689 61.54 -0.65 -12.61
CA VAL D 689 60.58 0.03 -11.75
C VAL D 689 61.35 0.76 -10.67
N TYR D 690 60.73 1.81 -10.12
CA TYR D 690 61.38 2.71 -9.19
C TYR D 690 60.58 2.83 -7.91
N LEU D 691 61.21 2.51 -6.78
CA LEU D 691 60.59 2.73 -5.48
C LEU D 691 60.47 4.22 -5.20
N HIS D 692 59.36 4.62 -4.60
CA HIS D 692 59.24 6.00 -4.12
C HIS D 692 60.05 6.18 -2.85
N ASN D 693 60.82 7.25 -2.77
CA ASN D 693 61.56 7.62 -1.58
C ASN D 693 60.88 8.86 -0.99
N VAL D 694 59.85 8.63 -0.19
CA VAL D 694 59.06 9.73 0.36
C VAL D 694 59.88 10.52 1.37
N TRP D 695 60.54 9.82 2.29
CA TRP D 695 61.27 10.50 3.35
C TRP D 695 62.45 11.30 2.81
N LYS D 696 62.95 10.95 1.63
CA LYS D 696 63.97 11.76 0.98
C LYS D 696 63.41 13.02 0.34
N ARG D 697 62.12 13.00 -0.05
CA ARG D 697 61.54 14.09 -0.81
C ARG D 697 60.42 14.85 -0.10
N ALA D 698 59.93 14.35 1.03
CA ALA D 698 58.77 14.94 1.69
C ALA D 698 59.18 15.72 2.93
N ARG D 699 58.74 16.97 3.00
CA ARG D 699 58.87 17.80 4.19
C ARG D 699 57.47 17.99 4.78
N VAL D 700 57.31 17.62 6.05
CA VAL D 700 56.03 17.72 6.75
C VAL D 700 56.15 18.81 7.80
N ASP D 701 55.28 19.81 7.71
CA ASP D 701 55.26 20.94 8.63
C ASP D 701 53.92 20.98 9.34
N LEU D 702 53.96 21.01 10.68
CA LEU D 702 52.76 21.05 11.49
C LEU D 702 52.48 22.51 11.85
N ILE D 703 51.43 23.07 11.25
CA ILE D 703 51.14 24.50 11.34
C ILE D 703 50.04 24.70 12.36
N ALA D 704 50.22 25.67 13.26
CA ALA D 704 49.15 26.07 14.16
C ALA D 704 47.98 26.62 13.35
N SER D 705 46.79 26.14 13.66
CA SER D 705 45.59 26.53 12.91
C SER D 705 45.21 27.99 13.15
FE1 SF4 G . -35.29 -26.44 1.15
FE2 SF4 G . -37.00 -26.07 3.26
FE3 SF4 G . -34.61 -27.36 3.64
FE4 SF4 G . -36.61 -28.58 2.23
S1 SF4 G . -36.66 -28.00 4.44
S2 SF4 G . -34.41 -28.48 1.67
S3 SF4 G . -37.55 -26.79 1.16
S4 SF4 G . -34.91 -25.19 3.02
#